data_6VTL
#
_entry.id   6VTL
#
_cell.length_a   1.00
_cell.length_b   1.00
_cell.length_c   1.00
_cell.angle_alpha   90.00
_cell.angle_beta   90.00
_cell.angle_gamma   90.00
#
_symmetry.space_group_name_H-M   'P 1'
#
loop_
_entity.id
_entity.type
_entity.pdbx_description
1 polymer 'Acid-sensing ion channel 1'
2 non-polymer 2-acetamido-2-deoxy-beta-D-glucopyranose
#
_entity_poly.entity_id   1
_entity_poly.type   'polypeptide(L)'
_entity_poly.pdbx_seq_one_letter_code
;MMDLKVDEEEVDSGQPVSIQAFASSSTLHGISHIFSYERLSLKRVVWALCFMGSLALLALVCTNRIQYYFLYPHVTKLDE
VAATRLTFPAVTFCNLNEFRFSRVTKNDLYHAGELLALLNNRYEIPDTQTADEKQLEILQDKANFRNFKPKPFNMLEFYD
RAGHDIREMLLSCFFRGEQCSPEDFKVVFTRYGKCYTFNAGQDGKPRLITMKGGTGNGLEIMLDIQQDEYLPVWGETDET
SFEAGIKVQIHSQDEPPLIDQLGFGVAPGFQTFVSCQEQRLIYLPPPWGDCKATTGDSEFYDTYSITACRIDCETRYLVE
NCNCRMVHMPGDAPYCTPEQYKECADPALDFLVEKDNEYCVCEMPCNVTRYGKELSMVKIPSKASAKYLAKKYNKSEQYI
GENILVLDIFFEALNYETIEQKKAYEVAGLLGDIGGQMGLFIGASILTVLELFDYAYEVIKHRLCRRGKCRKNHKRNNTD
KGVALSMDDVKRHNPCESLRGHPAGMTYAANILPHHPARGTFEDFTC
;
_entity_poly.pdbx_strand_id   A,C,B
#
loop_
_chem_comp.id
_chem_comp.type
_chem_comp.name
_chem_comp.formula
NAG D-saccharide, beta linking 2-acetamido-2-deoxy-beta-D-glucopyranose 'C8 H15 N O6'
#
# COMPACT_ATOMS: atom_id res chain seq x y z
N VAL A 17 17.04 48.85 46.04
CA VAL A 17 17.62 49.15 47.34
C VAL A 17 17.40 47.98 48.29
N SER A 18 16.32 48.07 49.08
CA SER A 18 16.02 47.02 50.03
C SER A 18 15.29 45.87 49.34
N ILE A 19 15.32 44.70 49.98
CA ILE A 19 14.66 43.53 49.43
C ILE A 19 13.14 43.67 49.54
N GLN A 20 12.67 44.30 50.62
CA GLN A 20 11.25 44.64 50.71
C GLN A 20 10.89 45.80 49.79
N ALA A 21 11.86 46.64 49.43
CA ALA A 21 11.64 47.73 48.49
C ALA A 21 11.70 47.28 47.04
N PHE A 22 12.54 46.29 46.73
CA PHE A 22 12.63 45.80 45.36
C PHE A 22 11.44 44.92 44.99
N ALA A 23 11.07 44.00 45.88
CA ALA A 23 10.01 43.05 45.61
C ALA A 23 8.63 43.69 45.55
N SER A 24 8.47 44.89 46.12
CA SER A 24 7.22 45.62 46.04
C SER A 24 7.03 46.34 44.72
N SER A 25 8.05 46.34 43.84
CA SER A 25 7.96 47.09 42.60
C SER A 25 8.46 46.31 41.38
N SER A 26 8.59 44.99 41.47
CA SER A 26 9.10 44.22 40.36
C SER A 26 7.94 43.60 39.57
N THR A 27 8.27 42.83 38.53
CA THR A 27 7.26 42.26 37.66
C THR A 27 6.93 40.81 37.95
N LEU A 28 7.60 40.18 38.91
CA LEU A 28 7.19 38.86 39.37
C LEU A 28 5.86 38.95 40.10
N HIS A 29 5.14 37.83 40.14
CA HIS A 29 3.80 37.84 40.69
C HIS A 29 3.75 37.46 42.17
N GLY A 30 4.74 36.72 42.66
CA GLY A 30 4.68 36.21 44.01
C GLY A 30 5.40 37.02 45.06
N ILE A 31 6.45 37.74 44.65
CA ILE A 31 7.30 38.44 45.61
C ILE A 31 6.67 39.69 46.20
N SER A 32 5.55 40.15 45.63
CA SER A 32 4.86 41.31 46.19
C SER A 32 4.12 41.00 47.48
N HIS A 33 3.92 39.71 47.78
CA HIS A 33 3.21 39.30 48.99
C HIS A 33 4.05 38.46 49.92
N ILE A 34 5.14 37.87 49.43
CA ILE A 34 6.08 37.17 50.29
C ILE A 34 6.87 38.16 51.12
N PHE A 35 7.46 39.17 50.46
CA PHE A 35 8.39 40.10 51.08
C PHE A 35 7.70 41.42 51.45
N SER A 36 6.46 41.36 51.91
CA SER A 36 5.68 42.54 52.21
C SER A 36 6.21 43.26 53.44
N TYR A 37 5.71 44.47 53.67
CA TYR A 37 6.12 45.28 54.81
C TYR A 37 5.15 45.05 55.98
N GLU A 38 5.25 43.84 56.53
CA GLU A 38 4.36 43.41 57.60
C GLU A 38 5.12 42.35 58.40
N ARG A 39 4.61 42.00 59.58
CA ARG A 39 5.27 41.00 60.42
C ARG A 39 5.09 39.60 59.82
N LEU A 40 5.83 38.65 60.37
CA LEU A 40 5.75 37.29 59.87
C LEU A 40 4.44 36.64 60.32
N SER A 41 3.63 36.23 59.35
CA SER A 41 2.29 35.69 59.62
C SER A 41 2.14 34.38 58.85
N LEU A 42 0.91 33.84 58.86
CA LEU A 42 0.65 32.61 58.13
C LEU A 42 0.48 32.87 56.63
N LYS A 43 0.31 34.13 56.23
CA LYS A 43 0.14 34.43 54.82
C LYS A 43 1.48 34.46 54.10
N ARG A 44 2.58 34.70 54.82
CA ARG A 44 3.88 34.75 54.18
C ARG A 44 4.35 33.35 53.76
N VAL A 45 3.96 32.33 54.50
CA VAL A 45 4.39 30.98 54.17
C VAL A 45 3.46 30.34 53.14
N VAL A 46 2.19 30.77 53.10
CA VAL A 46 1.29 30.25 52.08
C VAL A 46 1.54 30.94 50.76
N TRP A 47 2.23 32.08 50.78
CA TRP A 47 2.74 32.66 49.54
C TRP A 47 4.12 32.12 49.22
N ALA A 48 4.82 31.58 50.21
CA ALA A 48 6.12 30.98 49.97
C ALA A 48 5.98 29.56 49.41
N LEU A 49 5.01 28.81 49.92
CA LEU A 49 4.78 27.46 49.40
C LEU A 49 4.17 27.50 48.01
N CYS A 50 3.25 28.42 47.77
CA CYS A 50 2.58 28.47 46.47
C CYS A 50 3.44 29.14 45.40
N PHE A 51 4.55 29.76 45.78
CA PHE A 51 5.50 30.25 44.78
C PHE A 51 6.64 29.28 44.54
N MET A 52 7.15 28.63 45.58
CA MET A 52 8.20 27.64 45.41
C MET A 52 7.68 26.35 44.78
N GLY A 53 6.36 26.14 44.76
CA GLY A 53 5.78 25.04 44.04
C GLY A 53 5.50 25.40 42.60
N SER A 54 4.99 26.62 42.38
CA SER A 54 4.74 27.11 41.03
C SER A 54 6.01 27.51 40.30
N LEU A 55 7.15 27.57 41.00
CA LEU A 55 8.44 27.66 40.33
C LEU A 55 8.99 26.29 39.98
N ALA A 56 8.65 25.26 40.75
CA ALA A 56 9.05 23.90 40.45
C ALA A 56 8.15 23.23 39.43
N LEU A 57 6.85 23.56 39.43
CA LEU A 57 5.96 23.06 38.38
C LEU A 57 6.27 23.69 37.03
N LEU A 58 6.82 24.91 37.01
CA LEU A 58 7.36 25.44 35.77
C LEU A 58 8.63 24.71 35.36
N ALA A 59 9.41 24.26 36.36
CA ALA A 59 10.75 23.76 36.09
C ALA A 59 10.74 22.42 35.38
N LEU A 60 9.90 21.47 35.83
CA LEU A 60 9.87 20.16 35.22
C LEU A 60 8.95 20.07 34.01
N VAL A 61 8.15 21.10 33.75
CA VAL A 61 7.29 21.09 32.57
C VAL A 61 7.94 21.87 31.43
N CYS A 62 8.71 22.92 31.73
CA CYS A 62 9.45 23.60 30.67
C CYS A 62 10.60 22.74 30.16
N THR A 63 11.18 21.91 31.03
CA THR A 63 12.23 21.00 30.58
C THR A 63 11.68 19.80 29.81
N ASN A 64 10.36 19.61 29.82
CA ASN A 64 9.75 18.63 28.93
C ASN A 64 9.81 19.11 27.48
N ARG A 65 9.33 20.32 27.23
CA ARG A 65 9.29 20.86 25.86
C ARG A 65 10.67 21.23 25.34
N ILE A 66 11.64 21.49 26.23
CA ILE A 66 13.01 21.69 25.79
C ILE A 66 13.59 20.38 25.28
N GLN A 67 13.40 19.30 26.03
CA GLN A 67 13.91 18.00 25.62
C GLN A 67 13.07 17.42 24.47
N TYR A 68 11.81 17.83 24.35
CA TYR A 68 11.00 17.39 23.22
C TYR A 68 11.44 18.07 21.93
N TYR A 69 11.85 19.34 22.02
CA TYR A 69 12.41 20.01 20.85
C TYR A 69 13.80 19.48 20.52
N PHE A 70 14.55 19.03 21.52
CA PHE A 70 15.89 18.52 21.29
C PHE A 70 15.90 17.15 20.61
N LEU A 71 14.76 16.45 20.59
CA LEU A 71 14.64 15.26 19.75
C LEU A 71 14.44 15.61 18.28
N TYR A 72 14.10 16.86 17.99
CA TYR A 72 13.78 17.34 16.65
C TYR A 72 12.70 16.50 15.96
N PRO A 73 11.47 16.50 16.48
CA PRO A 73 10.47 15.58 15.98
C PRO A 73 9.82 16.08 14.70
N HIS A 74 9.14 15.15 14.03
CA HIS A 74 8.43 15.49 12.80
C HIS A 74 7.29 14.51 12.60
N VAL A 75 6.17 15.02 12.11
CA VAL A 75 5.02 14.21 11.71
C VAL A 75 4.74 14.49 10.25
N THR A 76 4.02 13.57 9.62
CA THR A 76 3.90 13.53 8.16
C THR A 76 2.54 14.06 7.73
N LYS A 77 2.55 14.84 6.66
CA LYS A 77 1.34 15.25 5.98
C LYS A 77 1.21 14.44 4.69
N LEU A 78 0.11 13.73 4.56
CA LEU A 78 -0.31 13.05 3.35
C LEU A 78 -1.29 13.95 2.61
N ASP A 79 -1.19 13.96 1.29
CA ASP A 79 -2.12 14.74 0.50
C ASP A 79 -2.22 14.11 -0.88
N GLU A 80 -3.37 14.29 -1.52
CA GLU A 80 -3.65 13.74 -2.84
C GLU A 80 -3.84 14.90 -3.80
N VAL A 81 -2.76 15.39 -4.38
CA VAL A 81 -2.79 16.49 -5.32
C VAL A 81 -3.32 15.97 -6.65
N ALA A 82 -4.29 16.68 -7.22
CA ALA A 82 -4.80 16.35 -8.54
C ALA A 82 -4.07 17.17 -9.59
N ALA A 83 -3.87 16.57 -10.77
CA ALA A 83 -3.12 17.21 -11.84
C ALA A 83 -3.77 16.85 -13.17
N THR A 84 -3.17 17.35 -14.25
CA THR A 84 -3.63 17.05 -15.60
C THR A 84 -2.60 16.35 -16.47
N ARG A 85 -1.31 16.72 -16.38
CA ARG A 85 -0.27 16.16 -17.25
C ARG A 85 0.81 15.55 -16.37
N LEU A 86 0.60 14.28 -16.01
CA LEU A 86 1.60 13.53 -15.26
C LEU A 86 2.69 13.02 -16.22
N THR A 87 3.86 12.77 -15.67
CA THR A 87 4.95 12.22 -16.46
C THR A 87 4.86 10.69 -16.47
N PHE A 88 5.40 10.09 -17.52
CA PHE A 88 5.35 8.64 -17.55
C PHE A 88 6.64 8.07 -16.98
N PRO A 89 6.55 7.06 -16.11
CA PRO A 89 7.76 6.50 -15.51
C PRO A 89 8.49 5.59 -16.48
N ALA A 90 9.80 5.50 -16.29
CA ALA A 90 10.67 4.76 -17.21
C ALA A 90 10.43 3.27 -17.03
N VAL A 91 9.66 2.68 -17.94
CA VAL A 91 9.41 1.25 -17.92
C VAL A 91 10.69 0.55 -18.36
N THR A 92 11.37 -0.11 -17.42
CA THR A 92 12.65 -0.74 -17.68
C THR A 92 12.47 -2.24 -17.58
N PHE A 93 12.92 -2.96 -18.59
CA PHE A 93 12.67 -4.39 -18.67
C PHE A 93 13.82 -5.10 -19.34
N CYS A 94 13.97 -6.39 -19.03
CA CYS A 94 14.73 -7.32 -19.85
C CYS A 94 14.31 -8.76 -19.57
N ASN A 95 14.51 -9.59 -20.60
CA ASN A 95 14.24 -11.01 -20.51
C ASN A 95 15.14 -11.66 -19.47
N LEU A 96 14.61 -12.71 -18.83
CA LEU A 96 15.32 -13.33 -17.72
C LEU A 96 16.46 -14.23 -18.18
N ASN A 97 16.57 -14.51 -19.46
CA ASN A 97 17.80 -15.09 -20.00
C ASN A 97 18.88 -14.04 -20.08
N GLU A 98 20.13 -14.47 -19.96
CA GLU A 98 21.24 -13.54 -20.05
C GLU A 98 21.52 -13.16 -21.50
N PHE A 99 21.53 -14.14 -22.39
CA PHE A 99 21.80 -13.90 -23.80
C PHE A 99 21.24 -15.06 -24.61
N ARG A 100 21.16 -14.87 -25.92
CA ARG A 100 20.57 -15.87 -26.80
C ARG A 100 21.50 -17.07 -26.94
N PHE A 101 20.95 -18.15 -27.49
CA PHE A 101 21.71 -19.36 -27.73
C PHE A 101 22.20 -19.48 -29.16
N SER A 102 21.46 -18.94 -30.13
CA SER A 102 21.90 -18.97 -31.52
C SER A 102 22.92 -17.90 -31.85
N ARG A 103 23.18 -16.97 -30.92
CA ARG A 103 24.15 -15.90 -31.14
C ARG A 103 25.42 -16.10 -30.32
N VAL A 104 25.72 -17.32 -29.92
CA VAL A 104 27.00 -17.64 -29.30
C VAL A 104 27.86 -18.32 -30.35
N THR A 105 29.18 -18.17 -30.22
CA THR A 105 30.11 -18.56 -31.28
C THR A 105 31.21 -19.39 -30.63
N LYS A 106 32.04 -20.03 -31.47
CA LYS A 106 33.16 -20.84 -30.99
C LYS A 106 34.17 -20.00 -30.21
N ASN A 107 34.47 -18.80 -30.72
CA ASN A 107 35.34 -17.89 -29.98
C ASN A 107 34.65 -17.36 -28.71
N ASP A 108 33.32 -17.23 -28.75
CA ASP A 108 32.58 -16.85 -27.56
C ASP A 108 32.60 -17.95 -26.51
N LEU A 109 32.74 -19.21 -26.94
CA LEU A 109 32.78 -20.33 -26.02
C LEU A 109 34.18 -20.57 -25.46
N TYR A 110 35.18 -19.82 -25.92
CA TYR A 110 36.54 -20.01 -25.45
C TYR A 110 36.90 -19.03 -24.34
N HIS A 111 36.72 -17.73 -24.60
CA HIS A 111 37.12 -16.72 -23.61
C HIS A 111 36.14 -16.65 -22.45
N ALA A 112 34.87 -16.99 -22.67
CA ALA A 112 33.84 -16.86 -21.65
C ALA A 112 32.94 -18.09 -21.57
N GLY A 113 33.44 -19.25 -21.99
CA GLY A 113 32.56 -20.42 -22.08
C GLY A 113 32.24 -21.05 -20.73
N GLU A 114 33.23 -21.10 -19.84
CA GLU A 114 33.01 -21.74 -18.54
C GLU A 114 32.12 -20.90 -17.64
N LEU A 115 32.15 -19.57 -17.80
CA LEU A 115 31.35 -18.70 -16.95
C LEU A 115 29.87 -18.73 -17.30
N LEU A 116 29.52 -19.14 -18.51
CA LEU A 116 28.12 -19.16 -18.95
C LEU A 116 27.41 -20.46 -18.61
N ALA A 117 28.04 -21.32 -17.79
CA ALA A 117 27.44 -22.52 -17.18
C ALA A 117 27.00 -23.56 -18.22
N LEU A 118 27.78 -23.71 -19.29
CA LEU A 118 27.60 -24.81 -20.22
C LEU A 118 28.86 -25.67 -20.34
N LEU A 119 29.91 -25.35 -19.59
CA LEU A 119 31.19 -26.03 -19.69
C LEU A 119 31.61 -26.58 -18.34
N ASN A 120 32.51 -27.55 -18.36
CA ASN A 120 33.14 -28.08 -17.17
C ASN A 120 34.40 -27.28 -16.86
N ASN A 121 35.22 -27.77 -15.94
CA ASN A 121 36.41 -27.04 -15.52
C ASN A 121 37.52 -27.11 -16.57
N ARG A 122 37.59 -28.20 -17.34
CA ARG A 122 38.64 -28.39 -18.34
C ARG A 122 38.22 -27.95 -19.73
N TYR A 123 37.30 -26.96 -19.82
CA TYR A 123 36.74 -26.44 -21.07
C TYR A 123 36.08 -27.54 -21.90
N GLU A 124 35.41 -28.46 -21.22
CA GLU A 124 34.68 -29.55 -21.85
C GLU A 124 33.24 -29.56 -21.36
N ILE A 125 32.44 -30.43 -21.97
CA ILE A 125 31.00 -30.48 -21.69
C ILE A 125 30.76 -31.17 -20.35
N PRO A 126 29.72 -30.80 -19.60
CA PRO A 126 29.22 -31.68 -18.53
C PRO A 126 28.46 -32.89 -19.06
N ASP A 127 27.79 -33.61 -18.16
CA ASP A 127 27.02 -34.79 -18.54
C ASP A 127 25.86 -34.42 -19.45
N THR A 128 25.80 -35.07 -20.61
CA THR A 128 24.87 -34.73 -21.67
C THR A 128 23.56 -35.50 -21.59
N GLN A 129 23.11 -35.86 -20.40
CA GLN A 129 21.79 -36.47 -20.25
C GLN A 129 20.70 -35.42 -20.46
N THR A 130 19.58 -35.87 -21.03
CA THR A 130 18.47 -35.03 -21.51
C THR A 130 18.97 -33.92 -22.43
N ALA A 131 19.66 -34.34 -23.48
CA ALA A 131 20.11 -33.44 -24.53
C ALA A 131 19.61 -33.96 -25.86
N ASP A 132 18.95 -33.08 -26.61
CA ASP A 132 18.44 -33.46 -27.92
C ASP A 132 19.59 -33.57 -28.92
N GLU A 133 19.35 -34.33 -29.99
CA GLU A 133 20.38 -34.54 -31.00
C GLU A 133 20.62 -33.27 -31.80
N LYS A 134 19.58 -32.52 -32.11
CA LYS A 134 19.75 -31.25 -32.82
C LYS A 134 20.24 -30.15 -31.88
N GLN A 135 20.00 -30.31 -30.57
CA GLN A 135 20.44 -29.30 -29.61
C GLN A 135 21.90 -29.48 -29.19
N LEU A 136 22.42 -30.71 -29.21
CA LEU A 136 23.80 -30.97 -28.84
C LEU A 136 24.77 -30.73 -29.99
N GLU A 137 24.38 -31.09 -31.21
CA GLU A 137 25.29 -30.99 -32.35
C GLU A 137 25.45 -29.56 -32.87
N ILE A 138 24.53 -28.66 -32.54
CA ILE A 138 24.78 -27.25 -32.80
C ILE A 138 25.76 -26.71 -31.76
N LEU A 139 25.80 -27.30 -30.57
CA LEU A 139 26.79 -26.93 -29.57
C LEU A 139 28.12 -27.66 -29.79
N GLN A 140 28.07 -28.83 -30.46
CA GLN A 140 29.25 -29.69 -30.55
C GLN A 140 30.32 -29.13 -31.48
N ASP A 141 29.92 -28.38 -32.52
CA ASP A 141 30.93 -27.76 -33.36
C ASP A 141 31.47 -26.48 -32.74
N LYS A 142 30.85 -25.99 -31.67
CA LYS A 142 31.38 -24.83 -30.96
C LYS A 142 32.51 -25.22 -30.01
N ALA A 143 32.59 -26.48 -29.60
CA ALA A 143 33.54 -26.94 -28.59
C ALA A 143 34.57 -27.90 -29.18
N ASN A 144 35.08 -27.59 -30.38
CA ASN A 144 36.14 -28.39 -30.96
C ASN A 144 37.48 -28.10 -30.30
N PHE A 145 37.92 -26.83 -30.36
CA PHE A 145 39.23 -26.36 -29.90
C PHE A 145 40.37 -27.16 -30.55
N ARG A 146 40.22 -27.44 -31.85
CA ARG A 146 41.21 -28.15 -32.64
C ARG A 146 41.76 -27.19 -33.69
N ASN A 147 43.05 -26.87 -33.57
CA ASN A 147 43.72 -25.80 -34.32
C ASN A 147 42.96 -24.48 -34.19
N PHE A 148 42.64 -24.14 -32.94
CA PHE A 148 41.76 -23.02 -32.64
C PHE A 148 42.58 -21.72 -32.58
N LYS A 149 42.31 -20.81 -33.51
CA LYS A 149 42.90 -19.48 -33.47
C LYS A 149 41.89 -18.52 -32.87
N PRO A 150 42.09 -18.04 -31.64
CA PRO A 150 41.07 -17.21 -31.00
C PRO A 150 41.04 -15.79 -31.57
N LYS A 151 39.97 -15.09 -31.22
CA LYS A 151 39.75 -13.70 -31.56
C LYS A 151 39.78 -12.85 -30.30
N PRO A 152 40.09 -11.54 -30.41
CA PRO A 152 40.05 -10.68 -29.22
C PRO A 152 38.63 -10.51 -28.69
N PHE A 153 38.52 -10.58 -27.37
CA PHE A 153 37.23 -10.65 -26.69
C PHE A 153 36.95 -9.36 -25.93
N ASN A 154 35.67 -9.06 -25.77
CA ASN A 154 35.22 -7.99 -24.88
C ASN A 154 33.85 -8.38 -24.36
N MET A 155 33.69 -8.37 -23.03
CA MET A 155 32.43 -8.80 -22.42
C MET A 155 31.31 -7.81 -22.68
N LEU A 156 31.62 -6.54 -22.93
CA LEU A 156 30.60 -5.60 -23.37
C LEU A 156 30.16 -5.88 -24.79
N GLU A 157 31.10 -6.29 -25.65
CA GLU A 157 30.75 -6.64 -27.03
C GLU A 157 30.00 -7.96 -27.10
N PHE A 158 30.22 -8.86 -26.14
CA PHE A 158 29.45 -10.09 -26.11
C PHE A 158 28.00 -9.82 -25.68
N TYR A 159 27.81 -8.88 -24.76
CA TYR A 159 26.46 -8.54 -24.34
C TYR A 159 25.75 -7.62 -25.32
N ASP A 160 26.48 -7.07 -26.28
CA ASP A 160 25.86 -6.29 -27.34
C ASP A 160 25.27 -7.19 -28.42
N ARG A 161 25.98 -8.26 -28.77
CA ARG A 161 25.60 -9.13 -29.88
C ARG A 161 24.72 -10.30 -29.44
N ALA A 162 25.17 -11.05 -28.43
CA ALA A 162 24.49 -12.28 -28.06
C ALA A 162 23.20 -12.06 -27.28
N GLY A 163 22.94 -10.84 -26.81
CA GLY A 163 21.73 -10.56 -26.08
C GLY A 163 20.49 -10.56 -26.95
N HIS A 164 19.35 -10.42 -26.28
CA HIS A 164 18.05 -10.43 -26.97
C HIS A 164 17.86 -9.09 -27.68
N ASP A 165 17.70 -9.14 -29.01
CA ASP A 165 17.58 -7.93 -29.79
C ASP A 165 16.16 -7.38 -29.70
N ILE A 166 16.06 -6.04 -29.61
CA ILE A 166 14.77 -5.39 -29.38
C ILE A 166 13.89 -5.49 -30.63
N ARG A 167 14.51 -5.48 -31.82
CA ARG A 167 13.75 -5.53 -33.07
C ARG A 167 13.18 -6.91 -33.36
N GLU A 168 13.63 -7.95 -32.65
CA GLU A 168 13.04 -9.26 -32.76
C GLU A 168 11.97 -9.52 -31.71
N MET A 169 12.14 -8.95 -30.51
CA MET A 169 11.23 -9.24 -29.41
C MET A 169 9.91 -8.49 -29.56
N LEU A 170 9.97 -7.16 -29.56
CA LEU A 170 8.80 -6.30 -29.44
C LEU A 170 7.97 -6.35 -30.71
N LEU A 171 6.80 -6.98 -30.63
CA LEU A 171 5.92 -7.06 -31.78
C LEU A 171 5.17 -5.76 -32.01
N SER A 172 4.59 -5.20 -30.94
CA SER A 172 3.82 -3.97 -31.08
C SER A 172 3.83 -3.22 -29.75
N CYS A 173 4.46 -2.05 -29.73
CA CYS A 173 4.46 -1.12 -28.61
C CYS A 173 3.43 -0.03 -28.89
N PHE A 174 2.96 0.61 -27.82
CA PHE A 174 2.03 1.72 -27.95
C PHE A 174 2.23 2.68 -26.79
N PHE A 175 1.72 3.91 -26.97
CA PHE A 175 1.74 4.90 -25.91
C PHE A 175 0.66 5.93 -26.22
N ARG A 176 -0.31 6.07 -25.30
CA ARG A 176 -1.43 7.00 -25.39
C ARG A 176 -2.25 6.79 -26.67
N GLY A 177 -2.32 5.54 -27.13
CA GLY A 177 -2.95 5.21 -28.39
C GLY A 177 -2.08 5.42 -29.62
N GLU A 178 -1.06 6.26 -29.54
CA GLU A 178 -0.17 6.51 -30.66
C GLU A 178 0.86 5.39 -30.78
N GLN A 179 1.48 5.30 -31.95
CA GLN A 179 2.42 4.24 -32.22
C GLN A 179 3.74 4.52 -31.49
N CYS A 180 4.58 3.49 -31.42
CA CYS A 180 5.82 3.48 -30.67
C CYS A 180 6.98 3.18 -31.60
N SER A 181 8.16 3.01 -31.03
CA SER A 181 9.31 2.71 -31.86
C SER A 181 10.35 1.92 -31.07
N PRO A 182 10.98 0.92 -31.70
CA PRO A 182 12.16 0.29 -31.08
C PRO A 182 13.35 1.22 -30.98
N GLU A 183 13.40 2.29 -31.80
CA GLU A 183 14.43 3.30 -31.65
C GLU A 183 14.20 4.16 -30.41
N ASP A 184 13.00 4.17 -29.86
CA ASP A 184 12.72 4.83 -28.59
C ASP A 184 13.19 4.01 -27.40
N PHE A 185 13.45 2.72 -27.59
CA PHE A 185 13.92 1.86 -26.51
C PHE A 185 15.44 1.95 -26.41
N LYS A 186 15.92 2.27 -25.22
CA LYS A 186 17.32 2.61 -25.00
C LYS A 186 18.00 1.52 -24.18
N VAL A 187 19.11 1.02 -24.68
CA VAL A 187 19.80 -0.13 -24.09
C VAL A 187 20.53 0.30 -22.83
N VAL A 188 20.42 -0.51 -21.78
CA VAL A 188 21.28 -0.44 -20.61
C VAL A 188 21.84 -1.83 -20.36
N PHE A 189 22.61 -1.96 -19.29
CA PHE A 189 23.25 -3.23 -18.95
C PHE A 189 23.12 -3.46 -17.45
N THR A 190 22.47 -4.56 -17.08
CA THR A 190 22.32 -4.98 -15.69
C THR A 190 22.92 -6.37 -15.53
N ARG A 191 22.61 -7.01 -14.40
CA ARG A 191 23.06 -8.37 -14.14
C ARG A 191 22.43 -9.38 -15.09
N TYR A 192 21.29 -9.06 -15.72
CA TYR A 192 20.69 -9.93 -16.71
C TYR A 192 21.18 -9.66 -18.11
N GLY A 193 22.03 -8.66 -18.30
CA GLY A 193 22.64 -8.41 -19.59
C GLY A 193 21.94 -7.26 -20.34
N LYS A 194 21.53 -7.53 -21.57
CA LYS A 194 20.98 -6.52 -22.46
C LYS A 194 19.58 -6.13 -22.00
N CYS A 195 19.48 -5.01 -21.30
CA CYS A 195 18.20 -4.49 -20.86
C CYS A 195 17.87 -3.17 -21.54
N TYR A 196 16.58 -2.96 -21.79
CA TYR A 196 16.10 -1.79 -22.49
C TYR A 196 15.28 -0.91 -21.56
N THR A 197 15.08 0.33 -21.97
CA THR A 197 14.41 1.32 -21.12
C THR A 197 13.50 2.18 -21.98
N PHE A 198 12.20 1.94 -21.91
CA PHE A 198 11.23 2.85 -22.48
C PHE A 198 11.15 4.10 -21.63
N ASN A 199 10.97 5.25 -22.30
CA ASN A 199 10.85 6.57 -21.69
C ASN A 199 12.03 6.90 -20.78
N ALA A 200 13.24 6.78 -21.34
CA ALA A 200 14.45 6.96 -20.55
C ALA A 200 14.70 8.41 -20.19
N GLY A 201 14.35 9.33 -21.10
CA GLY A 201 14.52 10.75 -20.86
C GLY A 201 15.92 11.28 -21.04
N GLN A 202 16.91 10.43 -21.26
CA GLN A 202 18.27 10.86 -21.48
C GLN A 202 18.50 11.09 -22.98
N ASP A 203 19.74 11.48 -23.31
CA ASP A 203 20.18 11.79 -24.68
C ASP A 203 19.33 12.91 -25.31
N GLY A 204 18.92 13.88 -24.51
CA GLY A 204 18.16 15.02 -24.99
C GLY A 204 16.70 14.75 -25.29
N LYS A 205 16.24 13.52 -25.19
CA LYS A 205 14.83 13.23 -25.46
C LYS A 205 13.98 13.69 -24.28
N PRO A 206 12.94 14.49 -24.51
CA PRO A 206 12.08 14.90 -23.41
C PRO A 206 11.22 13.76 -22.92
N ARG A 207 10.98 13.73 -21.61
CA ARG A 207 10.19 12.67 -21.02
C ARG A 207 8.72 12.84 -21.39
N LEU A 208 8.12 11.77 -21.92
CA LEU A 208 6.76 11.83 -22.41
C LEU A 208 5.77 11.88 -21.24
N ILE A 209 4.57 12.36 -21.54
CA ILE A 209 3.56 12.60 -20.52
C ILE A 209 2.32 11.77 -20.78
N THR A 210 1.33 11.89 -19.92
CA THR A 210 0.03 11.28 -20.13
C THR A 210 -1.05 12.30 -19.78
N MET A 211 -2.20 12.18 -20.43
CA MET A 211 -3.31 13.11 -20.24
C MET A 211 -4.58 12.41 -19.81
N LYS A 212 -4.54 11.12 -19.49
CA LYS A 212 -5.70 10.37 -19.05
C LYS A 212 -5.23 9.11 -18.34
N GLY A 213 -6.15 8.51 -17.60
CA GLY A 213 -5.93 7.22 -17.00
C GLY A 213 -6.47 6.09 -17.87
N GLY A 214 -6.63 4.93 -17.25
CA GLY A 214 -7.19 3.78 -17.94
C GLY A 214 -6.15 2.97 -18.68
N THR A 215 -6.60 1.80 -19.16
CA THR A 215 -5.70 0.82 -19.74
C THR A 215 -5.16 1.20 -21.12
N GLY A 216 -5.76 2.17 -21.79
CA GLY A 216 -5.33 2.51 -23.13
C GLY A 216 -4.44 3.74 -23.20
N ASN A 217 -4.41 4.52 -22.12
CA ASN A 217 -3.65 5.77 -22.06
C ASN A 217 -2.32 5.58 -21.35
N GLY A 218 -1.70 4.43 -21.53
CA GLY A 218 -0.36 4.18 -21.02
C GLY A 218 0.43 3.35 -21.99
N LEU A 219 1.51 2.73 -21.54
CA LEU A 219 2.26 1.82 -22.38
C LEU A 219 1.45 0.56 -22.64
N GLU A 220 1.60 0.02 -23.84
CA GLU A 220 1.05 -1.31 -24.15
C GLU A 220 2.01 -1.96 -25.13
N ILE A 221 2.88 -2.82 -24.63
CA ILE A 221 3.82 -3.53 -25.46
C ILE A 221 3.31 -4.95 -25.66
N MET A 222 3.78 -5.60 -26.71
CA MET A 222 3.48 -7.01 -26.98
C MET A 222 4.81 -7.65 -27.34
N LEU A 223 5.41 -8.34 -26.38
CA LEU A 223 6.76 -8.84 -26.58
C LEU A 223 6.72 -10.26 -27.14
N ASP A 224 7.91 -10.82 -27.33
CA ASP A 224 8.08 -12.20 -27.77
C ASP A 224 9.36 -12.69 -27.12
N ILE A 225 9.24 -13.54 -26.10
CA ILE A 225 10.39 -13.83 -25.25
C ILE A 225 11.40 -14.78 -25.86
N GLN A 226 11.06 -15.41 -27.00
CA GLN A 226 11.92 -16.30 -27.77
C GLN A 226 12.42 -17.48 -26.92
N GLN A 227 11.45 -18.31 -26.53
CA GLN A 227 11.72 -19.46 -25.67
C GLN A 227 12.56 -20.53 -26.36
N ASP A 228 12.64 -20.52 -27.68
CA ASP A 228 13.55 -21.42 -28.38
C ASP A 228 14.99 -20.94 -28.27
N GLU A 229 15.20 -19.65 -27.99
CA GLU A 229 16.53 -19.07 -27.89
C GLU A 229 17.02 -18.98 -26.45
N TYR A 230 16.60 -19.90 -25.58
CA TYR A 230 17.10 -19.95 -24.22
C TYR A 230 18.23 -20.97 -24.10
N LEU A 231 18.98 -20.85 -23.02
CA LEU A 231 20.12 -21.74 -22.78
C LEU A 231 19.62 -23.09 -22.29
N PRO A 232 19.86 -24.18 -23.03
CA PRO A 232 19.35 -25.49 -22.62
C PRO A 232 20.13 -26.05 -21.44
N VAL A 233 19.42 -26.34 -20.36
CA VAL A 233 20.02 -26.83 -19.13
C VAL A 233 20.15 -28.34 -19.23
N TRP A 234 21.39 -28.83 -19.20
CA TRP A 234 21.67 -30.27 -19.20
C TRP A 234 22.29 -30.76 -17.91
N GLY A 235 23.08 -29.94 -17.23
CA GLY A 235 23.70 -30.32 -15.97
C GLY A 235 23.21 -29.42 -14.84
N GLU A 236 23.15 -29.98 -13.64
CA GLU A 236 22.74 -29.20 -12.48
C GLU A 236 23.81 -28.18 -12.11
N THR A 237 23.50 -26.91 -12.36
CA THR A 237 24.45 -25.83 -12.13
C THR A 237 23.97 -24.97 -10.98
N ASP A 238 24.79 -23.97 -10.63
CA ASP A 238 24.45 -23.09 -9.52
C ASP A 238 23.37 -22.08 -9.93
N GLU A 239 23.45 -21.58 -11.17
CA GLU A 239 22.58 -20.50 -11.61
C GLU A 239 21.84 -20.86 -12.90
N THR A 240 21.24 -22.04 -12.95
CA THR A 240 20.37 -22.38 -14.07
C THR A 240 19.06 -21.61 -13.96
N SER A 241 18.54 -21.18 -15.10
CA SER A 241 17.30 -20.40 -15.16
C SER A 241 16.19 -21.28 -15.69
N PHE A 242 15.33 -21.77 -14.79
CA PHE A 242 14.22 -22.61 -15.20
C PHE A 242 13.09 -21.81 -15.81
N GLU A 243 12.86 -20.60 -15.30
CA GLU A 243 11.67 -19.82 -15.62
C GLU A 243 11.77 -19.17 -16.99
N ALA A 244 10.60 -18.83 -17.52
CA ALA A 244 10.47 -18.06 -18.75
C ALA A 244 9.54 -16.89 -18.49
N GLY A 245 9.87 -15.74 -19.09
CA GLY A 245 9.17 -14.51 -18.77
C GLY A 245 10.15 -13.42 -18.45
N ILE A 246 9.69 -12.18 -18.40
CA ILE A 246 10.58 -11.03 -18.27
C ILE A 246 10.47 -10.45 -16.87
N LYS A 247 11.35 -9.51 -16.57
CA LYS A 247 11.39 -8.82 -15.28
C LYS A 247 11.40 -7.32 -15.53
N VAL A 248 10.64 -6.58 -14.72
CA VAL A 248 10.39 -5.16 -14.94
C VAL A 248 10.59 -4.41 -13.63
N GLN A 249 11.37 -3.34 -13.66
CA GLN A 249 11.42 -2.39 -12.57
C GLN A 249 10.93 -1.02 -13.06
N ILE A 250 9.93 -0.49 -12.37
CA ILE A 250 9.38 0.84 -12.66
C ILE A 250 10.09 1.84 -11.77
N HIS A 251 10.55 2.94 -12.37
CA HIS A 251 11.30 3.95 -11.64
C HIS A 251 11.19 5.28 -12.37
N SER A 252 11.64 6.33 -11.69
CA SER A 252 11.76 7.62 -12.33
C SER A 252 12.97 7.63 -13.26
N GLN A 253 13.03 8.65 -14.13
CA GLN A 253 14.07 8.71 -15.14
C GLN A 253 15.44 9.02 -14.55
N ASP A 254 15.51 9.60 -13.35
CA ASP A 254 16.79 9.96 -12.76
C ASP A 254 17.53 8.72 -12.25
N GLU A 255 16.82 7.83 -11.56
CA GLU A 255 17.40 6.64 -10.96
C GLU A 255 17.82 5.64 -12.04
N PRO A 256 19.04 5.11 -11.94
CA PRO A 256 19.49 4.08 -12.89
C PRO A 256 18.76 2.76 -12.65
N PRO A 257 18.70 1.88 -13.65
CA PRO A 257 17.93 0.65 -13.48
C PRO A 257 18.60 -0.33 -12.52
N LEU A 258 17.78 -0.86 -11.61
CA LEU A 258 18.18 -1.88 -10.64
C LEU A 258 17.23 -3.05 -10.69
N ILE A 259 17.03 -3.59 -11.91
CA ILE A 259 16.09 -4.68 -12.18
C ILE A 259 16.40 -5.93 -11.35
N ASP A 260 17.69 -6.14 -11.03
CA ASP A 260 18.08 -7.30 -10.22
C ASP A 260 17.51 -7.23 -8.80
N GLN A 261 17.31 -6.03 -8.26
CA GLN A 261 16.81 -5.86 -6.91
C GLN A 261 15.36 -5.40 -6.87
N LEU A 262 15.04 -4.28 -7.51
CA LEU A 262 13.75 -3.62 -7.35
C LEU A 262 12.77 -3.96 -8.48
N GLY A 263 12.85 -5.17 -9.02
CA GLY A 263 12.10 -5.54 -10.21
C GLY A 263 11.08 -6.64 -9.94
N PHE A 264 9.86 -6.43 -10.45
CA PHE A 264 8.86 -7.47 -10.52
C PHE A 264 8.86 -8.09 -11.91
N GLY A 265 8.06 -9.15 -12.09
CA GLY A 265 8.00 -9.86 -13.35
C GLY A 265 6.57 -10.03 -13.84
N VAL A 266 6.45 -10.37 -15.12
CA VAL A 266 5.18 -10.77 -15.73
C VAL A 266 5.40 -12.07 -16.48
N ALA A 267 4.33 -12.81 -16.71
CA ALA A 267 4.43 -14.12 -17.31
C ALA A 267 4.14 -14.06 -18.80
N PRO A 268 4.55 -15.07 -19.57
CA PRO A 268 4.07 -15.20 -20.94
C PRO A 268 2.68 -15.79 -21.02
N GLY A 269 1.96 -15.41 -22.07
CA GLY A 269 0.58 -15.79 -22.21
C GLY A 269 -0.36 -15.10 -21.26
N PHE A 270 0.05 -13.98 -20.67
CA PHE A 270 -0.74 -13.32 -19.62
C PHE A 270 -0.60 -11.81 -19.80
N GLN A 271 -1.64 -11.19 -20.34
CA GLN A 271 -1.66 -9.73 -20.47
C GLN A 271 -1.86 -9.13 -19.09
N THR A 272 -0.93 -8.28 -18.68
CA THR A 272 -0.74 -7.95 -17.27
C THR A 272 -0.80 -6.44 -17.08
N PHE A 273 -1.99 -5.92 -16.79
CA PHE A 273 -2.12 -4.52 -16.44
C PHE A 273 -1.41 -4.26 -15.12
N VAL A 274 -0.51 -3.29 -15.11
CA VAL A 274 0.26 -2.94 -13.92
C VAL A 274 -0.11 -1.49 -13.62
N SER A 275 -1.10 -1.31 -12.77
CA SER A 275 -1.61 0.02 -12.46
C SER A 275 -0.66 0.73 -11.51
N CYS A 276 -0.12 1.86 -11.93
CA CYS A 276 0.78 2.62 -11.07
C CYS A 276 0.00 3.66 -10.28
N GLN A 277 0.71 4.35 -9.40
CA GLN A 277 0.18 5.49 -8.66
C GLN A 277 1.38 6.34 -8.27
N GLU A 278 1.51 7.51 -8.89
CA GLU A 278 2.69 8.34 -8.71
C GLU A 278 2.76 8.91 -7.31
N GLN A 279 3.90 8.75 -6.66
CA GLN A 279 4.13 9.28 -5.33
C GLN A 279 5.31 10.23 -5.36
N ARG A 280 5.19 11.35 -4.65
CA ARG A 280 6.25 12.35 -4.56
C ARG A 280 6.64 12.50 -3.09
N LEU A 281 7.61 11.70 -2.66
CA LEU A 281 7.98 11.66 -1.26
C LEU A 281 8.99 12.75 -0.93
N ILE A 282 8.79 13.42 0.21
CA ILE A 282 9.68 14.47 0.67
C ILE A 282 10.02 14.19 2.12
N TYR A 283 11.31 13.98 2.40
CA TYR A 283 11.79 13.77 3.77
C TYR A 283 12.39 15.07 4.29
N LEU A 284 13.07 14.97 5.43
CA LEU A 284 13.67 16.13 6.04
C LEU A 284 15.19 15.96 6.19
N PRO A 285 15.96 17.04 6.10
CA PRO A 285 17.40 16.94 6.35
C PRO A 285 17.69 16.74 7.83
N PRO A 286 18.90 16.33 8.17
CA PRO A 286 19.30 16.30 9.58
C PRO A 286 19.30 17.70 10.17
N PRO A 287 19.03 17.83 11.47
CA PRO A 287 18.80 16.77 12.47
C PRO A 287 17.35 16.33 12.63
N TRP A 288 16.46 16.77 11.73
CA TRP A 288 15.07 16.34 11.81
C TRP A 288 14.91 14.90 11.34
N GLY A 289 15.24 14.64 10.08
CA GLY A 289 15.21 13.31 9.51
C GLY A 289 16.58 12.95 8.96
N ASP A 290 16.57 12.01 8.02
CA ASP A 290 17.79 11.53 7.37
C ASP A 290 17.61 11.63 5.86
N CYS A 291 18.17 12.67 5.25
CA CYS A 291 18.23 12.72 3.79
C CYS A 291 19.57 13.31 3.38
N LYS A 292 19.94 13.04 2.13
CA LYS A 292 21.03 13.76 1.49
C LYS A 292 20.57 15.20 1.30
N ALA A 293 21.11 16.10 2.11
CA ALA A 293 20.60 17.47 2.18
C ALA A 293 20.91 18.25 0.91
N THR A 294 22.16 18.20 0.46
CA THR A 294 22.56 18.87 -0.77
C THR A 294 22.22 17.98 -1.96
N THR A 295 22.65 18.39 -3.15
CA THR A 295 22.43 17.57 -4.35
C THR A 295 23.30 16.33 -4.34
N GLY A 296 24.61 16.51 -4.16
CA GLY A 296 25.54 15.40 -4.11
C GLY A 296 25.73 14.71 -5.44
N ASP A 297 26.34 15.42 -6.40
CA ASP A 297 26.55 14.89 -7.74
C ASP A 297 27.58 13.76 -7.69
N SER A 298 27.16 12.56 -8.05
CA SER A 298 28.04 11.40 -8.06
C SER A 298 29.03 11.49 -9.21
N GLU A 299 30.05 10.63 -9.13
CA GLU A 299 31.16 10.71 -10.08
C GLU A 299 30.80 10.15 -11.45
N PHE A 300 29.87 9.20 -11.52
CA PHE A 300 29.52 8.58 -12.79
C PHE A 300 28.05 8.71 -13.15
N TYR A 301 27.26 9.45 -12.37
CA TYR A 301 25.88 9.76 -12.71
C TYR A 301 25.64 11.23 -12.43
N ASP A 302 24.90 11.89 -13.32
CA ASP A 302 24.71 13.34 -13.23
C ASP A 302 23.79 13.72 -12.08
N THR A 303 22.90 12.82 -11.67
CA THR A 303 21.99 13.06 -10.57
C THR A 303 22.21 12.05 -9.46
N TYR A 304 21.65 12.34 -8.30
CA TYR A 304 21.80 11.47 -7.13
C TYR A 304 20.48 10.77 -6.84
N SER A 305 20.58 9.50 -6.44
CA SER A 305 19.44 8.73 -5.98
C SER A 305 19.94 7.65 -5.04
N ILE A 306 19.04 6.78 -4.59
CA ILE A 306 19.44 5.72 -3.68
C ILE A 306 20.17 4.62 -4.43
N THR A 307 19.88 4.43 -5.72
CA THR A 307 20.54 3.42 -6.54
C THR A 307 21.84 3.93 -7.17
N ALA A 308 21.85 5.19 -7.62
CA ALA A 308 23.04 5.75 -8.26
C ALA A 308 24.21 5.87 -7.28
N CYS A 309 23.91 6.00 -5.98
CA CYS A 309 24.96 5.92 -4.98
C CYS A 309 25.47 4.49 -4.85
N ARG A 310 24.57 3.51 -4.96
CA ARG A 310 24.93 2.12 -4.68
C ARG A 310 25.81 1.53 -5.79
N ILE A 311 25.55 1.90 -7.04
CA ILE A 311 26.42 1.44 -8.12
C ILE A 311 27.73 2.21 -8.09
N ASP A 312 27.71 3.47 -7.67
CA ASP A 312 28.94 4.22 -7.46
C ASP A 312 29.69 3.73 -6.23
N CYS A 313 28.97 3.12 -5.28
CA CYS A 313 29.63 2.46 -4.15
C CYS A 313 30.36 1.20 -4.61
N GLU A 314 29.85 0.54 -5.65
CA GLU A 314 30.47 -0.68 -6.15
C GLU A 314 31.49 -0.42 -7.25
N THR A 315 31.33 0.67 -8.01
CA THR A 315 32.25 0.94 -9.11
C THR A 315 33.62 1.35 -8.59
N ARG A 316 33.67 2.27 -7.63
CA ARG A 316 34.94 2.68 -7.01
C ARG A 316 35.59 1.56 -6.20
N TYR A 317 34.82 0.57 -5.76
CA TYR A 317 35.40 -0.55 -5.05
C TYR A 317 36.14 -1.49 -5.99
N LEU A 318 35.49 -1.91 -7.09
CA LEU A 318 36.10 -2.87 -7.99
C LEU A 318 37.20 -2.26 -8.86
N VAL A 319 37.25 -0.94 -8.99
CA VAL A 319 38.41 -0.31 -9.61
C VAL A 319 39.59 -0.32 -8.65
N GLU A 320 39.35 0.01 -7.37
CA GLU A 320 40.42 0.02 -6.39
C GLU A 320 40.84 -1.39 -5.95
N ASN A 321 40.04 -2.41 -6.25
CA ASN A 321 40.36 -3.77 -5.81
C ASN A 321 40.70 -4.71 -6.96
N CYS A 322 40.21 -4.45 -8.18
CA CYS A 322 40.46 -5.35 -9.30
C CYS A 322 40.85 -4.65 -10.58
N ASN A 323 41.02 -3.32 -10.57
CA ASN A 323 41.57 -2.52 -11.67
C ASN A 323 40.72 -2.58 -12.94
N CYS A 324 39.43 -2.86 -12.80
CA CYS A 324 38.51 -2.90 -13.94
C CYS A 324 37.10 -2.71 -13.40
N ARG A 325 36.12 -2.81 -14.29
CA ARG A 325 34.72 -2.70 -13.94
C ARG A 325 33.91 -3.78 -14.64
N MET A 326 32.78 -4.13 -14.03
CA MET A 326 31.89 -5.11 -14.62
C MET A 326 31.10 -4.50 -15.78
N VAL A 327 30.35 -5.36 -16.47
CA VAL A 327 29.58 -4.90 -17.64
C VAL A 327 28.37 -4.07 -17.23
N HIS A 328 27.88 -4.21 -16.00
CA HIS A 328 26.75 -3.44 -15.52
C HIS A 328 27.19 -2.20 -14.75
N MET A 329 28.34 -1.64 -15.08
CA MET A 329 28.92 -0.56 -14.30
C MET A 329 29.11 0.69 -15.17
N PRO A 330 28.98 1.88 -14.59
CA PRO A 330 29.26 3.11 -15.35
C PRO A 330 30.74 3.44 -15.36
N GLY A 331 31.09 4.57 -15.97
CA GLY A 331 32.46 5.02 -16.02
C GLY A 331 33.12 4.78 -17.35
N ASP A 332 34.45 4.75 -17.32
CA ASP A 332 35.26 4.56 -18.52
C ASP A 332 36.38 3.54 -18.33
N ALA A 333 36.36 2.78 -17.23
CA ALA A 333 37.36 1.75 -17.02
C ALA A 333 37.12 0.59 -17.99
N PRO A 334 38.18 -0.12 -18.39
CA PRO A 334 38.00 -1.28 -19.27
C PRO A 334 37.32 -2.42 -18.53
N TYR A 335 36.62 -3.25 -19.30
CA TYR A 335 35.78 -4.29 -18.73
C TYR A 335 36.60 -5.53 -18.42
N CYS A 336 36.28 -6.18 -17.32
CA CYS A 336 37.06 -7.33 -16.85
C CYS A 336 36.79 -8.56 -17.70
N THR A 337 37.88 -9.23 -18.09
CA THR A 337 37.77 -10.52 -18.75
C THR A 337 37.25 -11.57 -17.77
N PRO A 338 36.76 -12.71 -18.28
CA PRO A 338 36.44 -13.83 -17.38
C PRO A 338 37.64 -14.40 -16.62
N GLU A 339 38.87 -14.13 -17.05
CA GLU A 339 40.03 -14.40 -16.21
C GLU A 339 40.00 -13.55 -14.95
N GLN A 340 39.57 -12.29 -15.07
CA GLN A 340 39.41 -11.42 -13.90
C GLN A 340 38.10 -11.68 -13.16
N TYR A 341 37.14 -12.34 -13.79
CA TYR A 341 35.87 -12.62 -13.12
C TYR A 341 36.00 -13.78 -12.14
N LYS A 342 36.61 -14.89 -12.56
CA LYS A 342 36.69 -16.07 -11.72
C LYS A 342 37.76 -15.95 -10.64
N GLU A 343 38.66 -14.96 -10.74
CA GLU A 343 39.75 -14.83 -9.79
C GLU A 343 39.71 -13.57 -8.95
N CYS A 344 39.16 -12.47 -9.48
CA CYS A 344 39.13 -11.21 -8.75
C CYS A 344 37.73 -10.69 -8.49
N ALA A 345 36.87 -10.64 -9.51
CA ALA A 345 35.63 -9.87 -9.43
C ALA A 345 34.62 -10.54 -8.52
N ASP A 346 34.34 -11.82 -8.75
CA ASP A 346 33.39 -12.56 -7.92
C ASP A 346 33.85 -12.69 -6.45
N PRO A 347 35.11 -12.99 -6.11
CA PRO A 347 35.49 -12.94 -4.68
C PRO A 347 35.48 -11.55 -4.06
N ALA A 348 35.41 -10.48 -4.86
CA ALA A 348 35.38 -9.13 -4.28
C ALA A 348 33.96 -8.60 -4.08
N LEU A 349 32.94 -9.29 -4.60
CA LEU A 349 31.57 -8.89 -4.29
C LEU A 349 31.17 -9.30 -2.88
N ASP A 350 31.32 -10.59 -2.56
CA ASP A 350 30.96 -11.09 -1.24
C ASP A 350 31.92 -10.62 -0.14
N PHE A 351 33.11 -10.18 -0.51
CA PHE A 351 34.00 -9.55 0.47
C PHE A 351 33.54 -8.16 0.87
N LEU A 352 32.69 -7.53 0.06
CA LEU A 352 32.09 -6.25 0.41
C LEU A 352 30.66 -6.38 0.89
N VAL A 353 29.89 -7.32 0.33
CA VAL A 353 28.48 -7.45 0.67
C VAL A 353 28.31 -8.09 2.05
N GLU A 354 29.14 -9.06 2.38
CA GLU A 354 29.01 -9.78 3.64
C GLU A 354 29.90 -9.20 4.74
N LYS A 355 31.17 -8.94 4.42
CA LYS A 355 32.12 -8.52 5.44
C LYS A 355 32.09 -7.00 5.66
N ASP A 356 32.36 -6.23 4.61
CA ASP A 356 32.51 -4.78 4.71
C ASP A 356 31.25 -4.03 4.31
N ASN A 357 30.09 -4.56 4.67
CA ASN A 357 28.82 -3.90 4.33
C ASN A 357 28.63 -2.61 5.11
N GLU A 358 29.22 -2.50 6.29
CA GLU A 358 29.10 -1.30 7.12
C GLU A 358 30.07 -0.19 6.72
N TYR A 359 30.94 -0.45 5.74
CA TYR A 359 31.89 0.59 5.31
C TYR A 359 31.22 1.56 4.33
N CYS A 360 30.15 1.12 3.66
CA CYS A 360 29.47 1.92 2.66
C CYS A 360 27.99 1.96 2.97
N VAL A 361 27.42 3.16 3.01
CA VAL A 361 26.01 3.37 3.28
C VAL A 361 25.54 4.57 2.44
N CYS A 362 24.38 4.42 1.80
CA CYS A 362 23.84 5.45 0.93
C CYS A 362 22.67 6.15 1.62
N GLU A 363 22.77 7.46 1.76
CA GLU A 363 21.69 8.26 2.35
C GLU A 363 20.75 8.65 1.23
N MET A 364 19.51 8.18 1.31
CA MET A 364 18.50 8.47 0.30
C MET A 364 18.14 9.96 0.34
N PRO A 365 18.10 10.64 -0.81
CA PRO A 365 17.75 12.07 -0.81
C PRO A 365 16.29 12.29 -0.47
N CYS A 366 16.00 13.51 -0.07
CA CYS A 366 14.68 13.89 0.42
C CYS A 366 13.83 14.64 -0.61
N ASN A 367 14.13 14.50 -1.90
CA ASN A 367 13.20 14.79 -2.98
C ASN A 367 13.18 13.58 -3.90
N VAL A 368 12.36 12.59 -3.57
CA VAL A 368 12.32 11.32 -4.28
C VAL A 368 10.91 11.08 -4.80
N THR A 369 10.80 10.67 -6.06
CA THR A 369 9.53 10.31 -6.66
C THR A 369 9.50 8.82 -6.89
N ARG A 370 8.50 8.15 -6.33
CA ARG A 370 8.36 6.71 -6.48
C ARG A 370 7.07 6.39 -7.21
N TYR A 371 6.92 5.12 -7.58
CA TYR A 371 5.74 4.63 -8.28
C TYR A 371 5.35 3.28 -7.70
N GLY A 372 4.19 3.22 -7.06
CA GLY A 372 3.64 1.95 -6.65
C GLY A 372 3.12 1.16 -7.83
N LYS A 373 2.66 -0.06 -7.55
CA LYS A 373 2.18 -0.93 -8.63
C LYS A 373 1.13 -1.88 -8.06
N GLU A 374 0.06 -2.07 -8.82
CA GLU A 374 -1.04 -2.97 -8.46
C GLU A 374 -1.27 -3.93 -9.62
N LEU A 375 -0.87 -5.18 -9.42
CA LEU A 375 -0.85 -6.15 -10.51
C LEU A 375 -2.26 -6.67 -10.81
N SER A 376 -2.45 -7.10 -12.06
CA SER A 376 -3.68 -7.75 -12.51
C SER A 376 -3.45 -8.47 -13.82
N MET A 377 -3.72 -9.78 -13.86
CA MET A 377 -3.41 -10.60 -15.03
C MET A 377 -4.68 -10.96 -15.78
N VAL A 378 -4.61 -10.86 -17.11
CA VAL A 378 -5.68 -11.31 -18.01
C VAL A 378 -5.03 -12.23 -19.05
N LYS A 379 -5.65 -13.38 -19.28
CA LYS A 379 -5.05 -14.37 -20.17
C LYS A 379 -5.16 -13.97 -21.63
N ILE A 380 -4.05 -14.08 -22.35
CA ILE A 380 -3.96 -13.81 -23.79
C ILE A 380 -3.39 -15.07 -24.44
N PRO A 381 -3.90 -15.52 -25.59
CA PRO A 381 -5.02 -15.04 -26.41
C PRO A 381 -6.34 -15.79 -26.23
N SER A 382 -7.42 -15.12 -26.61
CA SER A 382 -8.68 -15.82 -26.78
C SER A 382 -8.61 -16.73 -27.99
N LYS A 383 -9.54 -17.70 -28.05
CA LYS A 383 -9.61 -18.57 -29.23
C LYS A 383 -10.08 -17.81 -30.46
N ALA A 384 -10.79 -16.70 -30.27
CA ALA A 384 -11.23 -15.89 -31.40
C ALA A 384 -10.07 -15.18 -32.07
N SER A 385 -8.99 -14.90 -31.32
CA SER A 385 -7.78 -14.30 -31.88
C SER A 385 -6.60 -15.27 -31.85
N ALA A 386 -6.87 -16.57 -31.70
CA ALA A 386 -5.79 -17.54 -31.63
C ALA A 386 -5.17 -17.78 -33.00
N LYS A 387 -5.99 -18.11 -33.99
CA LYS A 387 -5.47 -18.38 -35.33
C LYS A 387 -5.02 -17.12 -36.05
N TYR A 388 -5.45 -15.94 -35.58
CA TYR A 388 -5.01 -14.70 -36.21
C TYR A 388 -3.58 -14.37 -35.82
N LEU A 389 -3.24 -14.51 -34.53
CA LEU A 389 -1.89 -14.22 -34.07
C LEU A 389 -0.87 -15.25 -34.55
N ALA A 390 -1.30 -16.43 -34.99
CA ALA A 390 -0.36 -17.43 -35.48
C ALA A 390 0.21 -17.03 -36.83
N LYS A 391 -0.65 -16.69 -37.79
CA LYS A 391 -0.19 -16.36 -39.14
C LYS A 391 0.38 -14.95 -39.24
N LYS A 392 -0.15 -14.00 -38.46
CA LYS A 392 0.24 -12.59 -38.61
C LYS A 392 1.68 -12.32 -38.18
N TYR A 393 2.33 -13.27 -37.50
CA TYR A 393 3.75 -13.16 -37.18
C TYR A 393 4.49 -14.45 -37.50
N ASN A 394 3.86 -15.32 -38.31
CA ASN A 394 4.44 -16.58 -38.81
C ASN A 394 4.89 -17.51 -37.68
N LYS A 395 3.98 -17.77 -36.76
CA LYS A 395 4.28 -18.58 -35.59
C LYS A 395 3.28 -19.72 -35.47
N SER A 396 3.71 -20.79 -34.80
CA SER A 396 2.81 -21.90 -34.53
C SER A 396 1.85 -21.55 -33.41
N GLU A 397 0.76 -22.32 -33.32
CA GLU A 397 -0.23 -22.07 -32.28
C GLU A 397 0.28 -22.46 -30.90
N GLN A 398 1.14 -23.49 -30.84
CA GLN A 398 1.78 -23.83 -29.57
C GLN A 398 2.81 -22.78 -29.18
N TYR A 399 3.37 -22.07 -30.17
CA TYR A 399 4.33 -21.02 -29.88
C TYR A 399 3.67 -19.82 -29.23
N ILE A 400 2.42 -19.54 -29.59
CA ILE A 400 1.78 -18.28 -29.20
C ILE A 400 1.48 -18.25 -27.70
N GLY A 401 1.03 -19.38 -27.15
CA GLY A 401 0.63 -19.41 -25.75
C GLY A 401 1.78 -19.28 -24.77
N GLU A 402 2.99 -19.67 -25.17
CA GLU A 402 4.12 -19.71 -24.26
C GLU A 402 5.24 -18.74 -24.66
N ASN A 403 5.01 -17.85 -25.61
CA ASN A 403 6.03 -16.87 -25.97
C ASN A 403 5.49 -15.46 -25.94
N ILE A 404 4.21 -15.30 -26.27
CA ILE A 404 3.62 -13.99 -26.49
C ILE A 404 3.01 -13.50 -25.19
N LEU A 405 3.48 -12.35 -24.72
CA LEU A 405 2.89 -11.69 -23.57
C LEU A 405 2.60 -10.24 -23.95
N VAL A 406 1.84 -9.57 -23.08
CA VAL A 406 1.53 -8.16 -23.23
C VAL A 406 1.66 -7.52 -21.86
N LEU A 407 2.40 -6.44 -21.77
CA LEU A 407 2.47 -5.66 -20.54
C LEU A 407 1.79 -4.32 -20.77
N ASP A 408 1.25 -3.76 -19.69
CA ASP A 408 0.42 -2.56 -19.82
C ASP A 408 0.59 -1.78 -18.51
N ILE A 409 1.38 -0.72 -18.57
CA ILE A 409 1.62 0.17 -17.43
C ILE A 409 0.93 1.50 -17.70
N PHE A 410 0.10 1.94 -16.74
CA PHE A 410 -0.60 3.20 -16.88
C PHE A 410 -0.79 3.80 -15.48
N PHE A 411 -1.62 4.83 -15.40
CA PHE A 411 -2.03 5.42 -14.13
C PHE A 411 -3.53 5.24 -13.96
N GLU A 412 -3.96 5.18 -12.70
CA GLU A 412 -5.39 5.07 -12.41
C GLU A 412 -6.10 6.37 -12.76
N ALA A 413 -5.73 7.46 -12.09
CA ALA A 413 -6.25 8.77 -12.38
C ALA A 413 -5.09 9.75 -12.43
N LEU A 414 -5.37 10.95 -12.93
CA LEU A 414 -4.35 12.00 -13.04
C LEU A 414 -4.25 12.71 -11.70
N ASN A 415 -3.62 12.03 -10.75
CA ASN A 415 -3.38 12.58 -9.42
C ASN A 415 -2.18 11.87 -8.83
N TYR A 416 -1.43 12.60 -8.01
CA TYR A 416 -0.28 12.00 -7.33
C TYR A 416 -0.40 12.25 -5.84
N GLU A 417 -0.15 11.20 -5.06
CA GLU A 417 -0.07 11.34 -3.62
C GLU A 417 1.29 11.90 -3.24
N THR A 418 1.31 12.74 -2.22
CA THR A 418 2.57 13.24 -1.67
C THR A 418 2.68 12.84 -0.22
N ILE A 419 3.88 12.41 0.18
CA ILE A 419 4.17 12.03 1.55
C ILE A 419 5.31 12.94 2.00
N GLU A 420 4.97 14.08 2.60
CA GLU A 420 5.96 15.04 3.04
C GLU A 420 5.94 15.14 4.55
N GLN A 421 7.11 15.39 5.14
CA GLN A 421 7.29 15.38 6.58
C GLN A 421 7.40 16.82 7.08
N LYS A 422 6.41 17.26 7.86
CA LYS A 422 6.44 18.57 8.47
C LYS A 422 7.19 18.51 9.79
N LYS A 423 8.03 19.52 10.03
CA LYS A 423 8.66 19.66 11.33
C LYS A 423 7.60 20.00 12.38
N ALA A 424 7.42 19.09 13.34
CA ALA A 424 6.30 19.20 14.26
C ALA A 424 6.51 20.25 15.34
N TYR A 425 7.75 20.71 15.57
CA TYR A 425 8.02 21.62 16.67
C TYR A 425 9.23 22.46 16.29
N GLU A 426 8.99 23.69 15.83
CA GLU A 426 10.07 24.60 15.49
C GLU A 426 10.45 25.44 16.71
N VAL A 427 11.39 26.37 16.51
CA VAL A 427 11.82 27.23 17.60
C VAL A 427 10.77 28.29 17.92
N ALA A 428 9.92 28.64 16.95
CA ALA A 428 8.82 29.55 17.23
C ALA A 428 7.70 28.90 18.01
N GLY A 429 7.57 27.57 17.92
CA GLY A 429 6.64 26.86 18.78
C GLY A 429 7.20 26.54 20.14
N LEU A 430 8.53 26.53 20.26
CA LEU A 430 9.15 26.36 21.58
C LEU A 430 9.02 27.63 22.41
N LEU A 431 9.25 28.79 21.78
CA LEU A 431 9.13 30.07 22.50
C LEU A 431 7.68 30.36 22.89
N GLY A 432 6.72 29.87 22.10
CA GLY A 432 5.33 29.98 22.48
C GLY A 432 4.91 29.06 23.60
N ASP A 433 5.70 28.02 23.87
CA ASP A 433 5.40 27.09 24.96
C ASP A 433 6.49 27.08 26.03
N ILE A 434 7.38 28.07 26.04
CA ILE A 434 8.20 28.32 27.22
C ILE A 434 7.51 29.44 27.99
N GLY A 435 7.36 30.60 27.34
CA GLY A 435 6.64 31.70 27.93
C GLY A 435 5.14 31.50 28.01
N GLY A 436 4.61 30.51 27.29
CA GLY A 436 3.22 30.13 27.49
C GLY A 436 2.98 29.51 28.85
N GLN A 437 4.01 28.88 29.42
CA GLN A 437 3.92 28.38 30.79
C GLN A 437 4.81 29.15 31.75
N MET A 438 5.74 29.97 31.26
CA MET A 438 6.46 30.88 32.15
C MET A 438 5.55 32.01 32.61
N GLY A 439 4.73 32.54 31.71
CA GLY A 439 3.73 33.53 32.09
C GLY A 439 2.59 32.97 32.91
N LEU A 440 2.32 31.67 32.78
CA LEU A 440 1.23 31.05 33.52
C LEU A 440 1.62 30.79 34.98
N PHE A 441 2.86 30.42 35.24
CA PHE A 441 3.26 29.95 36.56
C PHE A 441 3.86 31.04 37.43
N ILE A 442 4.79 31.83 36.89
CA ILE A 442 5.40 32.92 37.64
C ILE A 442 5.18 34.26 36.99
N GLY A 443 4.75 34.31 35.73
CA GLY A 443 4.49 35.57 35.07
C GLY A 443 5.71 36.35 34.63
N ALA A 444 6.89 35.73 34.65
CA ALA A 444 8.11 36.42 34.30
C ALA A 444 8.28 36.48 32.78
N SER A 445 9.44 36.96 32.36
CA SER A 445 9.78 37.09 30.94
C SER A 445 11.28 36.91 30.81
N ILE A 446 11.82 37.27 29.64
CA ILE A 446 13.27 37.35 29.53
C ILE A 446 13.80 38.62 30.19
N LEU A 447 12.96 39.65 30.30
CA LEU A 447 13.38 40.89 30.93
C LEU A 447 13.32 40.81 32.45
N THR A 448 12.37 40.05 32.99
CA THR A 448 12.29 39.86 34.44
C THR A 448 13.50 39.08 34.95
N VAL A 449 13.96 38.10 34.18
CA VAL A 449 15.20 37.40 34.50
C VAL A 449 16.37 38.37 34.43
N LEU A 450 16.34 39.30 33.47
CA LEU A 450 17.34 40.35 33.44
C LEU A 450 17.10 41.39 34.53
N GLU A 451 15.85 41.52 34.98
CA GLU A 451 15.55 42.44 36.07
C GLU A 451 16.04 41.90 37.41
N LEU A 452 15.88 40.60 37.64
CA LEU A 452 16.41 39.98 38.86
C LEU A 452 17.93 39.99 38.86
N PHE A 453 18.54 39.92 37.68
CA PHE A 453 19.99 40.07 37.59
C PHE A 453 20.41 41.51 37.85
N ASP A 454 19.55 42.47 37.51
CA ASP A 454 19.89 43.87 37.71
C ASP A 454 19.70 44.33 39.14
N TYR A 455 18.94 43.61 39.96
CA TYR A 455 18.90 43.92 41.38
C TYR A 455 20.02 43.22 42.13
N ALA A 456 20.31 41.97 41.76
CA ALA A 456 21.39 41.23 42.40
C ALA A 456 22.76 41.78 42.05
N TYR A 457 22.88 42.49 40.93
CA TYR A 457 24.13 43.17 40.60
C TYR A 457 24.38 44.35 41.54
N GLU A 458 23.30 44.94 42.09
CA GLU A 458 23.45 46.06 43.01
C GLU A 458 23.70 45.59 44.44
N VAL A 459 23.18 44.42 44.80
CA VAL A 459 23.31 43.91 46.16
C VAL A 459 24.75 43.51 46.46
N ILE A 460 25.42 42.88 45.48
CA ILE A 460 26.78 42.40 45.69
C ILE A 460 27.81 43.50 45.79
N LYS A 461 27.49 44.72 45.35
CA LYS A 461 28.39 45.85 45.49
C LYS A 461 28.22 46.58 46.82
N HIS A 462 27.13 46.32 47.54
CA HIS A 462 26.91 46.96 48.84
C HIS A 462 27.25 45.99 49.97
N VAL B 17 -6.88 46.49 50.83
CA VAL B 17 -7.78 47.33 51.60
C VAL B 17 -8.97 47.73 50.75
N SER B 18 -8.88 48.91 50.12
CA SER B 18 -9.96 49.39 49.28
C SER B 18 -9.87 48.77 47.89
N ILE B 19 -11.01 48.79 47.18
CA ILE B 19 -11.06 48.23 45.84
C ILE B 19 -10.29 49.12 44.86
N GLN B 20 -10.32 50.44 45.06
CA GLN B 20 -9.48 51.34 44.29
C GLN B 20 -8.02 51.24 44.73
N ALA B 21 -7.77 50.82 45.97
CA ALA B 21 -6.41 50.61 46.45
C ALA B 21 -5.83 49.28 46.03
N PHE B 22 -6.65 48.24 45.92
CA PHE B 22 -6.15 46.94 45.50
C PHE B 22 -5.88 46.90 44.00
N ALA B 23 -6.81 47.41 43.20
CA ALA B 23 -6.69 47.34 41.74
C ALA B 23 -5.58 48.23 41.20
N SER B 24 -5.13 49.21 41.97
CA SER B 24 -4.01 50.05 41.57
C SER B 24 -2.65 49.39 41.79
N SER B 25 -2.62 48.21 42.41
CA SER B 25 -1.35 47.58 42.74
C SER B 25 -1.33 46.08 42.42
N SER B 26 -2.25 45.57 41.62
CA SER B 26 -2.29 44.15 41.34
C SER B 26 -1.62 43.87 39.98
N THR B 27 -1.61 42.60 39.58
CA THR B 27 -0.92 42.20 38.37
C THR B 27 -1.83 42.02 37.17
N LEU B 28 -3.14 42.19 37.32
CA LEU B 28 -4.03 42.24 36.18
C LEU B 28 -3.77 43.50 35.35
N HIS B 29 -4.13 43.45 34.08
CA HIS B 29 -3.80 44.53 33.18
C HIS B 29 -4.91 45.56 33.03
N GLY B 30 -6.15 45.18 33.30
CA GLY B 30 -7.27 46.06 33.04
C GLY B 30 -7.78 46.84 34.24
N ILE B 31 -7.60 46.28 35.45
CA ILE B 31 -8.19 46.88 36.64
C ILE B 31 -7.46 48.14 37.10
N SER B 32 -6.28 48.42 36.57
CA SER B 32 -5.58 49.64 36.93
C SER B 32 -6.21 50.89 36.33
N HIS B 33 -7.07 50.73 35.33
CA HIS B 33 -7.71 51.86 34.66
C HIS B 33 -9.23 51.84 34.80
N ILE B 34 -9.82 50.70 35.12
CA ILE B 34 -11.25 50.64 35.40
C ILE B 34 -11.55 51.28 36.74
N PHE B 35 -10.82 50.88 37.78
CA PHE B 35 -11.07 51.26 39.16
C PHE B 35 -10.16 52.40 39.61
N SER B 36 -9.87 53.34 38.73
CA SER B 36 -8.94 54.42 39.01
C SER B 36 -9.53 55.40 40.03
N TYR B 37 -8.67 56.29 40.53
CA TYR B 37 -9.08 57.30 41.49
C TYR B 37 -9.46 58.59 40.78
N GLU B 38 -10.59 58.51 40.07
CA GLU B 38 -11.08 59.60 39.25
C GLU B 38 -12.60 59.45 39.16
N ARG B 39 -13.30 60.48 38.68
CA ARG B 39 -14.74 60.42 38.56
C ARG B 39 -15.15 59.50 37.40
N LEU B 40 -16.44 59.19 37.34
CA LEU B 40 -16.93 58.31 36.29
C LEU B 40 -16.95 59.05 34.96
N SER B 41 -16.21 58.54 33.98
CA SER B 41 -16.04 59.20 32.68
C SER B 41 -16.29 58.16 31.59
N LEU B 42 -16.02 58.56 30.34
CA LEU B 42 -16.20 57.64 29.22
C LEU B 42 -15.04 56.66 29.11
N LYS B 43 -13.93 56.93 29.82
CA LYS B 43 -12.79 56.02 29.75
C LYS B 43 -12.99 54.81 30.65
N ARG B 44 -13.83 54.92 31.68
CA ARG B 44 -14.05 53.81 32.58
C ARG B 44 -14.88 52.71 31.91
N VAL B 45 -15.77 53.08 31.01
CA VAL B 45 -16.61 52.08 30.35
C VAL B 45 -15.90 51.49 29.13
N VAL B 46 -14.99 52.25 28.52
CA VAL B 46 -14.23 51.70 27.39
C VAL B 46 -13.12 50.80 27.91
N TRP B 47 -12.76 50.93 29.19
CA TRP B 47 -11.90 49.94 29.82
C TRP B 47 -12.71 48.80 30.41
N ALA B 48 -14.01 49.02 30.64
CA ALA B 48 -14.86 47.96 31.14
C ALA B 48 -15.32 47.04 30.00
N LEU B 49 -15.62 47.62 28.84
CA LEU B 49 -16.01 46.80 27.69
C LEU B 49 -14.83 46.03 27.13
N CYS B 50 -13.66 46.66 27.07
CA CYS B 50 -12.50 45.99 26.50
C CYS B 50 -11.85 45.00 27.45
N PHE B 51 -12.26 44.98 28.72
CA PHE B 51 -11.81 43.95 29.62
C PHE B 51 -12.81 42.81 29.76
N MET B 52 -14.11 43.12 29.79
CA MET B 52 -15.14 42.09 29.83
C MET B 52 -15.28 41.35 28.51
N GLY B 53 -14.74 41.90 27.42
CA GLY B 53 -14.69 41.20 26.16
C GLY B 53 -13.43 40.36 26.05
N SER B 54 -12.30 40.91 26.50
CA SER B 54 -11.05 40.16 26.51
C SER B 54 -10.98 39.13 27.62
N LEU B 55 -11.93 39.13 28.55
CA LEU B 55 -12.10 38.02 29.47
C LEU B 55 -12.99 36.94 28.89
N ALA B 56 -13.94 37.30 28.02
CA ALA B 56 -14.79 36.35 27.33
C ALA B 56 -14.11 35.73 26.12
N LEU B 57 -13.28 36.50 25.41
CA LEU B 57 -12.49 35.93 24.32
C LEU B 57 -11.43 34.96 24.83
N LEU B 58 -10.94 35.15 26.05
CA LEU B 58 -10.11 34.13 26.67
C LEU B 58 -10.94 32.91 27.04
N ALA B 59 -12.22 33.11 27.40
CA ALA B 59 -13.02 32.05 27.99
C ALA B 59 -13.39 30.99 26.97
N LEU B 60 -13.83 31.38 25.78
CA LEU B 60 -14.26 30.41 24.79
C LEU B 60 -13.11 29.88 23.93
N VAL B 61 -11.92 30.48 24.04
CA VAL B 61 -10.78 29.97 23.28
C VAL B 61 -9.91 29.07 24.16
N CYS B 62 -9.84 29.34 25.46
CA CYS B 62 -9.13 28.41 26.36
C CYS B 62 -9.91 27.12 26.53
N THR B 63 -11.25 27.19 26.47
CA THR B 63 -12.05 25.97 26.55
C THR B 63 -12.02 25.17 25.25
N ASN B 64 -11.50 25.75 24.17
CA ASN B 64 -11.24 24.97 22.96
C ASN B 64 -10.09 24.00 23.18
N ARG B 65 -8.95 24.51 23.64
CA ARG B 65 -7.78 23.67 23.83
C ARG B 65 -7.90 22.74 25.02
N ILE B 66 -8.76 23.05 25.99
CA ILE B 66 -9.05 22.12 27.06
C ILE B 66 -9.82 20.92 26.53
N GLN B 67 -10.86 21.18 25.73
CA GLN B 67 -11.64 20.10 25.16
C GLN B 67 -10.89 19.39 24.04
N TYR B 68 -9.94 20.08 23.39
CA TYR B 68 -9.12 19.42 22.39
C TYR B 68 -8.12 18.47 23.03
N TYR B 69 -7.60 18.83 24.21
CA TYR B 69 -6.74 17.90 24.94
C TYR B 69 -7.54 16.76 25.54
N PHE B 70 -8.80 17.00 25.88
CA PHE B 70 -9.64 15.96 26.47
C PHE B 70 -10.07 14.90 25.46
N LEU B 71 -9.92 15.16 24.16
CA LEU B 71 -10.07 14.11 23.16
C LEU B 71 -8.86 13.20 23.09
N TYR B 72 -7.73 13.62 23.68
CA TYR B 72 -6.46 12.92 23.64
C TYR B 72 -6.02 12.59 22.20
N PRO B 73 -5.74 13.59 21.38
CA PRO B 73 -5.49 13.34 19.96
C PRO B 73 -4.07 12.85 19.71
N HIS B 74 -3.88 12.30 18.51
CA HIS B 74 -2.58 11.83 18.10
C HIS B 74 -2.49 11.85 16.59
N VAL B 75 -1.32 12.22 16.08
CA VAL B 75 -1.02 12.15 14.65
C VAL B 75 0.20 11.26 14.49
N THR B 76 0.38 10.76 13.27
CA THR B 76 1.31 9.68 12.99
C THR B 76 2.58 10.20 12.34
N LYS B 77 3.72 9.67 12.77
CA LYS B 77 4.99 9.89 12.10
C LYS B 77 5.34 8.64 11.32
N LEU B 78 5.53 8.81 10.01
CA LEU B 78 6.07 7.80 9.13
C LEU B 78 7.56 8.06 8.96
N ASP B 79 8.34 6.98 8.89
CA ASP B 79 9.77 7.13 8.67
C ASP B 79 10.27 5.85 8.02
N GLU B 80 11.35 5.99 7.24
CA GLU B 80 11.96 4.88 6.52
C GLU B 80 13.37 4.68 7.07
N VAL B 81 13.48 3.88 8.13
CA VAL B 81 14.76 3.59 8.76
C VAL B 81 15.52 2.61 7.88
N ALA B 82 16.78 2.93 7.61
CA ALA B 82 17.64 2.02 6.87
C ALA B 82 18.43 1.16 7.84
N ALA B 83 18.69 -0.09 7.45
CA ALA B 83 19.37 -1.04 8.31
C ALA B 83 20.30 -1.91 7.45
N THR B 84 20.98 -2.85 8.11
CA THR B 84 21.85 -3.80 7.43
C THR B 84 21.45 -5.25 7.60
N ARG B 85 20.99 -5.66 8.78
CA ARG B 85 20.67 -7.07 9.05
C ARG B 85 19.22 -7.15 9.48
N LEU B 86 18.31 -7.26 8.52
CA LEU B 86 16.90 -7.47 8.79
C LEU B 86 16.65 -8.93 9.12
N THR B 87 15.57 -9.19 9.86
CA THR B 87 15.18 -10.55 10.16
C THR B 87 14.29 -11.11 9.05
N PHE B 88 14.31 -12.43 8.92
CA PHE B 88 13.46 -12.99 7.88
C PHE B 88 12.12 -13.40 8.46
N PRO B 89 11.02 -13.08 7.81
CA PRO B 89 9.70 -13.42 8.35
C PRO B 89 9.38 -14.88 8.15
N ALA B 90 8.56 -15.41 9.05
CA ALA B 90 8.25 -16.83 9.06
C ALA B 90 7.34 -17.16 7.89
N VAL B 91 7.92 -17.73 6.83
CA VAL B 91 7.16 -18.16 5.66
C VAL B 91 6.36 -19.39 6.06
N THR B 92 5.05 -19.24 6.19
CA THR B 92 4.19 -20.32 6.65
C THR B 92 3.29 -20.74 5.51
N PHE B 93 3.25 -22.03 5.22
CA PHE B 93 2.54 -22.52 4.05
C PHE B 93 1.96 -23.90 4.32
N CYS B 94 0.91 -24.22 3.57
CA CYS B 94 0.47 -25.59 3.38
C CYS B 94 -0.38 -25.74 2.13
N ASN B 95 -0.36 -26.95 1.59
CA ASN B 95 -1.14 -27.30 0.42
C ASN B 95 -2.63 -27.18 0.73
N LEU B 96 -3.41 -26.84 -0.29
CA LEU B 96 -4.82 -26.56 -0.10
C LEU B 96 -5.66 -27.83 0.06
N ASN B 97 -5.08 -29.00 -0.20
CA ASN B 97 -5.72 -30.24 0.23
C ASN B 97 -5.56 -30.42 1.73
N GLU B 98 -6.52 -31.11 2.33
CA GLU B 98 -6.43 -31.36 3.77
C GLU B 98 -5.44 -32.48 4.07
N PHE B 99 -5.51 -33.58 3.30
CA PHE B 99 -4.62 -34.71 3.51
C PHE B 99 -4.56 -35.51 2.21
N ARG B 100 -3.58 -36.42 2.14
CA ARG B 100 -3.37 -37.21 0.95
C ARG B 100 -4.48 -38.24 0.77
N PHE B 101 -4.53 -38.81 -0.43
CA PHE B 101 -5.50 -39.85 -0.75
C PHE B 101 -4.93 -41.25 -0.62
N SER B 102 -3.64 -41.43 -0.90
CA SER B 102 -3.01 -42.74 -0.75
C SER B 102 -2.66 -43.08 0.69
N ARG B 103 -2.78 -42.13 1.61
CA ARG B 103 -2.47 -42.36 3.02
C ARG B 103 -3.73 -42.42 3.89
N VAL B 104 -4.88 -42.73 3.30
CA VAL B 104 -6.09 -42.99 4.07
C VAL B 104 -6.28 -44.50 4.10
N THR B 105 -6.92 -44.99 5.17
CA THR B 105 -6.96 -46.43 5.46
C THR B 105 -8.42 -46.79 5.75
N LYS B 106 -8.71 -48.10 5.81
CA LYS B 106 -10.05 -48.58 6.11
C LYS B 106 -10.51 -48.15 7.49
N ASN B 107 -9.62 -48.23 8.49
CA ASN B 107 -9.94 -47.71 9.81
C ASN B 107 -10.06 -46.20 9.81
N ASP B 108 -9.30 -45.52 8.95
CA ASP B 108 -9.44 -44.08 8.81
C ASP B 108 -10.76 -43.70 8.17
N LEU B 109 -11.34 -44.59 7.36
CA LEU B 109 -12.62 -44.33 6.73
C LEU B 109 -13.80 -44.67 7.63
N TYR B 110 -13.55 -45.22 8.81
CA TYR B 110 -14.62 -45.61 9.72
C TYR B 110 -14.89 -44.53 10.76
N HIS B 111 -13.85 -44.14 11.51
CA HIS B 111 -14.03 -43.17 12.59
C HIS B 111 -14.22 -41.76 12.06
N ALA B 112 -13.67 -41.44 10.89
CA ALA B 112 -13.72 -40.08 10.35
C ALA B 112 -14.07 -40.06 8.86
N GLY B 113 -14.76 -41.09 8.37
CA GLY B 113 -14.99 -41.18 6.93
C GLY B 113 -16.05 -40.22 6.43
N GLU B 114 -17.12 -40.03 7.19
CA GLU B 114 -18.20 -39.16 6.74
C GLU B 114 -17.81 -37.69 6.77
N LEU B 115 -16.91 -37.31 7.69
CA LEU B 115 -16.51 -35.92 7.81
C LEU B 115 -15.58 -35.47 6.69
N LEU B 116 -14.90 -36.41 6.02
CA LEU B 116 -13.97 -36.07 4.96
C LEU B 116 -14.62 -35.97 3.59
N ALA B 117 -15.96 -35.97 3.54
CA ALA B 117 -16.77 -35.67 2.36
C ALA B 117 -16.55 -36.66 1.21
N LEU B 118 -16.37 -37.93 1.54
CA LEU B 118 -16.38 -39.01 0.57
C LEU B 118 -17.45 -40.05 0.86
N LEU B 119 -18.24 -39.86 1.92
CA LEU B 119 -19.23 -40.83 2.36
C LEU B 119 -20.60 -40.19 2.42
N ASN B 120 -21.63 -41.04 2.40
CA ASN B 120 -23.00 -40.61 2.61
C ASN B 120 -23.31 -40.68 4.11
N ASN B 121 -24.61 -40.56 4.46
CA ASN B 121 -25.00 -40.54 5.87
C ASN B 121 -24.94 -41.92 6.50
N ARG B 122 -25.17 -42.98 5.72
CA ARG B 122 -25.19 -44.35 6.23
C ARG B 122 -23.84 -45.05 6.08
N TYR B 123 -22.73 -44.29 6.09
CA TYR B 123 -21.36 -44.79 5.91
C TYR B 123 -21.20 -45.54 4.59
N GLU B 124 -21.85 -45.03 3.54
CA GLU B 124 -21.78 -45.60 2.21
C GLU B 124 -21.37 -44.51 1.22
N ILE B 125 -21.13 -44.92 -0.03
CA ILE B 125 -20.63 -44.02 -1.06
C ILE B 125 -21.77 -43.14 -1.56
N PRO B 126 -21.49 -41.90 -1.97
CA PRO B 126 -22.44 -41.15 -2.82
C PRO B 126 -22.47 -41.66 -4.25
N ASP B 127 -23.15 -40.92 -5.13
CA ASP B 127 -23.26 -41.29 -6.53
C ASP B 127 -21.89 -41.29 -7.22
N THR B 128 -21.55 -42.42 -7.83
CA THR B 128 -20.21 -42.65 -8.38
C THR B 128 -20.09 -42.26 -9.85
N GLN B 129 -20.83 -41.24 -10.29
CA GLN B 129 -20.65 -40.71 -11.63
C GLN B 129 -19.34 -39.94 -11.71
N THR B 130 -18.71 -40.00 -12.89
CA THR B 130 -17.36 -39.51 -13.16
C THR B 130 -16.35 -40.03 -12.15
N ALA B 131 -16.29 -41.36 -12.05
CA ALA B 131 -15.32 -42.05 -11.22
C ALA B 131 -14.56 -43.04 -12.08
N ASP B 132 -13.24 -42.96 -12.04
CA ASP B 132 -12.41 -43.88 -12.80
C ASP B 132 -12.42 -45.26 -12.16
N GLU B 133 -12.12 -46.27 -12.98
CA GLU B 133 -12.14 -47.65 -12.49
C GLU B 133 -10.98 -47.90 -11.52
N LYS B 134 -9.80 -47.33 -11.79
CA LYS B 134 -8.69 -47.48 -10.87
C LYS B 134 -8.84 -46.56 -9.67
N GLN B 135 -9.62 -45.49 -9.80
CA GLN B 135 -9.81 -44.55 -8.69
C GLN B 135 -10.90 -45.02 -7.72
N LEU B 136 -11.90 -45.76 -8.20
CA LEU B 136 -12.97 -46.26 -7.34
C LEU B 136 -12.59 -47.53 -6.60
N GLU B 137 -11.87 -48.44 -7.26
CA GLU B 137 -11.54 -49.73 -6.67
C GLU B 137 -10.44 -49.66 -5.63
N ILE B 138 -9.62 -48.60 -5.63
CA ILE B 138 -8.71 -48.37 -4.51
C ILE B 138 -9.51 -47.84 -3.32
N LEU B 139 -10.63 -47.16 -3.58
CA LEU B 139 -11.51 -46.73 -2.50
C LEU B 139 -12.48 -47.83 -2.07
N GLN B 140 -12.76 -48.78 -2.98
CA GLN B 140 -13.82 -49.77 -2.73
C GLN B 140 -13.43 -50.80 -1.69
N ASP B 141 -12.13 -51.12 -1.57
CA ASP B 141 -11.72 -52.04 -0.51
C ASP B 141 -11.60 -51.32 0.83
N LYS B 142 -11.65 -49.99 0.83
CA LYS B 142 -11.64 -49.24 2.09
C LYS B 142 -13.02 -49.20 2.74
N ALA B 143 -14.09 -49.42 1.97
CA ALA B 143 -15.45 -49.28 2.46
C ALA B 143 -16.19 -50.62 2.47
N ASN B 144 -15.50 -51.68 2.91
CA ASN B 144 -16.17 -52.96 3.06
C ASN B 144 -17.06 -52.99 4.30
N PHE B 145 -16.46 -52.76 5.47
CA PHE B 145 -17.10 -52.87 6.79
C PHE B 145 -17.76 -54.24 6.98
N ARG B 146 -17.05 -55.28 6.55
CA ARG B 146 -17.48 -56.66 6.68
C ARG B 146 -16.52 -57.38 7.62
N ASN B 147 -17.04 -57.80 8.79
CA ASN B 147 -16.26 -58.29 9.92
C ASN B 147 -15.15 -57.30 10.29
N PHE B 148 -15.54 -56.04 10.43
CA PHE B 148 -14.61 -54.94 10.62
C PHE B 148 -14.27 -54.79 12.08
N LYS B 149 -13.00 -55.03 12.42
CA LYS B 149 -12.50 -54.77 13.77
C LYS B 149 -11.78 -53.43 13.77
N PRO B 150 -12.33 -52.39 14.38
CA PRO B 150 -11.72 -51.06 14.28
C PRO B 150 -10.49 -50.93 15.17
N LYS B 151 -9.75 -49.87 14.93
CA LYS B 151 -8.57 -49.48 15.69
C LYS B 151 -8.84 -48.18 16.43
N PRO B 152 -8.13 -47.91 17.54
CA PRO B 152 -8.31 -46.63 18.24
C PRO B 152 -7.83 -45.46 17.39
N PHE B 153 -8.64 -44.40 17.41
CA PHE B 153 -8.46 -43.27 16.51
C PHE B 153 -8.01 -42.04 17.28
N ASN B 154 -7.29 -41.16 16.58
CA ASN B 154 -6.96 -39.83 17.09
C ASN B 154 -6.85 -38.91 15.89
N MET B 155 -7.58 -37.78 15.93
CA MET B 155 -7.59 -36.86 14.80
C MET B 155 -6.27 -36.13 14.64
N LEU B 156 -5.49 -35.98 15.72
CA LEU B 156 -4.14 -35.45 15.58
C LEU B 156 -3.23 -36.47 14.91
N GLU B 157 -3.41 -37.75 15.22
CA GLU B 157 -2.60 -38.79 14.58
C GLU B 157 -2.98 -38.99 13.12
N PHE B 158 -4.25 -38.70 12.77
CA PHE B 158 -4.65 -38.77 11.37
C PHE B 158 -4.02 -37.63 10.56
N TYR B 159 -3.91 -36.45 11.16
CA TYR B 159 -3.30 -35.32 10.47
C TYR B 159 -1.78 -35.39 10.49
N ASP B 160 -1.21 -36.29 11.30
CA ASP B 160 0.23 -36.50 11.27
C ASP B 160 0.63 -37.40 10.10
N ARG B 161 -0.16 -38.44 9.84
CA ARG B 161 0.18 -39.45 8.85
C ARG B 161 -0.38 -39.13 7.47
N ALA B 162 -1.68 -38.86 7.39
CA ALA B 162 -2.33 -38.71 6.09
C ALA B 162 -2.03 -37.39 5.41
N GLY B 163 -1.44 -36.42 6.10
CA GLY B 163 -1.13 -35.15 5.51
C GLY B 163 0.01 -35.22 4.53
N HIS B 164 0.26 -34.09 3.86
CA HIS B 164 1.31 -33.99 2.87
C HIS B 164 2.67 -33.92 3.56
N ASP B 165 3.53 -34.90 3.27
CA ASP B 165 4.82 -34.98 3.93
C ASP B 165 5.80 -33.99 3.30
N ILE B 166 6.62 -33.36 4.15
CA ILE B 166 7.52 -32.29 3.70
C ILE B 166 8.65 -32.88 2.87
N ARG B 167 9.08 -34.10 3.19
CA ARG B 167 10.19 -34.72 2.48
C ARG B 167 9.81 -35.21 1.09
N GLU B 168 8.52 -35.28 0.78
CA GLU B 168 8.07 -35.59 -0.57
C GLU B 168 7.80 -34.34 -1.39
N MET B 169 7.33 -33.27 -0.76
CA MET B 169 6.92 -32.07 -1.49
C MET B 169 8.12 -31.25 -1.94
N LEU B 170 8.91 -30.78 -0.98
CA LEU B 170 9.93 -29.76 -1.22
C LEU B 170 11.10 -30.36 -1.98
N LEU B 171 11.24 -29.98 -3.25
CA LEU B 171 12.34 -30.48 -4.07
C LEU B 171 13.65 -29.77 -3.73
N SER B 172 13.62 -28.44 -3.64
CA SER B 172 14.83 -27.69 -3.36
C SER B 172 14.47 -26.37 -2.69
N CYS B 173 14.86 -26.21 -1.44
CA CYS B 173 14.75 -24.97 -0.68
C CYS B 173 16.09 -24.26 -0.70
N PHE B 174 16.06 -22.95 -0.47
CA PHE B 174 17.27 -22.16 -0.39
C PHE B 174 17.05 -20.98 0.53
N PHE B 175 18.16 -20.40 0.99
CA PHE B 175 18.12 -19.19 1.81
C PHE B 175 19.46 -18.50 1.71
N ARG B 176 19.46 -17.25 1.20
CA ARG B 176 20.66 -16.41 1.03
C ARG B 176 21.71 -17.09 0.16
N GLY B 177 21.26 -17.90 -0.81
CA GLY B 177 22.14 -18.71 -1.61
C GLY B 177 22.60 -20.00 -0.98
N GLU B 178 22.57 -20.12 0.34
CA GLU B 178 22.96 -21.33 1.03
C GLU B 178 21.85 -22.36 0.98
N GLN B 179 22.21 -23.62 1.24
CA GLN B 179 21.25 -24.71 1.15
C GLN B 179 20.32 -24.68 2.37
N CYS B 180 19.24 -25.43 2.28
CA CYS B 180 18.16 -25.45 3.24
C CYS B 180 17.99 -26.87 3.76
N SER B 181 16.94 -27.07 4.56
CA SER B 181 16.70 -28.40 5.09
C SER B 181 15.22 -28.60 5.38
N PRO B 182 14.67 -29.78 5.06
CA PRO B 182 13.32 -30.12 5.55
C PRO B 182 13.25 -30.27 7.06
N GLU B 183 14.38 -30.53 7.73
CA GLU B 183 14.40 -30.52 9.19
C GLU B 183 14.28 -29.10 9.76
N ASP B 184 14.54 -28.07 8.95
CA ASP B 184 14.29 -26.70 9.35
C ASP B 184 12.83 -26.32 9.24
N PHE B 185 12.02 -27.09 8.52
CA PHE B 185 10.60 -26.81 8.39
C PHE B 185 9.85 -27.45 9.56
N LYS B 186 9.07 -26.63 10.25
CA LYS B 186 8.45 -27.01 11.52
C LYS B 186 6.95 -27.13 11.34
N VAL B 187 6.40 -28.27 11.75
CA VAL B 187 4.99 -28.59 11.51
C VAL B 187 4.11 -27.80 12.47
N VAL B 188 3.03 -27.23 11.94
CA VAL B 188 1.92 -26.73 12.74
C VAL B 188 0.63 -27.36 12.21
N PHE B 189 -0.49 -26.94 12.79
CA PHE B 189 -1.79 -27.48 12.42
C PHE B 189 -2.79 -26.34 12.33
N THR B 190 -3.37 -26.16 11.14
CA THR B 190 -4.41 -25.17 10.90
C THR B 190 -5.66 -25.88 10.39
N ARG B 191 -6.59 -25.09 9.85
CA ARG B 191 -7.80 -25.64 9.26
C ARG B 191 -7.53 -26.47 8.01
N TYR B 192 -6.39 -26.27 7.35
CA TYR B 192 -6.02 -27.08 6.21
C TYR B 192 -5.23 -28.32 6.60
N GLY B 193 -4.91 -28.49 7.87
CA GLY B 193 -4.26 -29.70 8.35
C GLY B 193 -2.76 -29.49 8.56
N LYS B 194 -1.97 -30.35 7.94
CA LYS B 194 -0.51 -30.39 8.14
C LYS B 194 0.12 -29.20 7.45
N CYS B 195 0.43 -28.16 8.23
CA CYS B 195 1.11 -26.98 7.71
C CYS B 195 2.50 -26.83 8.31
N TYR B 196 3.41 -26.32 7.50
CA TYR B 196 4.81 -26.18 7.88
C TYR B 196 5.18 -24.71 8.00
N THR B 197 6.30 -24.44 8.67
CA THR B 197 6.70 -23.07 8.96
C THR B 197 8.22 -22.96 8.80
N PHE B 198 8.66 -22.35 7.71
CA PHE B 198 10.05 -21.98 7.58
C PHE B 198 10.34 -20.77 8.47
N ASN B 199 11.53 -20.78 9.07
CA ASN B 199 12.04 -19.72 9.96
C ASN B 199 11.08 -19.46 11.13
N ALA B 200 10.77 -20.54 11.85
CA ALA B 200 9.79 -20.45 12.93
C ALA B 200 10.35 -19.72 14.14
N GLY B 201 11.64 -19.90 14.43
CA GLY B 201 12.28 -19.25 15.54
C GLY B 201 12.02 -19.87 16.91
N GLN B 202 11.14 -20.86 16.99
CA GLN B 202 10.88 -21.53 18.25
C GLN B 202 11.82 -22.72 18.41
N ASP B 203 11.66 -23.44 19.53
CA ASP B 203 12.48 -24.60 19.93
C ASP B 203 13.96 -24.24 20.00
N GLY B 204 14.26 -23.03 20.47
CA GLY B 204 15.63 -22.60 20.64
C GLY B 204 16.38 -22.21 19.38
N LYS B 205 15.79 -22.38 18.21
CA LYS B 205 16.48 -22.02 16.98
C LYS B 205 16.45 -20.50 16.81
N PRO B 206 17.60 -19.86 16.60
CA PRO B 206 17.59 -18.42 16.37
C PRO B 206 17.01 -18.07 15.01
N ARG B 207 16.32 -16.94 14.97
CA ARG B 207 15.68 -16.49 13.74
C ARG B 207 16.75 -16.00 12.76
N LEU B 208 16.71 -16.54 11.55
CA LEU B 208 17.72 -16.23 10.56
C LEU B 208 17.52 -14.81 10.01
N ILE B 209 18.59 -14.27 9.44
CA ILE B 209 18.61 -12.88 9.00
C ILE B 209 18.87 -12.82 7.50
N THR B 210 18.90 -11.60 6.97
CA THR B 210 19.30 -11.36 5.59
C THR B 210 20.24 -10.16 5.56
N MET B 211 21.14 -10.15 4.58
CA MET B 211 22.13 -9.10 4.45
C MET B 211 22.08 -8.41 3.10
N LYS B 212 21.06 -8.69 2.28
CA LYS B 212 20.91 -8.06 0.97
C LYS B 212 19.47 -8.23 0.51
N GLY B 213 19.10 -7.43 -0.48
CA GLY B 213 17.81 -7.57 -1.14
C GLY B 213 17.93 -8.43 -2.39
N GLY B 214 16.92 -8.32 -3.24
CA GLY B 214 16.92 -9.03 -4.51
C GLY B 214 16.36 -10.43 -4.40
N THR B 215 16.16 -11.04 -5.58
CA THR B 215 15.47 -12.32 -5.68
C THR B 215 16.29 -13.50 -5.17
N GLY B 216 17.60 -13.35 -5.01
CA GLY B 216 18.42 -14.47 -4.61
C GLY B 216 18.77 -14.48 -3.14
N ASN B 217 18.57 -13.36 -2.47
CA ASN B 217 18.93 -13.21 -1.06
C ASN B 217 17.72 -13.38 -0.14
N GLY B 218 16.82 -14.27 -0.51
CA GLY B 218 15.69 -14.62 0.33
C GLY B 218 15.39 -16.11 0.22
N LEU B 219 14.19 -16.51 0.62
CA LEU B 219 13.79 -17.89 0.44
C LEU B 219 13.57 -18.18 -1.03
N GLU B 220 13.91 -19.40 -1.44
CA GLU B 220 13.56 -19.89 -2.76
C GLU B 220 13.29 -21.39 -2.63
N ILE B 221 12.03 -21.75 -2.54
CA ILE B 221 11.64 -23.14 -2.45
C ILE B 221 11.14 -23.59 -3.81
N MET B 222 11.17 -24.90 -4.04
CA MET B 222 10.62 -25.51 -5.25
C MET B 222 9.78 -26.69 -4.77
N LEU B 223 8.48 -26.51 -4.71
CA LEU B 223 7.62 -27.52 -4.11
C LEU B 223 7.11 -28.49 -5.17
N ASP B 224 6.30 -29.44 -4.73
CA ASP B 224 5.64 -30.39 -5.61
C ASP B 224 4.31 -30.72 -4.95
N ILE B 225 3.22 -30.20 -5.50
CA ILE B 225 1.95 -30.20 -4.79
C ILE B 225 1.25 -31.55 -4.79
N GLN B 226 1.73 -32.51 -5.59
CA GLN B 226 1.24 -33.89 -5.66
C GLN B 226 -0.25 -33.93 -6.03
N GLN B 227 -0.53 -33.47 -7.25
CA GLN B 227 -1.90 -33.38 -7.75
C GLN B 227 -2.55 -34.74 -7.97
N ASP B 228 -1.76 -35.81 -8.04
CA ASP B 228 -2.33 -37.15 -8.09
C ASP B 228 -2.82 -37.59 -6.70
N GLU B 229 -2.30 -36.97 -5.64
CA GLU B 229 -2.67 -37.31 -4.28
C GLU B 229 -3.75 -36.40 -3.71
N TYR B 230 -4.63 -35.88 -4.54
CA TYR B 230 -5.75 -35.07 -4.08
C TYR B 230 -7.01 -35.94 -3.95
N LEU B 231 -7.98 -35.41 -3.21
CA LEU B 231 -9.23 -36.13 -2.98
C LEU B 231 -10.12 -36.04 -4.21
N PRO B 232 -10.44 -37.15 -4.86
CA PRO B 232 -11.24 -37.09 -6.09
C PRO B 232 -12.70 -36.78 -5.79
N VAL B 233 -13.19 -35.70 -6.38
CA VAL B 233 -14.55 -35.22 -6.15
C VAL B 233 -15.48 -35.96 -7.11
N TRP B 234 -16.41 -36.72 -6.55
CA TRP B 234 -17.42 -37.42 -7.34
C TRP B 234 -18.83 -36.91 -7.09
N GLY B 235 -19.14 -36.45 -5.89
CA GLY B 235 -20.45 -35.92 -5.57
C GLY B 235 -20.35 -34.45 -5.18
N GLU B 236 -21.42 -33.70 -5.47
CA GLU B 236 -21.46 -32.30 -5.10
C GLU B 236 -21.58 -32.14 -3.59
N THR B 237 -20.49 -31.68 -2.97
CA THR B 237 -20.44 -31.55 -1.52
C THR B 237 -20.38 -30.08 -1.15
N ASP B 238 -20.39 -29.82 0.16
CA ASP B 238 -20.36 -28.45 0.65
C ASP B 238 -18.97 -27.85 0.52
N GLU B 239 -17.94 -28.65 0.79
CA GLU B 239 -16.57 -28.15 0.86
C GLU B 239 -15.63 -28.93 -0.05
N THR B 240 -16.03 -29.14 -1.31
CA THR B 240 -15.12 -29.72 -2.29
C THR B 240 -14.06 -28.69 -2.68
N SER B 241 -12.84 -29.16 -2.89
CA SER B 241 -11.72 -28.30 -3.24
C SER B 241 -11.37 -28.50 -4.72
N PHE B 242 -11.81 -27.57 -5.56
CA PHE B 242 -11.53 -27.67 -6.99
C PHE B 242 -10.10 -27.27 -7.32
N GLU B 243 -9.56 -26.30 -6.59
CA GLU B 243 -8.29 -25.65 -6.94
C GLU B 243 -7.09 -26.52 -6.58
N ALA B 244 -5.98 -26.22 -7.24
CA ALA B 244 -4.69 -26.82 -6.94
C ALA B 244 -3.67 -25.71 -6.77
N GLY B 245 -2.76 -25.89 -5.82
CA GLY B 245 -1.86 -24.82 -5.44
C GLY B 245 -1.87 -24.63 -3.94
N ILE B 246 -0.91 -23.88 -3.41
CA ILE B 246 -0.73 -23.77 -1.98
C ILE B 246 -1.19 -22.40 -1.50
N LYS B 247 -1.24 -22.23 -0.18
CA LYS B 247 -1.62 -20.98 0.46
C LYS B 247 -0.56 -20.59 1.47
N VAL B 248 -0.23 -19.29 1.51
CA VAL B 248 0.91 -18.79 2.29
C VAL B 248 0.46 -17.58 3.09
N GLN B 249 0.76 -17.57 4.39
CA GLN B 249 0.64 -16.38 5.20
C GLN B 249 2.01 -15.98 5.73
N ILE B 250 2.41 -14.74 5.45
CA ILE B 250 3.68 -14.19 5.94
C ILE B 250 3.39 -13.46 7.24
N HIS B 251 4.21 -13.72 8.26
CA HIS B 251 4.00 -13.13 9.56
C HIS B 251 5.32 -13.13 10.32
N SER B 252 5.33 -12.40 11.44
CA SER B 252 6.46 -12.46 12.35
C SER B 252 6.44 -13.79 13.12
N GLN B 253 7.57 -14.09 13.77
CA GLN B 253 7.71 -15.37 14.45
C GLN B 253 6.86 -15.47 15.71
N ASP B 254 6.45 -14.33 16.28
CA ASP B 254 5.67 -14.35 17.52
C ASP B 254 4.23 -14.81 17.25
N GLU B 255 3.61 -14.26 16.21
CA GLU B 255 2.23 -14.55 15.87
C GLU B 255 2.07 -15.98 15.37
N PRO B 256 1.08 -16.71 15.89
CA PRO B 256 0.82 -18.06 15.40
C PRO B 256 0.22 -18.03 13.99
N PRO B 257 0.32 -19.13 13.23
CA PRO B 257 -0.16 -19.10 11.85
C PRO B 257 -1.67 -19.06 11.76
N LEU B 258 -2.17 -18.16 10.92
CA LEU B 258 -3.58 -17.99 10.61
C LEU B 258 -3.80 -18.02 9.10
N ILE B 259 -3.28 -19.08 8.47
CA ILE B 259 -3.32 -19.26 7.02
C ILE B 259 -4.75 -19.25 6.47
N ASP B 260 -5.71 -19.72 7.27
CA ASP B 260 -7.11 -19.72 6.86
C ASP B 260 -7.65 -18.31 6.65
N GLN B 261 -7.16 -17.33 7.40
CA GLN B 261 -7.66 -15.97 7.29
C GLN B 261 -6.68 -15.04 6.57
N LEU B 262 -5.43 -14.95 7.04
CA LEU B 262 -4.49 -13.94 6.59
C LEU B 262 -3.53 -14.46 5.53
N GLY B 263 -3.97 -15.39 4.69
CA GLY B 263 -3.09 -16.09 3.77
C GLY B 263 -3.43 -15.81 2.31
N PHE B 264 -2.39 -15.54 1.53
CA PHE B 264 -2.49 -15.50 0.08
C PHE B 264 -2.00 -16.83 -0.49
N GLY B 265 -2.15 -16.99 -1.81
CA GLY B 265 -1.78 -18.21 -2.48
C GLY B 265 -0.88 -17.95 -3.69
N VAL B 266 -0.23 -19.02 -4.14
CA VAL B 266 0.52 -19.03 -5.39
C VAL B 266 0.09 -20.24 -6.20
N ALA B 267 0.31 -20.17 -7.51
CA ALA B 267 -0.19 -21.21 -8.40
C ALA B 267 0.92 -22.20 -8.74
N PRO B 268 0.56 -23.39 -9.22
CA PRO B 268 1.58 -24.28 -9.80
C PRO B 268 1.94 -23.89 -11.22
N GLY B 269 3.18 -24.21 -11.59
CA GLY B 269 3.72 -23.79 -12.85
C GLY B 269 4.02 -22.31 -12.95
N PHE B 270 4.13 -21.62 -11.82
CA PHE B 270 4.28 -20.16 -11.82
C PHE B 270 5.25 -19.77 -10.70
N GLN B 271 6.48 -19.44 -11.08
CA GLN B 271 7.46 -18.97 -10.10
C GLN B 271 7.07 -17.57 -9.69
N THR B 272 6.88 -17.37 -8.39
CA THR B 272 6.13 -16.23 -7.87
C THR B 272 6.97 -15.48 -6.86
N PHE B 273 7.69 -14.46 -7.32
CA PHE B 273 8.40 -13.58 -6.40
C PHE B 273 7.39 -12.80 -5.58
N VAL B 274 7.53 -12.85 -4.27
CA VAL B 274 6.64 -12.17 -3.34
C VAL B 274 7.52 -11.19 -2.58
N SER B 275 7.61 -9.97 -3.07
CA SER B 275 8.48 -8.96 -2.49
C SER B 275 7.86 -8.40 -1.22
N CYS B 276 8.54 -8.56 -0.10
CA CYS B 276 8.04 -8.04 1.15
C CYS B 276 8.57 -6.63 1.40
N GLN B 277 8.09 -6.03 2.48
CA GLN B 277 8.60 -4.74 2.97
C GLN B 277 8.29 -4.69 4.45
N GLU B 278 9.32 -4.79 5.28
CA GLU B 278 9.13 -4.92 6.73
C GLU B 278 8.59 -3.63 7.32
N GLN B 279 7.52 -3.74 8.10
CA GLN B 279 6.92 -2.61 8.77
C GLN B 279 6.94 -2.85 10.27
N ARG B 280 7.25 -1.80 11.04
CA ARG B 280 7.28 -1.86 12.49
C ARG B 280 6.27 -0.85 13.03
N LEU B 281 5.04 -1.30 13.23
CA LEU B 281 3.97 -0.40 13.61
C LEU B 281 3.94 -0.22 15.13
N ILE B 282 3.74 1.01 15.56
CA ILE B 282 3.67 1.36 16.98
C ILE B 282 2.42 2.21 17.19
N TYR B 283 1.49 1.72 17.99
CA TYR B 283 0.29 2.46 18.34
C TYR B 283 0.46 3.08 19.73
N LEU B 284 -0.64 3.60 20.27
CA LEU B 284 -0.60 4.23 21.57
C LEU B 284 -1.54 3.54 22.55
N PRO B 285 -1.22 3.52 23.84
CA PRO B 285 -2.13 2.97 24.83
C PRO B 285 -3.31 3.89 25.07
N PRO B 286 -4.39 3.40 25.70
CA PRO B 286 -5.45 4.30 26.11
C PRO B 286 -4.97 5.30 27.14
N PRO B 287 -5.56 6.50 27.17
CA PRO B 287 -6.71 6.98 26.40
C PRO B 287 -6.36 7.64 25.07
N TRP B 288 -5.10 7.55 24.63
CA TRP B 288 -4.73 8.13 23.35
C TRP B 288 -5.24 7.27 22.19
N GLY B 289 -4.78 6.04 22.10
CA GLY B 289 -5.23 5.09 21.11
C GLY B 289 -5.78 3.84 21.78
N ASP B 290 -5.78 2.75 21.03
CA ASP B 290 -6.28 1.45 21.50
C ASP B 290 -5.20 0.39 21.28
N CYS B 291 -4.45 0.05 22.34
CA CYS B 291 -3.55 -1.09 22.26
C CYS B 291 -3.61 -1.84 23.57
N LYS B 292 -3.17 -3.10 23.51
CA LYS B 292 -2.88 -3.85 24.73
C LYS B 292 -1.65 -3.21 25.36
N ALA B 293 -1.87 -2.50 26.47
CA ALA B 293 -0.82 -1.66 27.04
C ALA B 293 0.28 -2.50 27.67
N THR B 294 -0.09 -3.48 28.48
CA THR B 294 0.89 -4.37 29.09
C THR B 294 1.25 -5.48 28.10
N THR B 295 2.02 -6.47 28.57
CA THR B 295 2.37 -7.60 27.71
C THR B 295 1.17 -8.51 27.50
N GLY B 296 0.53 -8.94 28.58
CA GLY B 296 -0.65 -9.79 28.48
C GLY B 296 -0.33 -11.19 28.00
N ASP B 297 0.38 -11.96 28.82
CA ASP B 297 0.77 -13.31 28.46
C ASP B 297 -0.45 -14.21 28.43
N SER B 298 -0.75 -14.77 27.26
CA SER B 298 -1.90 -15.64 27.09
C SER B 298 -1.63 -17.00 27.75
N GLU B 299 -2.71 -17.78 27.90
CA GLU B 299 -2.62 -19.03 28.64
C GLU B 299 -1.93 -20.13 27.85
N PHE B 300 -2.01 -20.10 26.52
CA PHE B 300 -1.44 -21.16 25.71
C PHE B 300 -0.41 -20.66 24.69
N TYR B 301 -0.05 -19.39 24.73
CA TYR B 301 1.03 -18.86 23.92
C TYR B 301 1.88 -17.94 24.77
N ASP B 302 3.20 -18.02 24.61
CA ASP B 302 4.11 -17.30 25.48
C ASP B 302 4.10 -15.80 25.20
N THR B 303 3.74 -15.39 23.99
CA THR B 303 3.66 -13.99 23.62
C THR B 303 2.24 -13.64 23.20
N TYR B 304 1.97 -12.34 23.13
CA TYR B 304 0.65 -11.84 22.76
C TYR B 304 0.69 -11.24 21.36
N SER B 305 -0.38 -11.47 20.61
CA SER B 305 -0.57 -10.85 19.31
C SER B 305 -2.06 -10.78 19.04
N ILE B 306 -2.42 -10.33 17.84
CA ILE B 306 -3.84 -10.23 17.50
C ILE B 306 -4.41 -11.60 17.18
N THR B 307 -3.58 -12.54 16.70
CA THR B 307 -4.03 -13.89 16.39
C THR B 307 -3.96 -14.82 17.60
N ALA B 308 -2.92 -14.69 18.43
CA ALA B 308 -2.77 -15.55 19.60
C ALA B 308 -3.88 -15.31 20.63
N CYS B 309 -4.45 -14.11 20.65
CA CYS B 309 -5.64 -13.87 21.44
C CYS B 309 -6.85 -14.58 20.84
N ARG B 310 -6.94 -14.60 19.51
CA ARG B 310 -8.14 -15.10 18.85
C ARG B 310 -8.25 -16.62 18.95
N ILE B 311 -7.12 -17.33 18.88
CA ILE B 311 -7.17 -18.78 19.08
C ILE B 311 -7.37 -19.10 20.55
N ASP B 312 -6.83 -18.27 21.45
CA ASP B 312 -7.12 -18.42 22.87
C ASP B 312 -8.55 -18.01 23.20
N CYS B 313 -9.14 -17.16 22.37
CA CYS B 313 -10.57 -16.87 22.52
C CYS B 313 -11.42 -18.07 22.13
N GLU B 314 -10.94 -18.89 21.19
CA GLU B 314 -11.68 -20.05 20.75
C GLU B 314 -11.35 -21.31 21.53
N THR B 315 -10.14 -21.40 22.08
CA THR B 315 -9.74 -22.60 22.82
C THR B 315 -10.49 -22.72 24.14
N ARG B 316 -10.55 -21.63 24.92
CA ARG B 316 -11.30 -21.62 26.16
C ARG B 316 -12.80 -21.74 25.95
N TYR B 317 -13.30 -21.40 24.77
CA TYR B 317 -14.72 -21.57 24.48
C TYR B 317 -15.08 -23.03 24.27
N LEU B 318 -14.33 -23.73 23.40
CA LEU B 318 -14.66 -25.11 23.09
C LEU B 318 -14.30 -26.08 24.19
N VAL B 319 -13.43 -25.70 25.12
CA VAL B 319 -13.24 -26.52 26.32
C VAL B 319 -14.43 -26.34 27.27
N GLU B 320 -14.88 -25.10 27.46
CA GLU B 320 -16.02 -24.86 28.34
C GLU B 320 -17.35 -25.26 27.72
N ASN B 321 -17.41 -25.50 26.41
CA ASN B 321 -18.66 -25.85 25.76
C ASN B 321 -18.71 -27.28 25.23
N CYS B 322 -17.56 -27.88 24.92
CA CYS B 322 -17.54 -29.23 24.36
C CYS B 322 -16.50 -30.16 24.98
N ASN B 323 -15.78 -29.71 26.02
CA ASN B 323 -14.88 -30.52 26.85
C ASN B 323 -13.71 -31.12 26.06
N CYS B 324 -13.34 -30.48 24.95
CA CYS B 324 -12.21 -30.93 24.14
C CYS B 324 -11.73 -29.75 23.32
N ARG B 325 -10.76 -30.02 22.44
CA ARG B 325 -10.22 -29.00 21.56
C ARG B 325 -10.05 -29.56 20.15
N MET B 326 -10.08 -28.68 19.16
CA MET B 326 -9.87 -29.08 17.79
C MET B 326 -8.39 -29.36 17.52
N VAL B 327 -8.12 -29.86 16.32
CA VAL B 327 -6.75 -30.23 15.95
C VAL B 327 -5.89 -28.99 15.70
N HIS B 328 -6.49 -27.84 15.39
CA HIS B 328 -5.76 -26.61 15.16
C HIS B 328 -5.69 -25.74 16.41
N MET B 329 -5.71 -26.35 17.59
CA MET B 329 -5.81 -25.60 18.83
C MET B 329 -4.62 -25.89 19.73
N PRO B 330 -4.17 -24.90 20.52
CA PRO B 330 -3.09 -25.16 21.47
C PRO B 330 -3.60 -25.77 22.77
N GLY B 331 -2.71 -25.97 23.73
CA GLY B 331 -3.09 -26.50 25.02
C GLY B 331 -2.74 -27.97 25.19
N ASP B 332 -3.43 -28.61 26.12
CA ASP B 332 -3.20 -30.01 26.44
C ASP B 332 -4.51 -30.80 26.56
N ALA B 333 -5.63 -30.24 26.14
CA ALA B 333 -6.89 -30.97 26.17
C ALA B 333 -6.88 -32.06 25.10
N PRO B 334 -7.60 -33.16 25.33
CA PRO B 334 -7.67 -34.20 24.31
C PRO B 334 -8.50 -33.75 23.12
N TYR B 335 -8.18 -34.32 21.96
CA TYR B 335 -8.76 -33.89 20.70
C TYR B 335 -10.12 -34.53 20.48
N CYS B 336 -11.04 -33.75 19.91
CA CYS B 336 -12.41 -34.22 19.74
C CYS B 336 -12.51 -35.23 18.62
N THR B 337 -13.22 -36.33 18.88
CA THR B 337 -13.55 -37.29 17.85
C THR B 337 -14.54 -36.68 16.86
N PRO B 338 -14.68 -37.29 15.67
CA PRO B 338 -15.77 -36.86 14.76
C PRO B 338 -17.18 -37.08 15.31
N GLU B 339 -17.35 -37.91 16.34
CA GLU B 339 -18.61 -37.93 17.07
C GLU B 339 -18.85 -36.60 17.78
N GLN B 340 -17.79 -35.99 18.32
CA GLN B 340 -17.90 -34.68 18.93
C GLN B 340 -17.87 -33.54 17.90
N TYR B 341 -17.41 -33.82 16.68
CA TYR B 341 -17.38 -32.79 15.64
C TYR B 341 -18.75 -32.53 15.05
N LYS B 342 -19.47 -33.60 14.69
CA LYS B 342 -20.76 -33.44 14.03
C LYS B 342 -21.87 -33.07 14.99
N GLU B 343 -21.65 -33.21 16.30
CA GLU B 343 -22.70 -32.96 17.28
C GLU B 343 -22.42 -31.78 18.21
N CYS B 344 -21.15 -31.50 18.51
CA CYS B 344 -20.81 -30.44 19.45
C CYS B 344 -19.96 -29.34 18.82
N ALA B 345 -18.88 -29.70 18.13
CA ALA B 345 -17.85 -28.73 17.78
C ALA B 345 -18.31 -27.77 16.68
N ASP B 346 -18.81 -28.32 15.58
CA ASP B 346 -19.32 -27.49 14.48
C ASP B 346 -20.53 -26.63 14.87
N PRO B 347 -21.55 -27.10 15.62
CA PRO B 347 -22.58 -26.14 16.07
C PRO B 347 -22.11 -25.11 17.10
N ALA B 348 -20.93 -25.28 17.69
CA ALA B 348 -20.44 -24.29 18.65
C ALA B 348 -19.54 -23.24 18.03
N LEU B 349 -19.14 -23.40 16.76
CA LEU B 349 -18.40 -22.34 16.09
C LEU B 349 -19.33 -21.21 15.68
N ASP B 350 -20.39 -21.53 14.93
CA ASP B 350 -21.33 -20.52 14.47
C ASP B 350 -22.19 -19.95 15.59
N PHE B 351 -22.29 -20.66 16.73
CA PHE B 351 -22.95 -20.08 17.90
C PHE B 351 -22.12 -19.00 18.56
N LEU B 352 -20.81 -18.98 18.30
CA LEU B 352 -19.94 -17.91 18.79
C LEU B 352 -19.61 -16.87 17.72
N VAL B 353 -19.46 -17.31 16.47
CA VAL B 353 -19.06 -16.40 15.40
C VAL B 353 -20.21 -15.49 15.00
N GLU B 354 -21.42 -16.02 14.95
CA GLU B 354 -22.58 -15.25 14.51
C GLU B 354 -23.34 -14.60 15.66
N LYS B 355 -23.61 -15.38 16.71
CA LYS B 355 -24.45 -14.88 17.80
C LYS B 355 -23.65 -14.11 18.84
N ASP B 356 -22.65 -14.76 19.45
CA ASP B 356 -21.91 -14.19 20.58
C ASP B 356 -20.58 -13.60 20.14
N ASN B 357 -20.54 -12.94 18.98
CA ASN B 357 -19.31 -12.34 18.49
C ASN B 357 -18.89 -11.13 19.32
N GLU B 358 -19.85 -10.45 19.95
CA GLU B 358 -19.57 -9.28 20.78
C GLU B 358 -19.12 -9.64 22.19
N TYR B 359 -19.11 -10.93 22.54
CA TYR B 359 -18.67 -11.32 23.87
C TYR B 359 -17.16 -11.38 23.96
N CYS B 360 -16.48 -11.55 22.82
CA CYS B 360 -15.03 -11.68 22.77
C CYS B 360 -14.47 -10.69 21.76
N VAL B 361 -13.47 -9.92 22.19
CA VAL B 361 -12.80 -8.94 21.35
C VAL B 361 -11.34 -8.89 21.74
N CYS B 362 -10.45 -8.88 20.74
CA CYS B 362 -9.01 -8.90 20.98
C CYS B 362 -8.45 -7.51 20.68
N GLU B 363 -7.77 -6.94 21.67
CA GLU B 363 -7.11 -5.64 21.51
C GLU B 363 -5.71 -5.90 20.98
N MET B 364 -5.44 -5.41 19.77
CA MET B 364 -4.15 -5.59 19.14
C MET B 364 -3.08 -4.81 19.91
N PRO B 365 -1.93 -5.42 20.23
CA PRO B 365 -0.88 -4.70 20.95
C PRO B 365 -0.24 -3.62 20.10
N CYS B 366 0.42 -2.69 20.77
CA CYS B 366 0.99 -1.52 20.14
C CYS B 366 2.50 -1.60 19.93
N ASN B 367 3.06 -2.82 19.91
CA ASN B 367 4.38 -3.09 19.33
C ASN B 367 4.20 -4.27 18.38
N VAL B 368 3.79 -3.99 17.15
CA VAL B 368 3.48 -5.03 16.17
C VAL B 368 4.35 -4.82 14.93
N THR B 369 4.93 -5.91 14.44
CA THR B 369 5.71 -5.90 13.22
C THR B 369 4.95 -6.65 12.13
N ARG B 370 4.69 -5.99 11.02
CA ARG B 370 3.96 -6.59 9.92
C ARG B 370 4.86 -6.65 8.70
N TYR B 371 4.38 -7.35 7.66
CA TYR B 371 5.10 -7.52 6.41
C TYR B 371 4.11 -7.40 5.26
N GLY B 372 4.24 -6.35 4.47
CA GLY B 372 3.48 -6.25 3.24
C GLY B 372 3.99 -7.23 2.19
N LYS B 373 3.29 -7.27 1.05
CA LYS B 373 3.66 -8.20 -0.01
C LYS B 373 3.25 -7.62 -1.36
N GLU B 374 4.13 -7.76 -2.35
CA GLU B 374 3.89 -7.28 -3.70
C GLU B 374 4.14 -8.44 -4.65
N LEU B 375 3.05 -8.98 -5.21
CA LEU B 375 3.12 -10.21 -5.98
C LEU B 375 3.68 -9.95 -7.38
N SER B 376 4.28 -11.00 -7.95
CA SER B 376 4.77 -11.00 -9.32
C SER B 376 5.02 -12.42 -9.80
N MET B 377 4.37 -12.82 -10.89
CA MET B 377 4.44 -14.21 -11.36
C MET B 377 5.31 -14.31 -12.61
N VAL B 378 6.16 -15.34 -12.63
CA VAL B 378 6.95 -15.70 -13.81
C VAL B 378 6.72 -17.18 -14.09
N LYS B 379 6.47 -17.51 -15.35
CA LYS B 379 6.10 -18.88 -15.70
C LYS B 379 7.31 -19.81 -15.65
N ILE B 380 7.13 -20.96 -15.02
CA ILE B 380 8.14 -22.01 -14.93
C ILE B 380 7.49 -23.29 -15.45
N PRO B 381 8.19 -24.13 -16.26
CA PRO B 381 9.53 -24.03 -16.82
C PRO B 381 9.61 -23.53 -18.24
N SER B 382 10.78 -23.03 -18.62
CA SER B 382 11.08 -22.81 -20.02
C SER B 382 11.24 -24.15 -20.73
N LYS B 383 11.15 -24.12 -22.06
CA LYS B 383 11.36 -25.33 -22.84
C LYS B 383 12.83 -25.77 -22.80
N ALA B 384 13.74 -24.84 -22.52
CA ALA B 384 15.15 -25.19 -22.40
C ALA B 384 15.43 -26.01 -21.15
N SER B 385 14.61 -25.85 -20.10
CA SER B 385 14.73 -26.64 -18.89
C SER B 385 13.53 -27.57 -18.70
N ALA B 386 12.77 -27.83 -19.77
CA ALA B 386 11.59 -28.68 -19.66
C ALA B 386 11.98 -30.15 -19.52
N LYS B 387 12.80 -30.65 -20.44
CA LYS B 387 13.21 -32.05 -20.40
C LYS B 387 14.20 -32.34 -19.29
N TYR B 388 14.85 -31.31 -18.75
CA TYR B 388 15.77 -31.52 -17.64
C TYR B 388 15.03 -31.81 -16.34
N LEU B 389 13.98 -31.02 -16.06
CA LEU B 389 13.21 -31.21 -14.84
C LEU B 389 12.37 -32.48 -14.86
N ALA B 390 12.14 -33.07 -16.04
CA ALA B 390 11.36 -34.30 -16.10
C ALA B 390 12.15 -35.49 -15.56
N LYS B 391 13.39 -35.68 -16.05
CA LYS B 391 14.19 -36.82 -15.64
C LYS B 391 14.84 -36.64 -14.28
N LYS B 392 15.20 -35.40 -13.91
CA LYS B 392 15.95 -35.15 -12.68
C LYS B 392 15.14 -35.43 -11.42
N TYR B 393 13.82 -35.58 -11.52
CA TYR B 393 12.99 -35.99 -10.39
C TYR B 393 12.03 -37.11 -10.79
N ASN B 394 12.31 -37.76 -11.93
CA ASN B 394 11.57 -38.93 -12.43
C ASN B 394 10.08 -38.63 -12.62
N LYS B 395 9.79 -37.56 -13.36
CA LYS B 395 8.43 -37.11 -13.57
C LYS B 395 8.15 -36.98 -15.06
N SER B 396 6.87 -37.08 -15.41
CA SER B 396 6.47 -36.87 -16.79
C SER B 396 6.47 -35.38 -17.13
N GLU B 397 6.47 -35.08 -18.43
CA GLU B 397 6.48 -33.68 -18.85
C GLU B 397 5.13 -33.01 -18.60
N GLN B 398 4.04 -33.78 -18.68
CA GLN B 398 2.73 -33.24 -18.31
C GLN B 398 2.62 -33.03 -16.81
N TYR B 399 3.39 -33.81 -16.03
CA TYR B 399 3.38 -33.64 -14.58
C TYR B 399 4.05 -32.34 -14.16
N ILE B 400 5.06 -31.89 -14.92
CA ILE B 400 5.91 -30.79 -14.48
C ILE B 400 5.16 -29.47 -14.50
N GLY B 401 4.33 -29.26 -15.53
CA GLY B 401 3.66 -27.98 -15.68
C GLY B 401 2.55 -27.73 -14.67
N GLU B 402 1.97 -28.78 -14.11
CA GLU B 402 0.83 -28.65 -13.23
C GLU B 402 1.10 -29.13 -11.81
N ASN B 403 2.36 -29.40 -11.46
CA ASN B 403 2.68 -29.80 -10.09
C ASN B 403 3.79 -28.97 -9.51
N ILE B 404 4.73 -28.54 -10.36
CA ILE B 404 5.96 -27.92 -9.90
C ILE B 404 5.76 -26.41 -9.86
N LEU B 405 5.93 -25.82 -8.67
CA LEU B 405 5.94 -24.37 -8.53
C LEU B 405 7.19 -23.97 -7.77
N VAL B 406 7.45 -22.67 -7.76
CA VAL B 406 8.55 -22.07 -7.03
C VAL B 406 8.03 -20.82 -6.35
N LEU B 407 8.28 -20.70 -5.06
CA LEU B 407 7.97 -19.47 -4.34
C LEU B 407 9.27 -18.79 -3.94
N ASP B 408 9.22 -17.47 -3.83
CA ASP B 408 10.43 -16.69 -3.61
C ASP B 408 10.02 -15.45 -2.81
N ILE B 409 10.33 -15.47 -1.52
CA ILE B 409 10.04 -14.36 -0.62
C ILE B 409 11.36 -13.71 -0.22
N PHE B 410 11.45 -12.39 -0.41
CA PHE B 410 12.65 -11.65 -0.07
C PHE B 410 12.25 -10.24 0.37
N PHE B 411 13.24 -9.37 0.49
CA PHE B 411 13.03 -7.96 0.73
C PHE B 411 13.55 -7.16 -0.44
N GLU B 412 12.95 -5.99 -0.66
CA GLU B 412 13.41 -5.11 -1.73
C GLU B 412 14.77 -4.51 -1.38
N ALA B 413 14.83 -3.75 -0.30
CA ALA B 413 16.09 -3.21 0.20
C ALA B 413 16.14 -3.45 1.71
N LEU B 414 17.33 -3.23 2.28
CA LEU B 414 17.53 -3.40 3.71
C LEU B 414 17.08 -2.13 4.43
N ASN B 415 15.77 -1.97 4.51
CA ASN B 415 15.17 -0.83 5.20
C ASN B 415 13.78 -1.24 5.64
N TYR B 416 13.35 -0.68 6.77
CA TYR B 416 12.00 -0.95 7.26
C TYR B 416 11.30 0.37 7.51
N GLU B 417 10.05 0.45 7.05
CA GLU B 417 9.21 1.59 7.36
C GLU B 417 8.64 1.43 8.76
N THR B 418 8.51 2.54 9.47
CA THR B 418 7.86 2.54 10.77
C THR B 418 6.66 3.46 10.74
N ILE B 419 5.57 3.02 11.35
CA ILE B 419 4.34 3.80 11.44
C ILE B 419 4.06 3.95 12.93
N GLU B 420 4.56 5.02 13.52
CA GLU B 420 4.39 5.25 14.95
C GLU B 420 3.52 6.48 15.17
N GLN B 421 2.75 6.46 16.24
CA GLN B 421 1.76 7.50 16.53
C GLN B 421 2.27 8.39 17.66
N LYS B 422 2.55 9.65 17.33
CA LYS B 422 2.96 10.63 18.31
C LYS B 422 1.74 11.26 18.96
N LYS B 423 1.80 11.44 20.28
CA LYS B 423 0.77 12.19 20.98
C LYS B 423 0.85 13.65 20.56
N ALA B 424 -0.21 14.14 19.91
CA ALA B 424 -0.16 15.45 19.28
C ALA B 424 -0.27 16.60 20.28
N TYR B 425 -0.75 16.34 21.50
CA TYR B 425 -1.00 17.43 22.45
C TYR B 425 -0.85 16.86 23.85
N GLU B 426 0.29 17.11 24.47
CA GLU B 426 0.54 16.66 25.84
C GLU B 426 0.12 17.75 26.81
N VAL B 427 0.35 17.50 28.11
CA VAL B 427 -0.02 18.47 29.13
C VAL B 427 0.96 19.65 29.14
N ALA B 428 2.19 19.45 28.66
CA ALA B 428 3.12 20.55 28.53
C ALA B 428 2.79 21.46 27.36
N GLY B 429 2.10 20.94 26.35
CA GLY B 429 1.59 21.78 25.29
C GLY B 429 0.27 22.44 25.61
N LEU B 430 -0.46 21.89 26.57
CA LEU B 430 -1.68 22.54 27.05
C LEU B 430 -1.36 23.75 27.92
N LEU B 431 -0.38 23.61 28.81
CA LEU B 431 0.03 24.72 29.68
C LEU B 431 0.68 25.84 28.89
N GLY B 432 1.34 25.51 27.77
CA GLY B 432 1.86 26.53 26.90
C GLY B 432 0.81 27.26 26.09
N ASP B 433 -0.37 26.67 25.96
CA ASP B 433 -1.48 27.29 25.23
C ASP B 433 -2.68 27.59 26.12
N ILE B 434 -2.52 27.55 27.44
CA ILE B 434 -3.49 28.17 28.33
C ILE B 434 -2.94 29.54 28.69
N GLY B 435 -1.75 29.56 29.30
CA GLY B 435 -1.09 30.81 29.60
C GLY B 435 -0.52 31.53 28.41
N GLY B 436 -0.42 30.84 27.27
CA GLY B 436 -0.09 31.53 26.03
C GLY B 436 -1.19 32.47 25.58
N GLN B 437 -2.44 32.17 25.94
CA GLN B 437 -3.54 33.08 25.68
C GLN B 437 -4.10 33.70 26.96
N MET B 438 -3.75 33.17 28.14
CA MET B 438 -4.11 33.86 29.37
C MET B 438 -3.25 35.11 29.55
N GLY B 439 -1.96 35.02 29.23
CA GLY B 439 -1.10 36.19 29.23
C GLY B 439 -1.38 37.16 28.11
N LEU B 440 -1.97 36.69 27.01
CA LEU B 440 -2.26 37.57 25.89
C LEU B 440 -3.51 38.42 26.14
N PHE B 441 -4.52 37.85 26.80
CA PHE B 441 -5.81 38.51 26.91
C PHE B 441 -5.97 39.32 28.19
N ILE B 442 -5.62 38.75 29.34
CA ILE B 442 -5.71 39.46 30.60
C ILE B 442 -4.37 39.58 31.31
N GLY B 443 -3.37 38.83 30.91
CA GLY B 443 -2.05 38.93 31.50
C GLY B 443 -1.90 38.29 32.86
N ALA B 444 -2.89 37.49 33.29
CA ALA B 444 -2.84 36.88 34.60
C ALA B 444 -1.95 35.64 34.60
N SER B 445 -1.99 34.91 35.72
CA SER B 445 -1.19 33.71 35.89
C SER B 445 -1.96 32.80 36.84
N ILE B 446 -1.29 31.77 37.34
CA ILE B 446 -1.88 30.99 38.43
C ILE B 446 -1.77 31.74 39.74
N LEU B 447 -0.79 32.65 39.87
CA LEU B 447 -0.63 33.41 41.10
C LEU B 447 -1.59 34.60 41.16
N THR B 448 -1.92 35.18 40.01
CA THR B 448 -2.89 36.28 39.98
C THR B 448 -4.29 35.79 40.37
N VAL B 449 -4.63 34.58 39.94
CA VAL B 449 -5.87 33.94 40.39
C VAL B 449 -5.82 33.69 41.90
N LEU B 450 -4.64 33.33 42.39
CA LEU B 450 -4.46 33.21 43.84
C LEU B 450 -4.38 34.59 44.49
N GLU B 451 -3.96 35.60 43.74
CA GLU B 451 -3.92 36.96 44.27
C GLU B 451 -5.32 37.55 44.40
N LEU B 452 -6.19 37.31 43.41
CA LEU B 452 -7.57 37.75 43.50
C LEU B 452 -8.33 37.01 44.60
N PHE B 453 -7.93 35.76 44.87
CA PHE B 453 -8.50 35.04 45.99
C PHE B 453 -7.99 35.60 47.32
N ASP B 454 -6.76 36.13 47.33
CA ASP B 454 -6.19 36.66 48.55
C ASP B 454 -6.71 38.05 48.89
N TYR B 455 -7.28 38.78 47.93
CA TYR B 455 -7.94 40.03 48.27
C TYR B 455 -9.39 39.79 48.68
N ALA B 456 -10.08 38.88 47.99
CA ALA B 456 -11.46 38.56 48.32
C ALA B 456 -11.57 37.82 49.65
N TYR B 457 -10.51 37.17 50.10
CA TYR B 457 -10.51 36.57 51.43
C TYR B 457 -10.48 37.64 52.52
N GLU B 458 -9.94 38.82 52.21
CA GLU B 458 -9.88 39.90 53.19
C GLU B 458 -11.17 40.70 53.21
N VAL B 459 -11.85 40.79 52.06
CA VAL B 459 -13.08 41.58 51.96
C VAL B 459 -14.22 40.96 52.75
N ILE B 460 -14.33 39.62 52.69
CA ILE B 460 -15.43 38.92 53.36
C ILE B 460 -15.32 38.93 54.87
N LYS B 461 -14.15 39.22 55.42
CA LYS B 461 -13.98 39.33 56.86
C LYS B 461 -14.27 40.73 57.39
N HIS B 462 -14.33 41.73 56.51
CA HIS B 462 -14.64 43.09 56.93
C HIS B 462 -16.10 43.43 56.62
N VAL C 17 0.59 61.10 32.58
CA VAL C 17 1.10 62.47 32.59
C VAL C 17 2.46 62.55 31.93
N SER C 18 3.51 62.46 32.74
CA SER C 18 4.87 62.51 32.21
C SER C 18 5.30 61.14 31.70
N ILE C 19 6.31 61.16 30.82
CA ILE C 19 6.82 59.91 30.26
C ILE C 19 7.58 59.11 31.32
N GLN C 20 8.29 59.81 32.22
CA GLN C 20 8.88 59.14 33.37
C GLN C 20 7.83 58.73 34.39
N ALA C 21 6.68 59.41 34.41
CA ALA C 21 5.59 59.05 35.30
C ALA C 21 4.74 57.92 34.75
N PHE C 22 4.58 57.83 33.42
CA PHE C 22 3.79 56.75 32.84
C PHE C 22 4.55 55.43 32.86
N ALA C 23 5.82 55.46 32.44
CA ALA C 23 6.63 54.25 32.33
C ALA C 23 6.94 53.62 33.68
N SER C 24 6.84 54.37 34.77
CA SER C 24 7.05 53.84 36.11
C SER C 24 5.83 53.09 36.64
N SER C 25 4.71 53.11 35.92
CA SER C 25 3.49 52.50 36.42
C SER C 25 2.75 51.67 35.38
N SER C 26 3.40 51.28 34.28
CA SER C 26 2.73 50.53 33.24
C SER C 26 3.05 49.04 33.38
N THR C 27 2.52 48.22 32.48
CA THR C 27 2.67 46.79 32.55
C THR C 27 3.74 46.22 31.64
N LEU C 28 4.41 47.05 30.85
CA LEU C 28 5.60 46.60 30.13
C LEU C 28 6.74 46.32 31.09
N HIS C 29 7.67 45.48 30.67
CA HIS C 29 8.72 45.04 31.56
C HIS C 29 9.99 45.87 31.45
N GLY C 30 10.21 46.53 30.33
CA GLY C 30 11.47 47.23 30.11
C GLY C 30 11.46 48.71 30.41
N ILE C 31 10.30 49.35 30.28
CA ILE C 31 10.21 50.80 30.40
C ILE C 31 10.35 51.29 31.84
N SER C 32 10.26 50.41 32.82
CA SER C 32 10.43 50.82 34.21
C SER C 32 11.88 51.13 34.56
N HIS C 33 12.83 50.71 33.71
CA HIS C 33 14.24 50.95 33.97
C HIS C 33 14.90 51.79 32.88
N ILE C 34 14.31 51.88 31.71
CA ILE C 34 14.81 52.78 30.67
C ILE C 34 14.52 54.23 31.04
N PHE C 35 13.27 54.52 31.40
CA PHE C 35 12.78 55.88 31.63
C PHE C 35 12.74 56.22 33.11
N SER C 36 13.72 55.75 33.88
CA SER C 36 13.75 55.95 35.33
C SER C 36 14.01 57.40 35.68
N TYR C 37 13.83 57.72 36.96
CA TYR C 37 14.05 59.07 37.48
C TYR C 37 15.48 59.19 38.00
N GLU C 38 16.42 59.15 37.07
CA GLU C 38 17.84 59.18 37.39
C GLU C 38 18.55 59.79 36.18
N ARG C 39 19.83 60.16 36.35
CA ARG C 39 20.59 60.74 35.26
C ARG C 39 20.93 59.68 34.22
N LEU C 40 21.43 60.14 33.07
CA LEU C 40 21.79 59.22 32.00
C LEU C 40 23.07 58.48 32.35
N SER C 41 22.98 57.15 32.42
CA SER C 41 24.09 56.31 32.86
C SER C 41 24.25 55.17 31.85
N LEU C 42 25.13 54.23 32.18
CA LEU C 42 25.34 53.08 31.30
C LEU C 42 24.24 52.04 31.45
N LYS C 43 23.42 52.16 32.50
CA LYS C 43 22.33 51.20 32.68
C LYS C 43 21.13 51.53 31.79
N ARG C 44 21.00 52.80 31.39
CA ARG C 44 19.87 53.18 30.56
C ARG C 44 20.02 52.64 29.14
N VAL C 45 21.25 52.50 28.65
CA VAL C 45 21.45 52.01 27.29
C VAL C 45 21.50 50.49 27.26
N VAL C 46 21.89 49.85 28.37
CA VAL C 46 21.86 48.40 28.42
C VAL C 46 20.44 47.90 28.65
N TRP C 47 19.55 48.79 29.13
CA TRP C 47 18.14 48.47 29.14
C TRP C 47 17.48 48.89 27.83
N ALA C 48 18.12 49.79 27.08
CA ALA C 48 17.59 50.18 25.78
C ALA C 48 17.95 49.16 24.71
N LEU C 49 19.17 48.62 24.76
CA LEU C 49 19.57 47.61 23.80
C LEU C 49 18.85 46.29 24.05
N CYS C 50 18.69 45.91 25.32
CA CYS C 50 18.06 44.63 25.62
C CYS C 50 16.55 44.68 25.50
N PHE C 51 15.96 45.87 25.33
CA PHE C 51 14.54 45.95 25.03
C PHE C 51 14.27 46.11 23.55
N MET C 52 15.08 46.89 22.85
CA MET C 52 14.93 47.02 21.40
C MET C 52 15.37 45.77 20.64
N GLY C 53 16.10 44.87 21.29
CA GLY C 53 16.43 43.59 20.71
C GLY C 53 15.34 42.56 21.02
N SER C 54 14.85 42.57 22.26
CA SER C 54 13.76 41.68 22.64
C SER C 54 12.41 42.11 22.09
N LEU C 55 12.32 43.30 21.52
CA LEU C 55 11.15 43.68 20.73
C LEU C 55 11.30 43.25 19.27
N ALA C 56 12.52 43.17 18.76
CA ALA C 56 12.78 42.68 17.41
C ALA C 56 12.82 41.16 17.35
N LEU C 57 13.30 40.50 18.41
CA LEU C 57 13.24 39.04 18.44
C LEU C 57 11.81 38.54 18.61
N LEU C 58 10.93 39.34 19.20
CA LEU C 58 9.51 39.02 19.16
C LEU C 58 8.95 39.24 17.77
N ALA C 59 9.49 40.22 17.04
CA ALA C 59 8.88 40.67 15.79
C ALA C 59 9.03 39.64 14.67
N LEU C 60 10.23 39.08 14.51
CA LEU C 60 10.46 38.13 13.43
C LEU C 60 10.09 36.70 13.80
N VAL C 61 9.80 36.43 15.07
CA VAL C 61 9.38 35.08 15.46
C VAL C 61 7.86 35.00 15.55
N CYS C 62 7.18 36.08 15.93
CA CYS C 62 5.72 36.08 15.88
C CYS C 62 5.21 36.09 14.44
N THR C 63 5.95 36.73 13.54
CA THR C 63 5.55 36.71 12.13
C THR C 63 5.86 35.38 11.47
N ASN C 64 6.61 34.49 12.12
CA ASN C 64 6.75 33.13 11.63
C ASN C 64 5.45 32.36 11.81
N ARG C 65 4.91 32.36 13.04
CA ARG C 65 3.69 31.60 13.32
C ARG C 65 2.45 32.23 12.71
N ILE C 66 2.48 33.54 12.41
CA ILE C 66 1.38 34.15 11.68
C ILE C 66 1.37 33.65 10.24
N GLN C 67 2.54 33.64 9.59
CA GLN C 67 2.62 33.15 8.22
C GLN C 67 2.50 31.64 8.16
N TYR C 68 2.85 30.93 9.24
CA TYR C 68 2.65 29.49 9.27
C TYR C 68 1.18 29.14 9.40
N TYR C 69 0.41 29.94 10.14
CA TYR C 69 -1.04 29.73 10.19
C TYR C 69 -1.70 30.15 8.90
N PHE C 70 -1.13 31.12 8.19
CA PHE C 70 -1.71 31.59 6.94
C PHE C 70 -1.53 30.60 5.79
N LEU C 71 -0.65 29.61 5.94
CA LEU C 71 -0.60 28.51 5.01
C LEU C 71 -1.71 27.50 5.23
N TYR C 72 -2.38 27.58 6.39
CA TYR C 72 -3.42 26.65 6.81
C TYR C 72 -2.96 25.18 6.76
N PRO C 73 -1.99 24.79 7.56
CA PRO C 73 -1.39 23.47 7.41
C PRO C 73 -2.23 22.39 8.06
N HIS C 74 -1.93 21.15 7.69
CA HIS C 74 -2.62 20.00 8.25
C HIS C 74 -1.72 18.78 8.17
N VAL C 75 -1.76 17.95 9.21
CA VAL C 75 -1.08 16.67 9.23
C VAL C 75 -2.13 15.59 9.47
N THR C 76 -1.78 14.36 9.12
CA THR C 76 -2.74 13.27 9.01
C THR C 76 -2.64 12.34 10.20
N LYS C 77 -3.80 11.92 10.70
CA LYS C 77 -3.88 10.86 11.69
C LYS C 77 -4.34 9.59 11.00
N LEU C 78 -3.53 8.55 11.11
CA LEU C 78 -3.87 7.19 10.71
C LEU C 78 -4.35 6.43 11.93
N ASP C 79 -5.36 5.59 11.74
CA ASP C 79 -5.84 4.77 12.83
C ASP C 79 -6.48 3.53 12.26
N GLU C 80 -6.46 2.45 13.04
CA GLU C 80 -7.00 1.16 12.64
C GLU C 80 -8.16 0.82 13.55
N VAL C 81 -9.35 1.28 13.20
CA VAL C 81 -10.55 1.03 13.99
C VAL C 81 -10.99 -0.41 13.76
N ALA C 82 -11.25 -1.12 14.85
CA ALA C 82 -11.79 -2.47 14.77
C ALA C 82 -13.32 -2.42 14.84
N ALA C 83 -13.96 -3.34 14.11
CA ALA C 83 -15.41 -3.38 14.05
C ALA C 83 -15.88 -4.83 14.01
N THR C 84 -17.19 -5.01 13.92
CA THR C 84 -17.78 -6.34 13.82
C THR C 84 -18.58 -6.57 12.55
N ARG C 85 -19.33 -5.58 12.06
CA ARG C 85 -20.20 -5.76 10.88
C ARG C 85 -19.78 -4.73 9.83
N LEU C 86 -18.81 -5.10 9.01
CA LEU C 86 -18.40 -4.27 7.89
C LEU C 86 -19.37 -4.45 6.72
N THR C 87 -19.44 -3.44 5.87
CA THR C 87 -20.27 -3.55 4.68
C THR C 87 -19.49 -4.19 3.54
N PHE C 88 -20.22 -4.82 2.63
CA PHE C 88 -19.50 -5.44 1.52
C PHE C 88 -19.45 -4.49 0.34
N PRO C 89 -18.30 -4.33 -0.30
CA PRO C 89 -18.19 -3.39 -1.42
C PRO C 89 -18.80 -3.97 -2.68
N ALA C 90 -19.26 -3.06 -3.53
CA ALA C 90 -19.99 -3.45 -4.75
C ALA C 90 -19.01 -4.05 -5.74
N VAL C 91 -19.00 -5.38 -5.83
CA VAL C 91 -18.16 -6.08 -6.79
C VAL C 91 -18.77 -5.86 -8.17
N THR C 92 -18.10 -5.06 -9.00
CA THR C 92 -18.61 -4.69 -10.31
C THR C 92 -17.71 -5.32 -11.36
N PHE C 93 -18.31 -6.02 -12.32
CA PHE C 93 -17.54 -6.78 -13.28
C PHE C 93 -18.25 -6.82 -14.62
N CYS C 94 -17.46 -7.02 -15.68
CA CYS C 94 -17.97 -7.47 -16.96
C CYS C 94 -16.87 -8.09 -17.80
N ASN C 95 -17.29 -9.00 -18.67
CA ASN C 95 -16.40 -9.65 -19.61
C ASN C 95 -15.77 -8.64 -20.55
N LEU C 96 -14.54 -8.93 -20.98
CA LEU C 96 -13.79 -7.98 -21.79
C LEU C 96 -14.24 -7.94 -23.24
N ASN C 97 -15.09 -8.87 -23.67
CA ASN C 97 -15.78 -8.71 -24.92
C ASN C 97 -16.90 -7.70 -24.78
N GLU C 98 -17.21 -7.01 -25.87
CA GLU C 98 -18.30 -6.03 -25.85
C GLU C 98 -19.66 -6.71 -25.88
N PHE C 99 -19.82 -7.70 -26.75
CA PHE C 99 -21.09 -8.41 -26.89
C PHE C 99 -20.82 -9.76 -27.53
N ARG C 100 -21.81 -10.63 -27.46
CA ARG C 100 -21.66 -11.99 -27.98
C ARG C 100 -21.63 -11.99 -29.50
N PHE C 101 -21.22 -13.12 -30.07
CA PHE C 101 -21.18 -13.29 -31.51
C PHE C 101 -22.39 -14.02 -32.06
N SER C 102 -22.99 -14.94 -31.29
CA SER C 102 -24.17 -15.64 -31.73
C SER C 102 -25.45 -14.82 -31.56
N ARG C 103 -25.37 -13.66 -30.90
CA ARG C 103 -26.53 -12.81 -30.68
C ARG C 103 -26.47 -11.54 -31.53
N VAL C 104 -25.74 -11.55 -32.62
CA VAL C 104 -25.76 -10.47 -33.59
C VAL C 104 -26.62 -10.92 -34.76
N THR C 105 -27.25 -9.97 -35.45
CA THR C 105 -28.28 -10.28 -36.44
C THR C 105 -27.95 -9.48 -37.70
N LYS C 106 -28.65 -9.79 -38.80
CA LYS C 106 -28.46 -9.09 -40.06
C LYS C 106 -28.82 -7.62 -39.94
N ASN C 107 -29.91 -7.30 -39.26
CA ASN C 107 -30.26 -5.91 -38.99
C ASN C 107 -29.27 -5.27 -38.03
N ASP C 108 -28.71 -6.05 -37.11
CA ASP C 108 -27.67 -5.53 -36.23
C ASP C 108 -26.38 -5.24 -36.98
N LEU C 109 -26.15 -5.93 -38.10
CA LEU C 109 -24.95 -5.71 -38.90
C LEU C 109 -25.13 -4.55 -39.89
N TYR C 110 -26.32 -3.97 -39.96
CA TYR C 110 -26.58 -2.88 -40.90
C TYR C 110 -26.44 -1.52 -40.24
N HIS C 111 -27.17 -1.29 -39.14
CA HIS C 111 -27.15 0.00 -38.49
C HIS C 111 -25.86 0.24 -37.71
N ALA C 112 -25.23 -0.83 -37.23
CA ALA C 112 -24.04 -0.70 -36.38
C ALA C 112 -22.95 -1.68 -36.77
N GLY C 113 -22.92 -2.12 -38.03
CA GLY C 113 -21.98 -3.17 -38.41
C GLY C 113 -20.55 -2.68 -38.56
N GLU C 114 -20.37 -1.48 -39.11
CA GLU C 114 -19.02 -0.96 -39.33
C GLU C 114 -18.35 -0.56 -38.03
N LEU C 115 -19.12 -0.14 -37.03
CA LEU C 115 -18.54 0.30 -35.77
C LEU C 115 -18.05 -0.87 -34.91
N LEU C 116 -18.53 -2.08 -35.15
CA LEU C 116 -18.15 -3.23 -34.34
C LEU C 116 -16.92 -3.95 -34.90
N ALA C 117 -16.22 -3.33 -35.86
CA ALA C 117 -14.91 -3.74 -36.36
C ALA C 117 -14.92 -5.12 -37.01
N LEU C 118 -16.00 -5.45 -37.72
CA LEU C 118 -16.04 -6.62 -38.58
C LEU C 118 -16.33 -6.27 -40.03
N LEU C 119 -16.46 -4.99 -40.35
CA LEU C 119 -16.84 -4.53 -41.68
C LEU C 119 -15.80 -3.56 -42.22
N ASN C 120 -15.80 -3.41 -43.54
CA ASN C 120 -14.98 -2.40 -44.21
C ASN C 120 -15.79 -1.11 -44.32
N ASN C 121 -15.29 -0.16 -45.11
CA ASN C 121 -15.94 1.14 -45.24
C ASN C 121 -17.20 1.07 -46.08
N ARG C 122 -17.26 0.16 -47.06
CA ARG C 122 -18.40 0.04 -47.97
C ARG C 122 -19.41 -1.01 -47.51
N TYR C 123 -19.50 -1.24 -46.18
CA TYR C 123 -20.37 -2.25 -45.56
C TYR C 123 -20.11 -3.65 -46.11
N GLU C 124 -18.83 -3.95 -46.34
CA GLU C 124 -18.38 -5.25 -46.81
C GLU C 124 -17.33 -5.80 -45.87
N ILE C 125 -16.93 -7.05 -46.13
CA ILE C 125 -15.99 -7.76 -45.26
C ILE C 125 -14.58 -7.25 -45.52
N PRO C 126 -13.71 -7.23 -44.49
CA PRO C 126 -12.26 -7.14 -44.76
C PRO C 126 -11.66 -8.44 -45.27
N ASP C 127 -10.33 -8.50 -45.35
CA ASP C 127 -9.65 -9.69 -45.83
C ASP C 127 -9.92 -10.89 -44.92
N THR C 128 -10.39 -11.99 -45.52
CA THR C 128 -10.87 -13.15 -44.79
C THR C 128 -9.78 -14.20 -44.58
N GLN C 129 -8.52 -13.79 -44.45
CA GLN C 129 -7.47 -14.73 -44.10
C GLN C 129 -7.59 -15.14 -42.64
N THR C 130 -7.22 -16.38 -42.36
CA THR C 130 -7.42 -17.07 -41.07
C THR C 130 -8.87 -16.97 -40.61
N ALA C 131 -9.77 -17.44 -41.48
CA ALA C 131 -11.19 -17.53 -41.17
C ALA C 131 -11.65 -18.96 -41.41
N ASP C 132 -12.28 -19.54 -40.39
CA ASP C 132 -12.78 -20.89 -40.51
C ASP C 132 -14.01 -20.92 -41.41
N GLU C 133 -14.29 -22.10 -41.97
CA GLU C 133 -15.43 -22.25 -42.88
C GLU C 133 -16.75 -22.16 -42.14
N LYS C 134 -16.82 -22.72 -40.93
CA LYS C 134 -18.03 -22.60 -40.14
C LYS C 134 -18.14 -21.23 -39.48
N GLN C 135 -17.01 -20.53 -39.31
CA GLN C 135 -17.02 -19.21 -38.69
C GLN C 135 -17.36 -18.12 -39.69
N LEU C 136 -17.02 -18.28 -40.96
CA LEU C 136 -17.32 -17.28 -41.97
C LEU C 136 -18.74 -17.39 -42.51
N GLU C 137 -19.25 -18.61 -42.69
CA GLU C 137 -20.56 -18.80 -43.29
C GLU C 137 -21.71 -18.50 -42.34
N ILE C 138 -21.47 -18.48 -41.02
CA ILE C 138 -22.47 -17.96 -40.10
C ILE C 138 -22.48 -16.43 -40.16
N LEU C 139 -21.35 -15.82 -40.52
CA LEU C 139 -21.31 -14.38 -40.74
C LEU C 139 -21.76 -14.02 -42.15
N GLN C 140 -21.65 -14.95 -43.12
CA GLN C 140 -21.87 -14.62 -44.51
C GLN C 140 -23.34 -14.39 -44.84
N ASP C 141 -24.26 -15.06 -44.12
CA ASP C 141 -25.67 -14.78 -44.35
C ASP C 141 -26.12 -13.52 -43.63
N LYS C 142 -25.28 -12.97 -42.75
CA LYS C 142 -25.60 -11.71 -42.09
C LYS C 142 -25.29 -10.51 -42.97
N ALA C 143 -24.41 -10.67 -43.97
CA ALA C 143 -23.95 -9.57 -44.80
C ALA C 143 -24.41 -9.72 -46.25
N ASN C 144 -25.66 -10.12 -46.44
CA ASN C 144 -26.22 -10.18 -47.81
C ASN C 144 -26.55 -8.78 -48.32
N PHE C 145 -27.44 -8.08 -47.61
CA PHE C 145 -27.99 -6.77 -48.00
C PHE C 145 -28.62 -6.83 -49.40
N ARG C 146 -29.35 -7.92 -49.65
CA ARG C 146 -30.05 -8.14 -50.90
C ARG C 146 -31.54 -8.15 -50.61
N ASN C 147 -32.25 -7.14 -51.15
CA ASN C 147 -33.65 -6.84 -50.80
C ASN C 147 -33.82 -6.70 -49.29
N PHE C 148 -32.94 -5.91 -48.69
CA PHE C 148 -32.84 -5.80 -47.24
C PHE C 148 -33.83 -4.76 -46.73
N LYS C 149 -34.82 -5.21 -45.95
CA LYS C 149 -35.73 -4.30 -45.27
C LYS C 149 -35.27 -4.14 -43.84
N PRO C 150 -34.73 -2.99 -43.46
CA PRO C 150 -34.17 -2.85 -42.10
C PRO C 150 -35.25 -2.71 -41.04
N LYS C 151 -34.82 -2.85 -39.80
CA LYS C 151 -35.64 -2.67 -38.61
C LYS C 151 -35.17 -1.45 -37.83
N PRO C 152 -36.03 -0.84 -37.02
CA PRO C 152 -35.59 0.29 -36.19
C PRO C 152 -34.60 -0.15 -35.12
N PHE C 153 -33.55 0.67 -34.96
CA PHE C 153 -32.39 0.32 -34.15
C PHE C 153 -32.34 1.17 -32.90
N ASN C 154 -31.73 0.62 -31.85
CA ASN C 154 -31.40 1.36 -30.65
C ASN C 154 -30.16 0.73 -30.05
N MET C 155 -29.13 1.55 -29.81
CA MET C 155 -27.86 1.04 -29.29
C MET C 155 -27.97 0.55 -27.86
N LEU C 156 -28.93 1.06 -27.09
CA LEU C 156 -29.19 0.50 -25.76
C LEU C 156 -29.86 -0.86 -25.88
N GLU C 157 -30.74 -1.04 -26.87
CA GLU C 157 -31.39 -2.32 -27.07
C GLU C 157 -30.43 -3.36 -27.64
N PHE C 158 -29.41 -2.90 -28.38
CA PHE C 158 -28.39 -3.83 -28.86
C PHE C 158 -27.51 -4.32 -27.72
N TYR C 159 -27.21 -3.45 -26.76
CA TYR C 159 -26.40 -3.84 -25.62
C TYR C 159 -27.21 -4.60 -24.57
N ASP C 160 -28.53 -4.60 -24.70
CA ASP C 160 -29.37 -5.41 -23.82
C ASP C 160 -29.40 -6.86 -24.28
N ARG C 161 -29.48 -7.09 -25.59
CA ARG C 161 -29.66 -8.42 -26.15
C ARG C 161 -28.34 -9.10 -26.48
N ALA C 162 -27.47 -8.43 -27.23
CA ALA C 162 -26.26 -9.06 -27.73
C ALA C 162 -25.18 -9.23 -26.68
N GLY C 163 -25.31 -8.60 -25.51
CA GLY C 163 -24.32 -8.72 -24.47
C GLY C 163 -24.33 -10.08 -23.81
N HIS C 164 -23.36 -10.27 -22.92
CA HIS C 164 -23.20 -11.53 -22.21
C HIS C 164 -24.27 -11.63 -21.12
N ASP C 165 -25.11 -12.66 -21.21
CA ASP C 165 -26.22 -12.81 -20.26
C ASP C 165 -25.72 -13.39 -18.95
N ILE C 166 -26.25 -12.88 -17.84
CA ILE C 166 -25.78 -13.27 -16.52
C ILE C 166 -26.19 -14.70 -16.19
N ARG C 167 -27.35 -15.14 -16.68
CA ARG C 167 -27.84 -16.47 -16.39
C ARG C 167 -27.10 -17.56 -17.14
N GLU C 168 -26.30 -17.19 -18.16
CA GLU C 168 -25.45 -18.14 -18.83
C GLU C 168 -24.04 -18.17 -18.26
N MET C 169 -23.54 -17.03 -17.79
CA MET C 169 -22.15 -16.95 -17.34
C MET C 169 -21.97 -17.56 -15.96
N LEU C 170 -22.67 -17.02 -14.96
CA LEU C 170 -22.41 -17.31 -13.56
C LEU C 170 -22.89 -18.71 -13.22
N LEU C 171 -21.94 -19.62 -12.97
CA LEU C 171 -22.29 -20.99 -12.62
C LEU C 171 -22.72 -21.09 -11.16
N SER C 172 -21.95 -20.50 -10.26
CA SER C 172 -22.27 -20.58 -8.83
C SER C 172 -21.69 -19.37 -8.12
N CYS C 173 -22.56 -18.52 -7.60
CA CYS C 173 -22.21 -17.40 -6.74
C CYS C 173 -22.44 -17.79 -5.29
N PHE C 174 -21.75 -17.09 -4.39
CA PHE C 174 -21.93 -17.32 -2.96
C PHE C 174 -21.67 -16.03 -2.21
N PHE C 175 -22.14 -15.99 -0.96
CA PHE C 175 -21.88 -14.86 -0.07
C PHE C 175 -22.08 -15.32 1.36
N ARG C 176 -21.00 -15.24 2.16
CA ARG C 176 -20.97 -15.64 3.58
C ARG C 176 -21.39 -17.09 3.77
N GLY C 177 -21.05 -17.94 2.79
CA GLY C 177 -21.49 -19.31 2.79
C GLY C 177 -22.89 -19.55 2.28
N GLU C 178 -23.76 -18.55 2.32
CA GLU C 178 -25.13 -18.67 1.84
C GLU C 178 -25.18 -18.56 0.31
N GLN C 179 -26.28 -19.02 -0.27
CA GLN C 179 -26.42 -19.04 -1.71
C GLN C 179 -26.69 -17.63 -2.22
N CYS C 180 -26.55 -17.46 -3.52
CA CYS C 180 -26.61 -16.18 -4.21
C CYS C 180 -27.72 -16.23 -5.26
N SER C 181 -27.81 -15.18 -6.07
CA SER C 181 -28.82 -15.17 -7.10
C SER C 181 -28.39 -14.29 -8.26
N PRO C 182 -28.65 -14.72 -9.51
CA PRO C 182 -28.48 -13.81 -10.65
C PRO C 182 -29.47 -12.66 -10.65
N GLU C 183 -30.59 -12.78 -9.95
CA GLU C 183 -31.50 -11.65 -9.77
C GLU C 183 -30.91 -10.60 -8.83
N ASP C 184 -29.92 -10.97 -8.01
CA ASP C 184 -29.21 -10.00 -7.19
C ASP C 184 -28.17 -9.22 -7.98
N PHE C 185 -27.81 -9.69 -9.18
CA PHE C 185 -26.86 -8.99 -10.02
C PHE C 185 -27.58 -7.96 -10.86
N LYS C 186 -27.12 -6.71 -10.79
CA LYS C 186 -27.81 -5.57 -11.36
C LYS C 186 -27.03 -5.02 -12.54
N VAL C 187 -27.70 -4.88 -13.68
CA VAL C 187 -27.05 -4.49 -14.93
C VAL C 187 -26.72 -3.00 -14.91
N VAL C 188 -25.51 -2.67 -15.35
CA VAL C 188 -25.14 -1.31 -15.71
C VAL C 188 -24.55 -1.33 -17.11
N PHE C 189 -24.10 -0.17 -17.58
CA PHE C 189 -23.55 -0.04 -18.92
C PHE C 189 -22.30 0.82 -18.85
N THR C 190 -21.17 0.26 -19.27
CA THR C 190 -19.90 0.96 -19.36
C THR C 190 -19.39 0.89 -20.80
N ARG C 191 -18.11 1.24 -20.97
CA ARG C 191 -17.49 1.15 -22.30
C ARG C 191 -17.36 -0.28 -22.80
N TYR C 192 -17.40 -1.27 -21.91
CA TYR C 192 -17.39 -2.67 -22.33
C TYR C 192 -18.77 -3.23 -22.58
N GLY C 193 -19.82 -2.45 -22.33
CA GLY C 193 -21.18 -2.87 -22.64
C GLY C 193 -21.92 -3.36 -21.41
N LYS C 194 -22.47 -4.57 -21.50
CA LYS C 194 -23.34 -5.12 -20.47
C LYS C 194 -22.50 -5.51 -19.26
N CYS C 195 -22.50 -4.66 -18.24
CA CYS C 195 -21.80 -4.94 -17.00
C CYS C 195 -22.78 -5.10 -15.84
N TYR C 196 -22.42 -5.97 -14.91
CA TYR C 196 -23.25 -6.31 -13.78
C TYR C 196 -22.61 -5.82 -12.49
N THR C 197 -23.42 -5.74 -11.44
CA THR C 197 -22.96 -5.19 -10.16
C THR C 197 -23.56 -6.01 -9.02
N PHE C 198 -22.73 -6.84 -8.40
CA PHE C 198 -23.12 -7.48 -7.15
C PHE C 198 -23.07 -6.45 -6.03
N ASN C 199 -24.04 -6.58 -5.11
CA ASN C 199 -24.18 -5.72 -3.92
C ASN C 199 -24.27 -4.24 -4.30
N ALA C 200 -25.21 -3.94 -5.21
CA ALA C 200 -25.33 -2.58 -5.73
C ALA C 200 -25.92 -1.62 -4.70
N GLY C 201 -26.84 -2.10 -3.87
CA GLY C 201 -27.45 -1.29 -2.83
C GLY C 201 -28.54 -0.34 -3.30
N GLN C 202 -28.76 -0.22 -4.61
CA GLN C 202 -29.81 0.63 -5.13
C GLN C 202 -31.11 -0.16 -5.25
N ASP C 203 -32.15 0.52 -5.75
CA ASP C 203 -33.51 -0.03 -5.92
C ASP C 203 -34.08 -0.56 -4.60
N GLY C 204 -33.78 0.12 -3.50
CA GLY C 204 -34.31 -0.24 -2.21
C GLY C 204 -33.67 -1.44 -1.54
N LYS C 205 -32.76 -2.14 -2.21
CA LYS C 205 -32.12 -3.29 -1.60
C LYS C 205 -31.08 -2.83 -0.59
N PRO C 206 -31.12 -3.31 0.66
CA PRO C 206 -30.10 -2.92 1.64
C PRO C 206 -28.77 -3.56 1.32
N ARG C 207 -27.70 -2.82 1.58
CA ARG C 207 -26.36 -3.30 1.32
C ARG C 207 -25.99 -4.39 2.30
N LEU C 208 -25.55 -5.53 1.78
CA LEU C 208 -25.25 -6.67 2.62
C LEU C 208 -23.95 -6.47 3.39
N ILE C 209 -23.80 -7.23 4.47
CA ILE C 209 -22.69 -7.04 5.40
C ILE C 209 -21.86 -8.31 5.47
N THR C 210 -20.80 -8.27 6.27
CA THR C 210 -20.01 -9.46 6.58
C THR C 210 -19.73 -9.47 8.07
N MET C 211 -19.57 -10.68 8.62
CA MET C 211 -19.34 -10.86 10.04
C MET C 211 -18.06 -11.62 10.34
N LYS C 212 -17.22 -11.87 9.33
CA LYS C 212 -15.96 -12.57 9.51
C LYS C 212 -15.06 -12.30 8.32
N GLY C 213 -13.78 -12.57 8.50
CA GLY C 213 -12.82 -12.52 7.41
C GLY C 213 -12.63 -13.89 6.78
N GLY C 214 -11.53 -14.01 6.03
CA GLY C 214 -11.19 -15.28 5.41
C GLY C 214 -11.84 -15.46 4.05
N THR C 215 -11.40 -16.53 3.37
CA THR C 215 -11.77 -16.75 1.98
C THR C 215 -13.21 -17.22 1.80
N GLY C 216 -13.87 -17.67 2.86
CA GLY C 216 -15.22 -18.21 2.72
C GLY C 216 -16.30 -17.23 3.12
N ASN C 217 -15.92 -16.16 3.82
CA ASN C 217 -16.88 -15.18 4.33
C ASN C 217 -16.93 -13.94 3.44
N GLY C 218 -16.80 -14.13 2.13
CA GLY C 218 -16.98 -13.06 1.19
C GLY C 218 -17.67 -13.57 -0.06
N LEU C 219 -17.56 -12.83 -1.15
CA LEU C 219 -18.10 -13.30 -2.42
C LEU C 219 -17.26 -14.47 -2.94
N GLU C 220 -17.92 -15.42 -3.58
CA GLU C 220 -17.23 -16.48 -4.31
C GLU C 220 -18.09 -16.81 -5.52
N ILE C 221 -17.74 -16.27 -6.66
CA ILE C 221 -18.45 -16.55 -7.90
C ILE C 221 -17.64 -17.55 -8.70
N MET C 222 -18.32 -18.24 -9.61
CA MET C 222 -17.67 -19.15 -10.56
C MET C 222 -18.28 -18.83 -11.91
N LEU C 223 -17.55 -18.07 -12.72
CA LEU C 223 -18.10 -17.58 -13.97
C LEU C 223 -17.80 -18.53 -15.11
N ASP C 224 -18.25 -18.15 -16.30
CA ASP C 224 -17.97 -18.89 -17.53
C ASP C 224 -17.91 -17.85 -18.63
N ILE C 225 -16.70 -17.55 -19.12
CA ILE C 225 -16.51 -16.37 -19.95
C ILE C 225 -16.98 -16.55 -21.38
N GLN C 226 -17.31 -17.78 -21.79
CA GLN C 226 -17.87 -18.13 -23.10
C GLN C 226 -16.92 -17.70 -24.23
N GLN C 227 -15.75 -18.34 -24.24
CA GLN C 227 -14.71 -18.03 -25.20
C GLN C 227 -15.08 -18.41 -26.64
N ASP C 228 -16.09 -19.27 -26.82
CA ASP C 228 -16.59 -19.54 -28.17
C ASP C 228 -17.46 -18.39 -28.66
N GLU C 229 -18.00 -17.58 -27.75
CA GLU C 229 -18.87 -16.46 -28.11
C GLU C 229 -18.12 -15.13 -28.19
N TYR C 230 -16.85 -15.15 -28.56
CA TYR C 230 -16.09 -13.93 -28.75
C TYR C 230 -16.06 -13.54 -30.22
N LEU C 231 -15.71 -12.29 -30.48
CA LEU C 231 -15.67 -11.78 -31.85
C LEU C 231 -14.42 -12.28 -32.55
N PRO C 232 -14.53 -13.06 -33.62
CA PRO C 232 -13.34 -13.60 -34.29
C PRO C 232 -12.61 -12.52 -35.07
N VAL C 233 -11.34 -12.32 -34.75
CA VAL C 233 -10.50 -11.31 -35.37
C VAL C 233 -9.90 -11.88 -36.64
N TRP C 234 -10.26 -11.29 -37.78
CA TRP C 234 -9.69 -11.67 -39.07
C TRP C 234 -8.83 -10.60 -39.70
N GLY C 235 -9.14 -9.33 -39.47
CA GLY C 235 -8.35 -8.23 -40.01
C GLY C 235 -7.75 -7.41 -38.88
N GLU C 236 -6.58 -6.82 -39.16
CA GLU C 236 -5.92 -5.97 -38.18
C GLU C 236 -6.70 -4.68 -38.00
N THR C 237 -7.35 -4.54 -36.84
CA THR C 237 -8.18 -3.39 -36.56
C THR C 237 -7.54 -2.55 -35.46
N ASP C 238 -8.18 -1.42 -35.15
CA ASP C 238 -7.64 -0.52 -34.13
C ASP C 238 -7.90 -1.07 -32.73
N GLU C 239 -9.08 -1.68 -32.52
CA GLU C 239 -9.49 -2.10 -31.19
C GLU C 239 -9.88 -3.58 -31.16
N THR C 240 -9.03 -4.44 -31.71
CA THR C 240 -9.24 -5.87 -31.56
C THR C 240 -8.89 -6.31 -30.14
N SER C 241 -9.67 -7.24 -29.60
CA SER C 241 -9.48 -7.74 -28.25
C SER C 241 -8.88 -9.14 -28.31
N PHE C 242 -7.56 -9.23 -28.06
CA PHE C 242 -6.89 -10.52 -28.08
C PHE C 242 -7.16 -11.32 -26.82
N GLU C 243 -7.28 -10.64 -25.68
CA GLU C 243 -7.29 -11.28 -24.38
C GLU C 243 -8.64 -11.92 -24.07
N ALA C 244 -8.62 -12.87 -23.15
CA ALA C 244 -9.81 -13.49 -22.60
C ALA C 244 -9.74 -13.43 -21.08
N GLY C 245 -10.89 -13.19 -20.46
CA GLY C 245 -10.92 -12.93 -19.03
C GLY C 245 -11.71 -11.68 -18.75
N ILE C 246 -12.06 -11.45 -17.49
CA ILE C 246 -12.97 -10.37 -17.12
C ILE C 246 -12.19 -9.25 -16.46
N LYS C 247 -12.87 -8.13 -16.23
CA LYS C 247 -12.30 -6.95 -15.58
C LYS C 247 -13.22 -6.53 -14.44
N VAL C 248 -12.62 -6.16 -13.31
CA VAL C 248 -13.36 -5.91 -12.07
C VAL C 248 -12.89 -4.60 -11.46
N GLN C 249 -13.83 -3.72 -11.11
CA GLN C 249 -13.54 -2.57 -10.28
C GLN C 249 -14.30 -2.68 -8.97
N ILE C 250 -13.57 -2.61 -7.86
CA ILE C 250 -14.18 -2.64 -6.53
C ILE C 250 -14.38 -1.20 -6.08
N HIS C 251 -15.57 -0.90 -5.57
CA HIS C 251 -15.91 0.45 -5.18
C HIS C 251 -17.03 0.40 -4.14
N SER C 252 -17.28 1.55 -3.52
CA SER C 252 -18.44 1.69 -2.66
C SER C 252 -19.71 1.79 -3.50
N GLN C 253 -20.86 1.63 -2.83
CA GLN C 253 -22.13 1.59 -3.54
C GLN C 253 -22.54 2.96 -4.08
N ASP C 254 -21.99 4.04 -3.54
CA ASP C 254 -22.37 5.38 -3.98
C ASP C 254 -21.77 5.70 -5.34
N GLU C 255 -20.49 5.40 -5.53
CA GLU C 255 -19.77 5.70 -6.75
C GLU C 255 -20.26 4.83 -7.91
N PRO C 256 -20.53 5.44 -9.06
CA PRO C 256 -20.93 4.67 -10.24
C PRO C 256 -19.75 3.87 -10.79
N PRO C 257 -20.00 2.80 -11.55
CA PRO C 257 -18.89 1.96 -12.03
C PRO C 257 -18.05 2.66 -13.10
N LEU C 258 -16.74 2.59 -12.92
CA LEU C 258 -15.74 3.10 -13.85
C LEU C 258 -14.73 2.02 -14.18
N ILE C 259 -15.25 0.85 -14.61
CA ILE C 259 -14.44 -0.33 -14.91
C ILE C 259 -13.39 -0.05 -15.99
N ASP C 260 -13.69 0.87 -16.91
CA ASP C 260 -12.74 1.22 -17.96
C ASP C 260 -11.48 1.87 -17.41
N GLN C 261 -11.59 2.59 -16.29
CA GLN C 261 -10.43 3.28 -15.71
C GLN C 261 -9.92 2.60 -14.44
N LEU C 262 -10.77 2.39 -13.45
CA LEU C 262 -10.35 1.97 -12.12
C LEU C 262 -10.49 0.47 -11.91
N GLY C 263 -10.33 -0.33 -12.96
CA GLY C 263 -10.63 -1.75 -12.91
C GLY C 263 -9.39 -2.62 -13.11
N PHE C 264 -9.26 -3.63 -12.26
CA PHE C 264 -8.29 -4.71 -12.46
C PHE C 264 -9.00 -5.90 -13.09
N GLY C 265 -8.21 -6.92 -13.45
CA GLY C 265 -8.73 -8.10 -14.10
C GLY C 265 -8.28 -9.38 -13.40
N VAL C 266 -8.98 -10.47 -13.74
CA VAL C 266 -8.60 -11.82 -13.32
C VAL C 266 -8.61 -12.71 -14.55
N ALA C 267 -7.88 -13.81 -14.50
CA ALA C 267 -7.72 -14.67 -15.65
C ALA C 267 -8.67 -15.86 -15.58
N PRO C 268 -8.93 -16.52 -16.71
CA PRO C 268 -9.62 -17.81 -16.66
C PRO C 268 -8.70 -18.95 -16.27
N GLY C 269 -9.28 -19.97 -15.65
CA GLY C 269 -8.51 -21.05 -15.11
C GLY C 269 -7.70 -20.70 -13.89
N PHE C 270 -8.02 -19.61 -13.20
CA PHE C 270 -7.21 -19.12 -12.09
C PHE C 270 -8.14 -18.57 -11.01
N GLN C 271 -8.33 -19.34 -9.94
CA GLN C 271 -9.11 -18.87 -8.81
C GLN C 271 -8.32 -17.81 -8.08
N THR C 272 -8.91 -16.62 -7.94
CA THR C 272 -8.15 -15.42 -7.64
C THR C 272 -8.73 -14.74 -6.41
N PHE C 273 -8.19 -15.07 -5.25
CA PHE C 273 -8.56 -14.36 -4.03
C PHE C 273 -8.09 -12.91 -4.12
N VAL C 274 -9.01 -11.99 -3.92
CA VAL C 274 -8.70 -10.56 -3.99
C VAL C 274 -9.03 -10.01 -2.60
N SER C 275 -8.01 -9.95 -1.75
CA SER C 275 -8.18 -9.55 -0.36
C SER C 275 -8.31 -8.03 -0.29
N CYS C 276 -9.44 -7.55 0.20
CA CYS C 276 -9.64 -6.12 0.34
C CYS C 276 -9.20 -5.64 1.72
N GLN C 277 -9.25 -4.33 1.91
CA GLN C 277 -9.02 -3.71 3.21
C GLN C 277 -9.75 -2.37 3.18
N GLU C 278 -10.83 -2.26 3.94
CA GLU C 278 -11.71 -1.11 3.87
C GLU C 278 -11.01 0.13 4.44
N GLN C 279 -11.03 1.21 3.67
CA GLN C 279 -10.44 2.48 4.10
C GLN C 279 -11.52 3.55 4.10
N ARG C 280 -11.51 4.39 5.12
CA ARG C 280 -12.45 5.50 5.26
C ARG C 280 -11.67 6.81 5.30
N LEU C 281 -11.44 7.38 4.12
CA LEU C 281 -10.60 8.56 4.02
C LEU C 281 -11.40 9.83 4.28
N ILE C 282 -10.81 10.74 5.04
CA ILE C 282 -11.44 12.02 5.38
C ILE C 282 -10.43 13.12 5.10
N TYR C 283 -10.76 14.02 4.18
CA TYR C 283 -9.92 15.16 3.87
C TYR C 283 -10.48 16.41 4.56
N LEU C 284 -9.94 17.56 4.19
CA LEU C 284 -10.39 18.80 4.80
C LEU C 284 -10.93 19.77 3.74
N PRO C 285 -11.90 20.60 4.10
CA PRO C 285 -12.40 21.61 3.17
C PRO C 285 -11.39 22.74 2.99
N PRO C 286 -11.54 23.56 1.95
CA PRO C 286 -10.70 24.75 1.84
C PRO C 286 -10.97 25.70 2.99
N PRO C 287 -9.97 26.49 3.40
CA PRO C 287 -8.62 26.62 2.83
C PRO C 287 -7.58 25.67 3.39
N TRP C 288 -7.99 24.68 4.18
CA TRP C 288 -7.03 23.71 4.72
C TRP C 288 -6.59 22.75 3.64
N GLY C 289 -7.52 21.97 3.11
CA GLY C 289 -7.27 21.05 2.02
C GLY C 289 -8.16 21.36 0.83
N ASP C 290 -8.38 20.34 0.01
CA ASP C 290 -9.20 20.46 -1.19
C ASP C 290 -10.25 19.35 -1.17
N CYS C 291 -11.48 19.67 -0.77
CA CYS C 291 -12.58 18.73 -0.92
C CYS C 291 -13.82 19.49 -1.33
N LYS C 292 -14.77 18.76 -1.90
CA LYS C 292 -16.12 19.26 -2.08
C LYS C 292 -16.73 19.40 -0.69
N ALA C 293 -16.87 20.65 -0.24
CA ALA C 293 -17.24 20.91 1.15
C ALA C 293 -18.68 20.53 1.43
N THR C 294 -19.59 20.97 0.57
CA THR C 294 -21.00 20.62 0.71
C THR C 294 -21.26 19.25 0.10
N THR C 295 -22.52 18.85 0.03
CA THR C 295 -22.87 17.58 -0.60
C THR C 295 -22.69 17.65 -2.11
N GLY C 296 -23.30 18.64 -2.76
CA GLY C 296 -23.18 18.81 -4.18
C GLY C 296 -23.90 17.73 -4.97
N ASP C 297 -25.22 17.73 -4.91
CA ASP C 297 -26.03 16.73 -5.60
C ASP C 297 -25.96 16.96 -7.10
N SER C 298 -25.41 15.98 -7.82
CA SER C 298 -25.28 16.07 -9.26
C SER C 298 -26.64 15.92 -9.95
N GLU C 299 -26.67 16.28 -11.23
CA GLU C 299 -27.94 16.33 -11.96
C GLU C 299 -28.47 14.95 -12.32
N PHE C 300 -27.60 13.95 -12.48
CA PHE C 300 -28.03 12.62 -12.89
C PHE C 300 -27.62 11.52 -11.92
N TYR C 301 -27.03 11.87 -10.79
CA TYR C 301 -26.75 10.91 -9.73
C TYR C 301 -27.15 11.52 -8.40
N ASP C 302 -27.75 10.71 -7.52
CA ASP C 302 -28.29 11.23 -6.28
C ASP C 302 -27.20 11.60 -5.28
N THR C 303 -26.03 10.98 -5.39
CA THR C 303 -24.90 11.28 -4.52
C THR C 303 -23.72 11.78 -5.33
N TYR C 304 -22.75 12.35 -4.63
CA TYR C 304 -21.56 12.91 -5.27
C TYR C 304 -20.35 12.02 -4.98
N SER C 305 -19.50 11.87 -5.99
CA SER C 305 -18.22 11.19 -5.83
C SER C 305 -17.27 11.74 -6.89
N ILE C 306 -16.08 11.14 -6.96
CA ILE C 306 -15.11 11.61 -7.94
C ILE C 306 -15.47 11.11 -9.33
N THR C 307 -16.16 9.97 -9.43
CA THR C 307 -16.57 9.43 -10.72
C THR C 307 -17.91 9.98 -11.19
N ALA C 308 -18.87 10.17 -10.26
CA ALA C 308 -20.19 10.68 -10.63
C ALA C 308 -20.12 12.11 -11.14
N CYS C 309 -19.10 12.87 -10.71
CA CYS C 309 -18.86 14.17 -11.32
C CYS C 309 -18.31 14.02 -12.74
N ARG C 310 -17.47 13.01 -12.97
CA ARG C 310 -16.77 12.88 -14.24
C ARG C 310 -17.71 12.43 -15.35
N ILE C 311 -18.66 11.55 -15.04
CA ILE C 311 -19.64 11.18 -16.05
C ILE C 311 -20.64 12.30 -16.26
N ASP C 312 -20.95 13.06 -15.21
CA ASP C 312 -21.79 14.25 -15.36
C ASP C 312 -21.03 15.36 -16.08
N CYS C 313 -19.69 15.35 -16.00
CA CYS C 313 -18.89 16.26 -16.81
C CYS C 313 -18.96 15.91 -18.29
N GLU C 314 -19.14 14.63 -18.60
CA GLU C 314 -19.20 14.19 -20.00
C GLU C 314 -20.62 14.15 -20.54
N THR C 315 -21.62 13.96 -19.68
CA THR C 315 -23.00 13.87 -20.14
C THR C 315 -23.51 15.23 -20.61
N ARG C 316 -23.29 16.28 -19.82
CA ARG C 316 -23.67 17.62 -20.21
C ARG C 316 -22.87 18.15 -21.40
N TYR C 317 -21.69 17.61 -21.65
CA TYR C 317 -20.90 18.01 -22.81
C TYR C 317 -21.50 17.45 -24.09
N LEU C 318 -21.76 16.14 -24.14
CA LEU C 318 -22.24 15.52 -25.36
C LEU C 318 -23.70 15.83 -25.66
N VAL C 319 -24.47 16.28 -24.67
CA VAL C 319 -25.79 16.80 -24.97
C VAL C 319 -25.69 18.19 -25.60
N GLU C 320 -24.82 19.04 -25.05
CA GLU C 320 -24.64 20.39 -25.60
C GLU C 320 -23.84 20.40 -26.90
N ASN C 321 -23.16 19.31 -27.24
CA ASN C 321 -22.34 19.28 -28.45
C ASN C 321 -22.87 18.33 -29.52
N CYS C 322 -23.62 17.29 -29.15
CA CYS C 322 -24.11 16.32 -30.12
C CYS C 322 -25.58 15.95 -29.97
N ASN C 323 -26.30 16.58 -29.03
CA ASN C 323 -27.75 16.47 -28.85
C ASN C 323 -28.21 15.06 -28.52
N CYS C 324 -27.33 14.24 -27.93
CA CYS C 324 -27.67 12.89 -27.52
C CYS C 324 -26.68 12.46 -26.44
N ARG C 325 -26.79 11.20 -26.02
CA ARG C 325 -25.90 10.64 -25.02
C ARG C 325 -25.46 9.25 -25.45
N MET C 326 -24.31 8.83 -24.96
CA MET C 326 -23.80 7.50 -25.23
C MET C 326 -24.55 6.46 -24.40
N VAL C 327 -24.25 5.19 -24.68
CA VAL C 327 -24.93 4.09 -23.99
C VAL C 327 -24.45 3.95 -22.54
N HIS C 328 -23.26 4.44 -22.22
CA HIS C 328 -22.72 4.38 -20.87
C HIS C 328 -23.00 5.66 -20.08
N MET C 329 -24.08 6.35 -20.40
CA MET C 329 -24.34 7.66 -19.82
C MET C 329 -25.67 7.67 -19.06
N PRO C 330 -25.77 8.45 -17.99
CA PRO C 330 -27.05 8.58 -17.29
C PRO C 330 -27.96 9.61 -17.94
N GLY C 331 -29.12 9.85 -17.33
CA GLY C 331 -30.05 10.83 -17.83
C GLY C 331 -31.23 10.21 -18.58
N ASP C 332 -31.84 11.04 -19.42
CA ASP C 332 -33.01 10.63 -20.19
C ASP C 332 -32.93 11.06 -21.65
N ALA C 333 -31.76 11.50 -22.11
CA ALA C 333 -31.59 11.86 -23.51
C ALA C 333 -31.61 10.61 -24.38
N PRO C 334 -32.07 10.71 -25.62
CA PRO C 334 -32.04 9.54 -26.51
C PRO C 334 -30.61 9.18 -26.91
N TYR C 335 -30.42 7.90 -27.19
CA TYR C 335 -29.08 7.37 -27.44
C TYR C 335 -28.67 7.61 -28.88
N CYS C 336 -27.39 7.92 -29.07
CA CYS C 336 -26.87 8.27 -30.39
C CYS C 336 -26.75 7.05 -31.29
N THR C 337 -27.24 7.17 -32.51
CA THR C 337 -27.03 6.16 -33.53
C THR C 337 -25.55 6.11 -33.93
N PRO C 338 -25.12 5.02 -34.57
CA PRO C 338 -23.77 5.00 -35.15
C PRO C 338 -23.52 6.04 -36.24
N GLU C 339 -24.58 6.61 -36.83
CA GLU C 339 -24.41 7.79 -37.67
C GLU C 339 -23.92 8.98 -36.86
N GLN C 340 -24.40 9.11 -35.61
CA GLN C 340 -23.92 10.15 -34.72
C GLN C 340 -22.61 9.77 -34.03
N TYR C 341 -22.26 8.49 -34.02
CA TYR C 341 -21.02 8.05 -33.39
C TYR C 341 -19.81 8.37 -34.27
N LYS C 342 -19.88 8.02 -35.55
CA LYS C 342 -18.73 8.19 -36.43
C LYS C 342 -18.54 9.64 -36.88
N GLU C 343 -19.53 10.50 -36.67
CA GLU C 343 -19.47 11.87 -37.15
C GLU C 343 -19.46 12.91 -36.04
N CYS C 344 -20.11 12.64 -34.90
CA CYS C 344 -20.20 13.62 -33.82
C CYS C 344 -19.57 13.14 -32.53
N ALA C 345 -19.90 11.93 -32.07
CA ALA C 345 -19.60 11.53 -30.70
C ALA C 345 -18.12 11.27 -30.49
N ASP C 346 -17.52 10.44 -31.35
CA ASP C 346 -16.09 10.14 -31.25
C ASP C 346 -15.20 11.37 -31.48
N PRO C 347 -15.44 12.27 -32.45
CA PRO C 347 -14.62 13.51 -32.49
C PRO C 347 -14.85 14.47 -31.33
N ALA C 348 -15.91 14.30 -30.54
CA ALA C 348 -16.14 15.19 -29.40
C ALA C 348 -15.56 14.67 -28.10
N LEU C 349 -15.08 13.42 -28.06
CA LEU C 349 -14.38 12.94 -26.87
C LEU C 349 -12.98 13.52 -26.80
N ASP C 350 -12.19 13.33 -27.86
CA ASP C 350 -10.81 13.82 -27.88
C ASP C 350 -10.74 15.34 -27.99
N PHE C 351 -11.81 16.00 -28.42
CA PHE C 351 -11.85 17.46 -28.38
C PHE C 351 -12.01 17.99 -26.96
N LEU C 352 -12.49 17.16 -26.03
CA LEU C 352 -12.57 17.53 -24.62
C LEU C 352 -11.45 16.93 -23.79
N VAL C 353 -11.01 15.71 -24.13
CA VAL C 353 -10.01 15.03 -23.31
C VAL C 353 -8.62 15.63 -23.55
N GLU C 354 -8.31 15.98 -24.80
CA GLU C 354 -6.99 16.50 -25.13
C GLU C 354 -6.93 18.02 -25.11
N LYS C 355 -7.91 18.68 -25.72
CA LYS C 355 -7.86 20.13 -25.87
C LYS C 355 -8.43 20.85 -24.64
N ASP C 356 -9.70 20.59 -24.32
CA ASP C 356 -10.41 21.32 -23.28
C ASP C 356 -10.44 20.56 -21.96
N ASN C 357 -9.34 19.89 -21.60
CA ASN C 357 -9.29 19.14 -20.36
C ASN C 357 -9.27 20.06 -19.14
N GLU C 358 -8.77 21.28 -19.29
CA GLU C 358 -8.70 22.24 -18.19
C GLU C 358 -10.01 22.99 -17.98
N TYR C 359 -11.02 22.75 -18.81
CA TYR C 359 -12.30 23.42 -18.64
C TYR C 359 -13.14 22.73 -17.58
N CYS C 360 -12.88 21.45 -17.33
CA CYS C 360 -13.66 20.64 -16.39
C CYS C 360 -12.72 19.97 -15.42
N VAL C 361 -13.00 20.11 -14.12
CA VAL C 361 -12.21 19.52 -13.06
C VAL C 361 -13.17 19.11 -11.94
N CYS C 362 -12.98 17.91 -11.40
CA CYS C 362 -13.85 17.37 -10.36
C CYS C 362 -13.11 17.40 -9.03
N GLU C 363 -13.70 18.08 -8.04
CA GLU C 363 -13.15 18.12 -6.69
C GLU C 363 -13.67 16.92 -5.92
N MET C 364 -12.76 16.04 -5.52
CA MET C 364 -13.12 14.84 -4.78
C MET C 364 -13.65 15.22 -3.39
N PRO C 365 -14.79 14.67 -2.96
CA PRO C 365 -15.31 15.02 -1.64
C PRO C 365 -14.45 14.44 -0.52
N CYS C 366 -14.63 15.01 0.66
CA CYS C 366 -13.81 14.68 1.81
C CYS C 366 -14.49 13.75 2.81
N ASN C 367 -15.49 12.99 2.37
CA ASN C 367 -15.95 11.79 3.06
C ASN C 367 -16.01 10.67 2.03
N VAL C 368 -14.87 10.01 1.80
CA VAL C 368 -14.76 9.00 0.75
C VAL C 368 -14.30 7.70 1.38
N THR C 369 -14.96 6.61 0.99
CA THR C 369 -14.58 5.27 1.43
C THR C 369 -14.01 4.51 0.25
N ARG C 370 -12.78 4.02 0.40
CA ARG C 370 -12.10 3.28 -0.65
C ARG C 370 -11.84 1.85 -0.18
N TYR C 371 -11.40 1.02 -1.12
CA TYR C 371 -11.08 -0.38 -0.85
C TYR C 371 -9.82 -0.74 -1.60
N GLY C 372 -8.75 -1.03 -0.86
CA GLY C 372 -7.55 -1.57 -1.47
C GLY C 372 -7.76 -3.02 -1.89
N LYS C 373 -6.74 -3.58 -2.54
CA LYS C 373 -6.84 -4.95 -3.02
C LYS C 373 -5.46 -5.58 -3.07
N GLU C 374 -5.37 -6.84 -2.64
CA GLU C 374 -4.13 -7.60 -2.61
C GLU C 374 -4.37 -8.91 -3.35
N LEU C 375 -3.82 -9.01 -4.56
CA LEU C 375 -4.13 -10.13 -5.44
C LEU C 375 -3.40 -11.40 -5.02
N SER C 376 -3.98 -12.55 -5.36
CA SER C 376 -3.38 -13.86 -5.16
C SER C 376 -4.08 -14.91 -6.01
N MET C 377 -3.34 -15.60 -6.88
CA MET C 377 -3.93 -16.53 -7.82
C MET C 377 -3.66 -17.97 -7.41
N VAL C 378 -4.69 -18.81 -7.51
CA VAL C 378 -4.59 -20.25 -7.31
C VAL C 378 -5.20 -20.93 -8.53
N LYS C 379 -4.51 -21.92 -9.08
CA LYS C 379 -4.95 -22.55 -10.32
C LYS C 379 -6.15 -23.46 -10.09
N ILE C 380 -7.16 -23.33 -10.95
CA ILE C 380 -8.36 -24.16 -10.94
C ILE C 380 -8.49 -24.74 -12.35
N PRO C 381 -8.85 -26.03 -12.51
CA PRO C 381 -9.11 -27.09 -11.53
C PRO C 381 -7.97 -28.05 -11.29
N SER C 382 -8.03 -28.72 -10.15
CA SER C 382 -7.18 -29.88 -9.93
C SER C 382 -7.64 -31.04 -10.81
N LYS C 383 -6.75 -32.02 -11.00
CA LYS C 383 -7.13 -33.21 -11.76
C LYS C 383 -8.15 -34.05 -11.02
N ALA C 384 -8.20 -33.92 -9.69
CA ALA C 384 -9.20 -34.65 -8.90
C ALA C 384 -10.61 -34.13 -9.15
N SER C 385 -10.74 -32.85 -9.51
CA SER C 385 -12.04 -32.26 -9.84
C SER C 385 -12.12 -31.88 -11.32
N ALA C 386 -11.25 -32.45 -12.16
CA ALA C 386 -11.25 -32.12 -13.57
C ALA C 386 -12.42 -32.77 -14.30
N LYS C 387 -12.57 -34.09 -14.16
CA LYS C 387 -13.65 -34.80 -14.82
C LYS C 387 -15.00 -34.52 -14.20
N TYR C 388 -15.03 -34.01 -12.96
CA TYR C 388 -16.31 -33.69 -12.33
C TYR C 388 -16.90 -32.42 -12.92
N LEU C 389 -16.08 -31.38 -13.10
CA LEU C 389 -16.56 -30.12 -13.66
C LEU C 389 -16.91 -30.21 -15.13
N ALA C 390 -16.43 -31.26 -15.83
CA ALA C 390 -16.76 -31.40 -17.24
C ALA C 390 -18.21 -31.82 -17.43
N LYS C 391 -18.64 -32.87 -16.74
CA LYS C 391 -19.99 -33.40 -16.91
C LYS C 391 -21.04 -32.58 -16.17
N LYS C 392 -20.69 -31.99 -15.02
CA LYS C 392 -21.66 -31.30 -14.18
C LYS C 392 -22.21 -30.02 -14.82
N TYR C 393 -21.57 -29.53 -15.87
CA TYR C 393 -22.11 -28.40 -16.63
C TYR C 393 -22.07 -28.66 -18.14
N ASN C 394 -21.90 -29.94 -18.52
CA ASN C 394 -21.94 -30.43 -19.91
C ASN C 394 -20.89 -29.73 -20.78
N LYS C 395 -19.65 -29.76 -20.32
CA LYS C 395 -18.56 -29.07 -21.01
C LYS C 395 -17.43 -30.05 -21.28
N SER C 396 -16.64 -29.74 -22.30
CA SER C 396 -15.45 -30.54 -22.59
C SER C 396 -14.35 -30.22 -21.60
N GLU C 397 -13.36 -31.12 -21.53
CA GLU C 397 -12.25 -30.92 -20.61
C GLU C 397 -11.32 -29.81 -21.08
N GLN C 398 -11.19 -29.64 -22.40
CA GLN C 398 -10.44 -28.50 -22.93
C GLN C 398 -11.19 -27.19 -22.70
N TYR C 399 -12.52 -27.26 -22.59
CA TYR C 399 -13.31 -26.06 -22.34
C TYR C 399 -13.09 -25.55 -20.91
N ILE C 400 -12.86 -26.46 -19.97
CA ILE C 400 -12.89 -26.10 -18.55
C ILE C 400 -11.69 -25.25 -18.18
N GLY C 401 -10.52 -25.56 -18.73
CA GLY C 401 -9.30 -24.86 -18.35
C GLY C 401 -9.22 -23.43 -18.86
N GLU C 402 -9.92 -23.13 -19.95
CA GLU C 402 -9.81 -21.81 -20.58
C GLU C 402 -11.12 -21.02 -20.55
N ASN C 403 -12.13 -21.48 -19.81
CA ASN C 403 -13.37 -20.72 -19.72
C ASN C 403 -13.77 -20.49 -18.28
N ILE C 404 -13.46 -21.44 -17.41
CA ILE C 404 -13.97 -21.44 -16.04
C ILE C 404 -12.97 -20.73 -15.14
N LEU C 405 -13.43 -19.66 -14.49
CA LEU C 405 -12.64 -18.99 -13.47
C LEU C 405 -13.47 -18.86 -12.21
N VAL C 406 -12.81 -18.47 -11.13
CA VAL C 406 -13.45 -18.21 -9.85
C VAL C 406 -12.84 -16.94 -9.29
N LEU C 407 -13.68 -16.00 -8.88
CA LEU C 407 -13.22 -14.82 -8.19
C LEU C 407 -13.69 -14.87 -6.75
N ASP C 408 -12.94 -14.24 -5.86
CA ASP C 408 -13.20 -14.36 -4.42
C ASP C 408 -12.72 -13.06 -3.78
N ILE C 409 -13.68 -12.21 -3.44
CA ILE C 409 -13.41 -10.94 -2.78
C ILE C 409 -13.91 -11.02 -1.35
N PHE C 410 -13.04 -10.71 -0.39
CA PHE C 410 -13.40 -10.73 1.02
C PHE C 410 -12.60 -9.65 1.74
N PHE C 411 -12.64 -9.71 3.07
CA PHE C 411 -11.82 -8.86 3.92
C PHE C 411 -10.87 -9.73 4.72
N GLU C 412 -9.71 -9.15 5.08
CA GLU C 412 -8.75 -9.87 5.90
C GLU C 412 -9.28 -10.04 7.32
N ALA C 413 -9.51 -8.92 8.00
CA ALA C 413 -10.12 -8.94 9.32
C ALA C 413 -11.21 -7.89 9.37
N LEU C 414 -12.02 -7.94 10.43
CA LEU C 414 -13.11 -6.98 10.60
C LEU C 414 -12.54 -5.71 11.24
N ASN C 415 -11.84 -4.94 10.42
CA ASN C 415 -11.28 -3.67 10.84
C ASN C 415 -11.10 -2.79 9.61
N TYR C 416 -11.24 -1.49 9.81
CA TYR C 416 -11.03 -0.55 8.72
C TYR C 416 -10.03 0.50 9.14
N GLU C 417 -9.08 0.77 8.26
CA GLU C 417 -8.16 1.88 8.47
C GLU C 417 -8.83 3.19 8.12
N THR C 418 -8.52 4.24 8.86
CA THR C 418 -8.99 5.57 8.54
C THR C 418 -7.81 6.49 8.30
N ILE C 419 -7.91 7.33 7.29
CA ILE C 419 -6.88 8.30 6.95
C ILE C 419 -7.57 9.67 7.02
N GLU C 420 -7.53 10.30 8.18
CA GLU C 420 -8.17 11.59 8.36
C GLU C 420 -7.13 12.66 8.62
N GLN C 421 -7.41 13.87 8.16
CA GLN C 421 -6.46 14.98 8.20
C GLN C 421 -6.87 15.95 9.31
N LYS C 422 -6.04 16.04 10.33
CA LYS C 422 -6.25 16.99 11.42
C LYS C 422 -5.64 18.34 11.05
N LYS C 423 -6.38 19.41 11.35
CA LYS C 423 -5.83 20.75 11.21
C LYS C 423 -4.73 20.95 12.23
N ALA C 424 -3.50 21.15 11.74
CA ALA C 424 -2.33 21.14 12.61
C ALA C 424 -2.19 22.42 13.43
N TYR C 425 -2.86 23.50 13.04
CA TYR C 425 -2.65 24.79 13.71
C TYR C 425 -3.93 25.60 13.58
N GLU C 426 -4.73 25.62 14.63
CA GLU C 426 -5.96 26.39 14.64
C GLU C 426 -5.69 27.78 15.20
N VAL C 427 -6.76 28.59 15.32
CA VAL C 427 -6.61 29.94 15.84
C VAL C 427 -6.38 29.93 17.35
N ALA C 428 -6.82 28.87 18.05
CA ALA C 428 -6.53 28.75 19.46
C ALA C 428 -5.09 28.34 19.73
N GLY C 429 -4.45 27.68 18.77
CA GLY C 429 -3.03 27.43 18.86
C GLY C 429 -2.17 28.59 18.41
N LEU C 430 -2.73 29.49 17.61
CA LEU C 430 -2.01 30.70 17.24
C LEU C 430 -1.97 31.69 18.40
N LEU C 431 -3.10 31.86 19.10
CA LEU C 431 -3.15 32.77 20.25
C LEU C 431 -2.30 32.26 21.40
N GLY C 432 -2.15 30.94 21.52
CA GLY C 432 -1.24 30.39 22.52
C GLY C 432 0.22 30.55 22.17
N ASP C 433 0.53 30.81 20.91
CA ASP C 433 1.91 31.02 20.48
C ASP C 433 2.15 32.41 19.92
N ILE C 434 1.24 33.36 20.14
CA ILE C 434 1.55 34.77 19.97
C ILE C 434 1.88 35.30 21.35
N GLY C 435 0.94 35.21 22.27
CA GLY C 435 1.18 35.61 23.64
C GLY C 435 2.07 34.67 24.41
N GLY C 436 2.30 33.47 23.89
CA GLY C 436 3.32 32.61 24.47
C GLY C 436 4.71 33.16 24.28
N GLN C 437 4.92 33.92 23.22
CA GLN C 437 6.19 34.62 23.04
C GLN C 437 6.07 36.14 23.20
N MET C 438 4.86 36.68 23.21
CA MET C 438 4.69 38.08 23.56
C MET C 438 4.92 38.28 25.06
N GLY C 439 4.42 37.37 25.88
CA GLY C 439 4.70 37.41 27.30
C GLY C 439 6.13 37.04 27.66
N LEU C 440 6.80 36.29 26.80
CA LEU C 440 8.18 35.89 27.07
C LEU C 440 9.16 37.03 26.79
N PHE C 441 8.91 37.82 25.75
CA PHE C 441 9.89 38.80 25.29
C PHE C 441 9.68 40.18 25.87
N ILE C 442 8.45 40.69 25.85
CA ILE C 442 8.16 42.01 26.41
C ILE C 442 7.13 41.95 27.52
N GLY C 443 6.41 40.84 27.69
CA GLY C 443 5.46 40.71 28.76
C GLY C 443 4.15 41.45 28.56
N ALA C 444 3.89 41.95 27.36
CA ALA C 444 2.69 42.73 27.10
C ALA C 444 1.49 41.81 26.88
N SER C 445 0.38 42.41 26.48
CA SER C 445 -0.86 41.70 26.24
C SER C 445 -1.62 42.46 25.16
N ILE C 446 -2.90 42.13 24.98
CA ILE C 446 -3.74 42.96 24.14
C ILE C 446 -4.15 44.23 24.88
N LEU C 447 -4.16 44.20 26.21
CA LEU C 447 -4.53 45.38 26.98
C LEU C 447 -3.37 46.35 27.12
N THR C 448 -2.13 45.84 27.16
CA THR C 448 -0.96 46.72 27.23
C THR C 448 -0.80 47.51 25.95
N VAL C 449 -1.10 46.88 24.80
CA VAL C 449 -1.15 47.59 23.53
C VAL C 449 -2.26 48.64 23.55
N LEU C 450 -3.39 48.32 24.20
CA LEU C 450 -4.42 49.32 24.40
C LEU C 450 -4.02 50.32 25.48
N GLU C 451 -3.15 49.92 26.41
CA GLU C 451 -2.66 50.84 27.42
C GLU C 451 -1.69 51.86 26.83
N LEU C 452 -0.79 51.41 25.94
CA LEU C 452 0.12 52.33 25.27
C LEU C 452 -0.64 53.27 24.34
N PHE C 453 -1.76 52.80 23.78
CA PHE C 453 -2.61 53.69 22.99
C PHE C 453 -3.35 54.68 23.89
N ASP C 454 -3.64 54.30 25.13
CA ASP C 454 -4.35 55.18 26.04
C ASP C 454 -3.45 56.24 26.66
N TYR C 455 -2.13 56.05 26.66
CA TYR C 455 -1.24 57.12 27.08
C TYR C 455 -0.92 58.05 25.93
N ALA C 456 -0.71 57.49 24.73
CA ALA C 456 -0.42 58.30 23.55
C ALA C 456 -1.63 59.12 23.11
N TYR C 457 -2.84 58.70 23.46
CA TYR C 457 -4.02 59.51 23.20
C TYR C 457 -4.06 60.76 24.06
N GLU C 458 -3.41 60.70 25.24
CA GLU C 458 -3.38 61.86 26.13
C GLU C 458 -2.25 62.83 25.76
N VAL C 459 -1.15 62.30 25.21
CA VAL C 459 0.00 63.12 24.88
C VAL C 459 -0.30 64.04 23.70
N ILE C 460 -1.02 63.55 22.70
CA ILE C 460 -1.31 64.32 21.50
C ILE C 460 -2.30 65.46 21.74
N LYS C 461 -3.04 65.43 22.85
CA LYS C 461 -3.94 66.52 23.19
C LYS C 461 -3.26 67.61 24.01
N HIS C 462 -2.08 67.35 24.55
CA HIS C 462 -1.35 68.34 25.32
C HIS C 462 -0.23 68.95 24.48
C1 NAG D . 7.53 -18.85 -41.79
C2 NAG D . 8.33 -18.43 -43.02
C3 NAG D . 8.72 -19.66 -43.84
C4 NAG D . 9.45 -20.68 -42.97
C5 NAG D . 8.60 -21.02 -41.75
C6 NAG D . 9.31 -21.93 -40.78
C7 NAG D . 7.74 -16.16 -43.76
C8 NAG D . 6.88 -15.34 -44.68
N2 NAG D . 7.58 -17.50 -43.83
O3 NAG D . 9.56 -19.26 -44.92
O4 NAG D . 9.69 -21.87 -43.72
O5 NAG D . 8.28 -19.82 -41.03
O6 NAG D . 8.43 -22.40 -39.76
O7 NAG D . 8.55 -15.65 -43.00
C1 NAG E . 12.69 19.69 -3.43
C2 NAG E . 13.70 20.80 -3.71
C3 NAG E . 13.14 22.15 -3.23
C4 NAG E . 11.76 22.42 -3.84
C5 NAG E . 10.83 21.23 -3.56
C6 NAG E . 9.50 21.37 -4.25
C7 NAG E . 15.99 19.95 -3.71
C8 NAG E . 17.24 19.73 -2.91
N2 NAG E . 14.97 20.53 -3.08
O3 NAG E . 14.04 23.19 -3.61
O4 NAG E . 11.20 23.59 -3.27
O5 NAG E . 11.42 20.02 -4.05
O6 NAG E . 8.73 20.16 -4.15
O7 NAG E . 15.91 19.60 -4.89
C1 NAG F . 10.48 -43.65 -12.10
C2 NAG F . 11.10 -44.84 -11.37
C3 NAG F . 10.66 -46.15 -12.02
C4 NAG F . 9.14 -46.22 -12.11
C5 NAG F . 8.60 -44.99 -12.81
C6 NAG F . 7.09 -44.94 -12.83
C7 NAG F . 13.25 -44.25 -10.32
C8 NAG F . 14.74 -44.22 -10.47
N2 NAG F . 12.56 -44.74 -11.35
O3 NAG F . 11.17 -47.25 -11.27
O4 NAG F . 8.76 -47.39 -12.83
O5 NAG F . 9.05 -43.81 -12.14
O6 NAG F . 6.61 -43.90 -13.67
O7 NAG F . 12.69 -43.84 -9.30
C1 NAG G . 7.91 -1.28 22.28
C2 NAG G . 8.27 -1.56 23.73
C3 NAG G . 9.07 -0.40 24.32
C4 NAG G . 10.28 -0.09 23.45
C5 NAG G . 9.85 0.12 21.99
C6 NAG G . 11.02 0.30 21.05
C7 NAG G . 6.61 -3.03 24.80
C8 NAG G . 5.36 -3.09 25.62
N2 NAG G . 7.08 -1.80 24.53
O3 NAG G . 9.50 -0.73 25.64
O4 NAG G . 10.93 1.09 23.91
O5 NAG G . 9.11 -1.02 21.53
O6 NAG G . 10.59 0.28 19.69
O7 NAG G . 7.16 -4.04 24.37
C1 NAG H . -24.49 -31.46 -23.90
C2 NAG H . -25.98 -31.65 -24.20
C3 NAG H . -26.16 -32.45 -25.48
C4 NAG H . -25.39 -31.81 -26.64
C5 NAG H . -23.93 -31.62 -26.25
C6 NAG H . -23.13 -30.87 -27.30
C7 NAG H . -27.33 -31.65 -22.14
C8 NAG H . -27.96 -32.49 -21.08
N2 NAG H . -26.65 -32.31 -23.08
O3 NAG H . -27.54 -32.53 -25.81
O4 NAG H . -25.46 -32.63 -27.79
O5 NAG H . -23.84 -30.85 -25.04
O6 NAG H . -21.75 -30.89 -27.00
O7 NAG H . -27.43 -30.42 -22.16
C1 NAG I . -18.43 13.06 7.15
C2 NAG I . -19.67 13.92 7.37
C3 NAG I . -19.72 14.43 8.81
C4 NAG I . -19.60 13.27 9.80
C5 NAG I . -18.36 12.43 9.49
C6 NAG I . -18.25 11.20 10.34
C7 NAG I . -20.40 14.99 5.28
C8 NAG I . -20.32 16.23 4.43
N2 NAG I . -19.72 15.04 6.44
O3 NAG I . -20.94 15.13 9.03
O4 NAG I . -19.49 13.78 11.13
O5 NAG I . -18.41 11.99 8.11
O6 NAG I . -17.22 10.34 9.88
O7 NAG I . -21.03 14.00 4.94
#